data_5XJO
#
_entry.id   5XJO
#
_cell.length_a   66.110
_cell.length_b   66.147
_cell.length_c   143.485
_cell.angle_alpha   97.61
_cell.angle_beta   102.47
_cell.angle_gamma   93.68
#
_symmetry.space_group_name_H-M   'P 1'
#
loop_
_entity.id
_entity.type
_entity.pdbx_description
1 polymer 'LRR receptor-like serine/threonine-protein kinase ERL1'
2 polymer 'Protein EPIDERMAL PATTERNING FACTOR 1'
3 polymer 'Protein TOO MANY MOUTHS'
#
loop_
_entity_poly.entity_id
_entity_poly.type
_entity_poly.pdbx_seq_one_letter_code
_entity_poly.pdbx_strand_id
1 'polypeptide(L)'
;NEGKALMAIKGSFSNLVNMLLDWDDVHNSDLCSWRGVFCDNVSYSVVSLNLSSLNLGGEISPAIGDLRNLQSIDLQGNKL
AGQIPDEIGNCASLVYLDLSENLLYGDIPFSISKLKQLETLNLKNNQLTGPVPATLTQIPNLKRLDLAGNHLTGEISRLL
YWNEVLQYLGLRGNMLTGTLSSDMCQLTGLWYFDVRGNNLTGTIPESIGNCTSFQILDISYNQITGEIPYNIGFLQVATL
SLQGNRLTGRIPEVIGLMQALAVLDLSDNELVGPIPPILGNLSFTGKLYLHGNMLTGPIPSELGNMSRLSYLQLNDNKLV
GTIPPELGKLEQLFELNLANNRLVGPIPSNISSCAALNQFNVHGNLLSGSIPLAFRNLGSLTYLNLSSNNFKGKIPVELG
HIINLDKLDLSGNNFSGSIPLTLGDLEHLLILNLSRNHLSGQLPAEFGNLRSIQMIDVSFNLLSGVIPTELGQLQNLNSL
ILNNNKLHGKIPDQLTNCFTLVNLNVSFNNLSGIVPPMANFSRFAPASFVGNPYLCGNW
;
A,B
2 'polypeptide(L)' AGSRLPDCSHACGSCSPCRLVMVSFVCASVEEAETCPMAYKCMCNNKSYPVP F,E
3 'polypeptide(L)'
;ARTEPDEQDAVYDIMRATGNDWAAAIPDVCRGRWHGIECMPDQDNVYHVVSLSFGALSDDTAFPTCDPQRSYVSESLTRL
KHLKALFFYRCLGRAPQRIPAFLGRLGSSLQTLVLRENGFLGPIPDELGNLTNLKVLDLHKNHLNGSIPLSFNRFSGLRS
LDLSGNRLTGSIPGFVLPALSVLDLNQNLLTGPVPPTLTSCGSLIKIDLSRNRVTGPIPESQNRLNQLVLLDLSYNRLSG
PFPSSLQGLNSLQALMLKGNNKFSTTIPENAFKGLKNLMILVLSNTNIQGSIPKSLTRLNSLRVLHLEGNNLTGEIPLEF
RDVKHLSELRLNDNSLTGPVPFERDTVWRMRRKLRLYNNAGLCVNRDSDAAAAF
;
C,D
#
# COMPACT_ATOMS: atom_id res chain seq x y z
N ASN A 1 57.03 -21.03 -44.95
CA ASN A 1 56.39 -21.97 -44.01
C ASN A 1 55.23 -21.37 -43.23
N GLU A 2 55.43 -20.18 -42.65
CA GLU A 2 54.30 -19.47 -42.08
C GLU A 2 53.24 -19.21 -43.15
N GLY A 3 53.64 -19.15 -44.41
CA GLY A 3 52.69 -18.97 -45.49
C GLY A 3 51.78 -20.16 -45.68
N LYS A 4 52.25 -21.38 -45.38
CA LYS A 4 51.38 -22.55 -45.40
C LYS A 4 50.30 -22.44 -44.33
N ALA A 5 50.70 -22.03 -43.13
CA ALA A 5 49.74 -21.75 -42.07
C ALA A 5 48.70 -20.72 -42.51
N LEU A 6 49.17 -19.61 -43.11
CA LEU A 6 48.25 -18.58 -43.57
C LEU A 6 47.32 -19.10 -44.67
N MET A 7 47.77 -20.06 -45.47
CA MET A 7 46.92 -20.63 -46.51
C MET A 7 45.84 -21.52 -45.91
N ALA A 8 46.18 -22.30 -44.87
CA ALA A 8 45.12 -23.02 -44.16
C ALA A 8 44.15 -22.06 -43.47
N ILE A 9 44.67 -20.94 -42.95
CA ILE A 9 43.80 -19.97 -42.31
C ILE A 9 42.80 -19.42 -43.31
N LYS A 10 43.26 -19.17 -44.55
CA LYS A 10 42.36 -18.71 -45.60
C LYS A 10 41.39 -19.82 -46.04
N GLY A 11 41.85 -21.07 -46.03
CA GLY A 11 41.05 -22.20 -46.46
C GLY A 11 39.88 -22.51 -45.56
N SER A 12 39.70 -21.79 -44.48
CA SER A 12 38.52 -22.01 -43.66
C SER A 12 37.71 -20.75 -43.50
N PHE A 13 37.95 -19.74 -44.33
CA PHE A 13 37.02 -18.63 -44.47
C PHE A 13 36.01 -18.97 -45.57
N SER A 14 34.72 -18.82 -45.26
CA SER A 14 33.69 -19.35 -46.17
C SER A 14 33.49 -18.44 -47.37
N ASN A 15 32.83 -17.30 -47.16
CA ASN A 15 32.41 -16.42 -48.25
C ASN A 15 33.53 -15.41 -48.51
N LEU A 16 34.34 -15.71 -49.52
CA LEU A 16 35.49 -14.89 -49.88
C LEU A 16 35.72 -15.06 -51.36
N VAL A 17 35.82 -13.94 -52.08
CA VAL A 17 36.27 -14.00 -53.47
C VAL A 17 37.43 -13.03 -53.69
N ASN A 18 37.11 -11.74 -53.89
CA ASN A 18 38.12 -10.70 -54.05
C ASN A 18 38.60 -10.16 -52.71
N MET A 19 38.38 -10.91 -51.63
CA MET A 19 38.67 -10.39 -50.29
C MET A 19 40.15 -10.43 -49.98
N LEU A 20 40.75 -11.60 -50.01
CA LEU A 20 42.19 -11.71 -49.80
C LEU A 20 42.82 -12.17 -51.10
N LEU A 21 42.51 -11.47 -52.21
CA LEU A 21 43.25 -11.65 -53.45
C LEU A 21 44.72 -11.38 -53.25
N ASP A 22 45.08 -10.64 -52.21
CA ASP A 22 46.48 -10.47 -51.87
C ASP A 22 47.12 -11.81 -51.55
N TRP A 23 46.39 -12.67 -50.83
CA TRP A 23 46.91 -13.98 -50.41
C TRP A 23 46.92 -14.91 -51.61
N ASP A 24 47.85 -14.66 -52.53
CA ASP A 24 47.95 -15.33 -53.81
C ASP A 24 49.32 -16.00 -53.87
N ASP A 25 49.35 -17.29 -53.58
CA ASP A 25 50.61 -18.03 -53.57
C ASP A 25 51.14 -18.33 -54.97
N VAL A 26 50.31 -18.18 -56.01
CA VAL A 26 50.81 -18.28 -57.37
C VAL A 26 51.93 -17.26 -57.57
N HIS A 27 51.59 -15.97 -57.48
CA HIS A 27 52.66 -14.97 -57.40
C HIS A 27 52.11 -13.72 -56.68
N ASN A 28 52.15 -13.78 -55.36
CA ASN A 28 52.22 -12.63 -54.45
C ASN A 28 53.03 -13.13 -53.25
N SER A 29 54.32 -13.37 -53.50
CA SER A 29 55.07 -14.30 -52.66
C SER A 29 55.57 -13.69 -51.36
N ASP A 30 55.77 -12.36 -51.30
CA ASP A 30 56.08 -11.73 -50.01
C ASP A 30 54.78 -11.58 -49.22
N LEU A 31 54.53 -12.53 -48.32
CA LEU A 31 53.30 -12.53 -47.54
C LEU A 31 53.25 -11.36 -46.55
N CYS A 32 54.37 -10.67 -46.33
CA CYS A 32 54.34 -9.51 -45.46
C CYS A 32 53.67 -8.32 -46.11
N SER A 33 53.24 -8.45 -47.37
CA SER A 33 52.44 -7.43 -48.04
C SER A 33 50.96 -7.77 -48.08
N TRP A 34 50.58 -9.00 -47.72
CA TRP A 34 49.20 -9.42 -47.85
C TRP A 34 48.28 -8.56 -46.98
N ARG A 35 47.03 -8.49 -47.40
CA ARG A 35 46.01 -7.74 -46.67
C ARG A 35 45.90 -8.26 -45.24
N GLY A 36 46.16 -7.36 -44.27
CA GLY A 36 46.01 -7.65 -42.86
C GLY A 36 47.14 -8.40 -42.20
N VAL A 37 48.21 -8.72 -42.94
CA VAL A 37 49.36 -9.41 -42.38
C VAL A 37 50.45 -8.38 -42.14
N PHE A 38 50.95 -8.32 -40.91
CA PHE A 38 52.02 -7.39 -40.53
C PHE A 38 53.19 -8.15 -39.95
N CYS A 39 54.38 -7.84 -40.45
CA CYS A 39 55.64 -8.41 -40.02
C CYS A 39 56.48 -7.34 -39.30
N ASP A 40 57.32 -7.80 -38.35
CA ASP A 40 58.30 -6.93 -37.70
C ASP A 40 59.55 -6.87 -38.56
N ASN A 41 60.16 -5.71 -38.63
CA ASN A 41 61.15 -5.52 -39.68
C ASN A 41 62.45 -6.27 -39.41
N VAL A 42 62.63 -6.84 -38.22
CA VAL A 42 63.86 -7.56 -37.90
C VAL A 42 63.74 -9.01 -38.30
N SER A 43 62.85 -9.75 -37.62
CA SER A 43 62.68 -11.18 -37.88
C SER A 43 61.95 -11.45 -39.20
N TYR A 44 61.16 -10.48 -39.67
CA TYR A 44 60.30 -10.64 -40.84
C TYR A 44 59.38 -11.84 -40.64
N SER A 45 58.91 -12.01 -39.41
CA SER A 45 57.97 -13.05 -39.02
C SER A 45 56.60 -12.42 -38.79
N VAL A 46 55.53 -13.22 -38.94
CA VAL A 46 54.18 -12.71 -38.76
C VAL A 46 53.96 -12.41 -37.28
N VAL A 47 53.62 -11.15 -36.97
CA VAL A 47 53.48 -10.74 -35.58
C VAL A 47 52.07 -10.26 -35.26
N SER A 48 51.38 -9.74 -36.28
CA SER A 48 50.07 -9.13 -36.13
C SER A 48 49.20 -9.51 -37.32
N LEU A 49 48.02 -10.05 -37.02
CA LEU A 49 47.01 -10.38 -38.04
C LEU A 49 45.75 -9.60 -37.73
N ASN A 50 45.39 -8.66 -38.62
CA ASN A 50 44.17 -7.86 -38.52
C ASN A 50 43.32 -8.10 -39.76
N LEU A 51 42.13 -8.67 -39.56
CA LEU A 51 41.14 -8.85 -40.63
C LEU A 51 39.79 -8.32 -40.18
N SER A 52 39.76 -7.16 -39.54
CA SER A 52 38.54 -6.73 -38.88
C SER A 52 37.48 -6.31 -39.90
N SER A 53 36.28 -6.87 -39.75
CA SER A 53 35.06 -6.47 -40.45
C SER A 53 35.05 -6.84 -41.93
N LEU A 54 35.88 -7.78 -42.37
CA LEU A 54 35.81 -8.21 -43.75
C LEU A 54 34.70 -9.24 -43.99
N ASN A 55 34.06 -9.73 -42.93
CA ASN A 55 32.98 -10.71 -43.00
C ASN A 55 33.36 -11.91 -43.87
N LEU A 56 34.26 -12.72 -43.34
CA LEU A 56 34.79 -13.85 -44.10
C LEU A 56 34.05 -15.17 -43.84
N GLY A 57 33.36 -15.31 -42.72
CA GLY A 57 32.28 -16.26 -42.57
C GLY A 57 32.63 -17.69 -42.22
N GLY A 58 33.89 -18.10 -42.32
CA GLY A 58 34.13 -19.51 -42.06
C GLY A 58 34.43 -19.89 -40.62
N GLU A 59 35.58 -20.52 -40.42
CA GLU A 59 36.10 -20.85 -39.10
C GLU A 59 37.49 -20.24 -38.90
N ILE A 60 37.94 -20.26 -37.65
CA ILE A 60 39.34 -20.02 -37.36
C ILE A 60 40.07 -21.33 -37.53
N SER A 61 41.02 -21.38 -38.47
CA SER A 61 41.79 -22.58 -38.69
C SER A 61 42.70 -22.89 -37.50
N PRO A 62 42.91 -24.16 -37.17
CA PRO A 62 43.91 -24.47 -36.14
C PRO A 62 45.30 -24.01 -36.53
N ALA A 63 45.55 -23.80 -37.82
CA ALA A 63 46.84 -23.30 -38.26
C ALA A 63 47.16 -21.92 -37.73
N ILE A 64 46.22 -21.26 -37.04
CA ILE A 64 46.52 -20.01 -36.35
C ILE A 64 47.64 -20.21 -35.34
N GLY A 65 47.73 -21.42 -34.78
CA GLY A 65 48.82 -21.75 -33.87
C GLY A 65 50.15 -22.03 -34.53
N ASP A 66 50.22 -22.01 -35.86
CA ASP A 66 51.49 -22.21 -36.53
C ASP A 66 52.27 -20.91 -36.72
N LEU A 67 51.66 -19.76 -36.43
CA LEU A 67 52.35 -18.47 -36.35
C LEU A 67 52.68 -18.21 -34.89
N ARG A 68 53.89 -18.60 -34.44
CA ARG A 68 54.21 -18.53 -33.02
C ARG A 68 54.50 -17.12 -32.60
N ASN A 69 55.04 -16.32 -33.52
CA ASN A 69 55.46 -14.97 -33.18
C ASN A 69 54.30 -14.00 -33.10
N LEU A 70 53.08 -14.44 -33.41
CA LEU A 70 51.94 -13.56 -33.37
C LEU A 70 51.87 -12.90 -32.01
N GLN A 71 51.90 -11.57 -32.02
CA GLN A 71 51.61 -10.76 -30.84
C GLN A 71 50.20 -10.24 -30.81
N SER A 72 49.52 -10.14 -31.96
CA SER A 72 48.17 -9.61 -31.98
C SER A 72 47.31 -10.33 -33.02
N ILE A 73 46.06 -10.62 -32.64
CA ILE A 73 45.08 -11.21 -33.54
C ILE A 73 43.78 -10.42 -33.41
N ASP A 74 43.27 -9.95 -34.55
CA ASP A 74 42.00 -9.20 -34.60
C ASP A 74 41.17 -9.75 -35.78
N LEU A 75 40.19 -10.58 -35.45
CA LEU A 75 39.31 -11.22 -36.41
C LEU A 75 37.87 -10.78 -36.17
N GLN A 76 37.71 -9.58 -35.65
CA GLN A 76 36.41 -9.10 -35.23
C GLN A 76 35.58 -8.62 -36.42
N GLY A 77 34.30 -8.97 -36.43
CA GLY A 77 33.39 -8.55 -37.49
C GLY A 77 33.41 -9.44 -38.73
N ASN A 78 33.54 -10.75 -38.55
CA ASN A 78 33.69 -11.68 -39.66
C ASN A 78 32.65 -12.77 -39.66
N LYS A 79 31.64 -12.66 -38.79
CA LYS A 79 30.60 -13.67 -38.69
C LYS A 79 31.21 -15.06 -38.69
N LEU A 80 32.25 -15.24 -37.89
CA LEU A 80 32.92 -16.52 -37.79
C LEU A 80 32.17 -17.43 -36.81
N ALA A 81 31.87 -18.66 -37.24
CA ALA A 81 31.25 -19.65 -36.37
C ALA A 81 32.31 -20.69 -35.99
N GLY A 82 31.85 -21.86 -35.55
CA GLY A 82 32.76 -22.86 -35.03
C GLY A 82 33.20 -22.53 -33.61
N GLN A 83 34.17 -23.31 -33.14
CA GLN A 83 34.77 -23.12 -31.82
C GLN A 83 36.11 -22.40 -31.92
N ILE A 84 36.50 -21.77 -30.82
CA ILE A 84 37.85 -21.21 -30.69
C ILE A 84 38.82 -22.38 -30.60
N PRO A 85 39.77 -22.51 -31.53
CA PRO A 85 40.66 -23.68 -31.52
C PRO A 85 41.63 -23.67 -30.35
N ASP A 86 41.99 -24.87 -29.87
CA ASP A 86 42.97 -25.01 -28.80
C ASP A 86 44.31 -24.45 -29.22
N GLU A 87 44.66 -24.61 -30.50
CA GLU A 87 45.96 -24.21 -30.99
C GLU A 87 46.19 -22.71 -30.88
N ILE A 88 45.14 -21.95 -30.57
CA ILE A 88 45.26 -20.52 -30.28
C ILE A 88 46.21 -20.28 -29.11
N GLY A 89 46.34 -21.27 -28.21
CA GLY A 89 47.21 -21.25 -27.04
C GLY A 89 48.66 -21.54 -27.35
N ASN A 90 48.97 -21.74 -28.61
CA ASN A 90 50.36 -21.93 -29.02
C ASN A 90 51.05 -20.63 -29.43
N CYS A 91 50.34 -19.50 -29.47
CA CYS A 91 50.95 -18.20 -29.77
C CYS A 91 51.45 -17.62 -28.45
N ALA A 92 52.59 -18.13 -27.99
CA ALA A 92 53.04 -17.84 -26.63
C ALA A 92 53.32 -16.37 -26.41
N SER A 93 53.65 -15.63 -27.47
CA SER A 93 53.97 -14.20 -27.32
C SER A 93 52.75 -13.30 -27.48
N LEU A 94 51.55 -13.87 -27.59
CA LEU A 94 50.37 -13.09 -27.89
C LEU A 94 50.05 -12.10 -26.77
N VAL A 95 49.84 -10.83 -27.14
CA VAL A 95 49.49 -9.80 -26.20
C VAL A 95 48.02 -9.42 -26.30
N TYR A 96 47.43 -9.54 -27.49
CA TYR A 96 46.14 -8.94 -27.78
C TYR A 96 45.33 -9.91 -28.65
N LEU A 97 44.15 -10.31 -28.17
CA LEU A 97 43.30 -11.24 -28.91
C LEU A 97 41.91 -10.64 -28.92
N ASP A 98 41.41 -10.28 -30.12
CA ASP A 98 40.09 -9.69 -30.31
C ASP A 98 39.35 -10.56 -31.33
N LEU A 99 38.47 -11.41 -30.81
CA LEU A 99 37.57 -12.24 -31.60
C LEU A 99 36.12 -11.79 -31.48
N SER A 100 35.89 -10.52 -31.14
CA SER A 100 34.53 -10.04 -30.87
C SER A 100 33.70 -9.95 -32.17
N GLU A 101 32.40 -9.70 -32.01
CA GLU A 101 31.45 -9.55 -33.11
C GLU A 101 31.58 -10.70 -34.13
N ASN A 102 31.31 -11.91 -33.67
CA ASN A 102 31.32 -13.09 -34.53
C ASN A 102 30.22 -14.03 -34.07
N LEU A 103 30.24 -15.26 -34.54
CA LEU A 103 29.25 -16.27 -34.18
C LEU A 103 29.90 -17.51 -33.59
N LEU A 104 31.04 -17.33 -32.90
CA LEU A 104 31.77 -18.42 -32.28
C LEU A 104 30.97 -19.00 -31.12
N TYR A 105 31.19 -20.28 -30.84
CA TYR A 105 30.39 -20.91 -29.80
C TYR A 105 31.24 -21.95 -29.07
N GLY A 106 30.60 -22.77 -28.26
CA GLY A 106 31.32 -23.65 -27.41
C GLY A 106 31.97 -22.83 -26.30
N ASP A 107 32.84 -23.50 -25.58
CA ASP A 107 33.46 -22.92 -24.40
C ASP A 107 34.69 -22.10 -24.77
N ILE A 108 35.09 -21.25 -23.84
CA ILE A 108 36.41 -20.62 -23.79
C ILE A 108 37.46 -21.72 -23.64
N PRO A 109 38.39 -21.88 -24.56
CA PRO A 109 39.28 -23.04 -24.48
C PRO A 109 40.18 -22.96 -23.26
N PHE A 110 40.56 -24.14 -22.75
CA PHE A 110 41.51 -24.21 -21.65
C PHE A 110 42.88 -23.65 -22.05
N SER A 111 43.33 -23.92 -23.29
CA SER A 111 44.68 -23.52 -23.69
C SER A 111 44.88 -22.01 -23.67
N ILE A 112 43.81 -21.22 -23.51
CA ILE A 112 43.96 -19.77 -23.42
C ILE A 112 44.78 -19.41 -22.18
N SER A 113 44.69 -20.23 -21.13
CA SER A 113 45.52 -20.05 -19.95
C SER A 113 47.01 -20.14 -20.26
N LYS A 114 47.44 -20.72 -21.40
CA LYS A 114 48.87 -20.81 -21.73
C LYS A 114 49.47 -19.49 -22.21
N LEU A 115 48.65 -18.47 -22.47
CA LEU A 115 49.08 -17.21 -23.05
C LEU A 115 49.43 -16.26 -21.90
N LYS A 116 50.67 -16.35 -21.43
CA LYS A 116 51.12 -15.61 -20.27
C LYS A 116 51.44 -14.16 -20.57
N GLN A 117 51.54 -13.79 -21.85
CA GLN A 117 51.76 -12.42 -22.25
C GLN A 117 50.48 -11.66 -22.53
N LEU A 118 49.30 -12.28 -22.36
CA LEU A 118 48.06 -11.70 -22.86
C LEU A 118 47.60 -10.56 -21.96
N GLU A 119 47.20 -9.46 -22.59
CA GLU A 119 46.70 -8.27 -21.90
C GLU A 119 45.22 -8.02 -22.16
N THR A 120 44.80 -8.14 -23.42
CA THR A 120 43.41 -7.96 -23.84
C THR A 120 42.85 -9.30 -24.32
N LEU A 121 41.75 -9.74 -23.68
CA LEU A 121 40.95 -10.87 -24.16
C LEU A 121 39.58 -10.31 -24.50
N ASN A 122 39.32 -10.10 -25.79
CA ASN A 122 38.07 -9.52 -26.27
C ASN A 122 37.26 -10.56 -27.05
N LEU A 123 36.26 -11.14 -26.39
CA LEU A 123 35.34 -12.11 -26.98
C LEU A 123 33.91 -11.63 -26.92
N LYS A 124 33.69 -10.32 -26.84
CA LYS A 124 32.33 -9.82 -26.70
C LYS A 124 31.51 -10.15 -27.94
N ASN A 125 30.20 -10.29 -27.73
CA ASN A 125 29.22 -10.43 -28.82
C ASN A 125 29.51 -11.64 -29.72
N ASN A 126 29.40 -12.82 -29.10
CA ASN A 126 29.38 -14.10 -29.83
C ASN A 126 28.30 -14.95 -29.20
N GLN A 127 28.47 -16.28 -29.29
CA GLN A 127 27.52 -17.23 -28.74
C GLN A 127 28.23 -18.24 -27.81
N LEU A 128 29.28 -17.83 -27.12
CA LEU A 128 30.07 -18.74 -26.31
C LEU A 128 29.26 -19.22 -25.11
N THR A 129 29.34 -20.52 -24.81
CA THR A 129 28.67 -21.08 -23.63
C THR A 129 29.69 -21.67 -22.67
N GLY A 130 29.29 -21.85 -21.41
CA GLY A 130 30.17 -22.45 -20.45
C GLY A 130 30.54 -21.53 -19.30
N PRO A 131 31.42 -21.99 -18.42
CA PRO A 131 31.83 -21.17 -17.27
C PRO A 131 32.73 -20.04 -17.73
N VAL A 132 32.76 -18.98 -16.94
CA VAL A 132 33.92 -18.10 -16.97
C VAL A 132 34.94 -18.88 -16.18
N PRO A 133 35.96 -19.44 -16.83
CA PRO A 133 36.80 -20.46 -16.16
C PRO A 133 37.81 -19.84 -15.20
N ALA A 134 38.22 -20.67 -14.23
CA ALA A 134 39.23 -20.23 -13.28
C ALA A 134 40.62 -20.12 -13.91
N THR A 135 40.88 -20.82 -15.03
CA THR A 135 42.17 -20.75 -15.70
C THR A 135 42.55 -19.34 -16.14
N LEU A 136 41.57 -18.44 -16.32
CA LEU A 136 41.93 -17.06 -16.62
C LEU A 136 42.43 -16.30 -15.43
N THR A 137 42.56 -16.94 -14.27
CA THR A 137 43.27 -16.33 -13.18
C THR A 137 44.75 -16.76 -13.15
N GLN A 138 45.20 -17.44 -14.21
CA GLN A 138 46.60 -17.79 -14.44
C GLN A 138 47.15 -17.09 -15.68
N ILE A 139 46.58 -15.95 -16.01
CA ILE A 139 47.13 -15.07 -17.03
C ILE A 139 47.66 -13.83 -16.29
N PRO A 140 48.92 -13.86 -15.87
CA PRO A 140 49.38 -12.90 -14.85
C PRO A 140 49.17 -11.45 -15.20
N ASN A 141 49.28 -11.07 -16.46
CA ASN A 141 49.24 -9.66 -16.81
C ASN A 141 48.03 -9.29 -17.68
N LEU A 142 46.92 -10.00 -17.48
CA LEU A 142 45.69 -9.74 -18.22
C LEU A 142 45.05 -8.47 -17.70
N LYS A 143 44.62 -7.60 -18.59
CA LYS A 143 44.15 -6.30 -18.16
C LYS A 143 42.72 -5.98 -18.55
N ARG A 144 42.27 -6.46 -19.70
CA ARG A 144 40.93 -6.18 -20.19
C ARG A 144 40.26 -7.51 -20.47
N LEU A 145 39.15 -7.75 -19.79
CA LEU A 145 38.43 -9.01 -19.98
C LEU A 145 37.02 -8.65 -20.45
N ASP A 146 36.78 -8.66 -21.75
CA ASP A 146 35.46 -8.41 -22.26
C ASP A 146 34.79 -9.70 -22.72
N LEU A 147 33.80 -10.14 -22.00
CA LEU A 147 33.12 -11.35 -22.34
C LEU A 147 31.67 -11.06 -22.55
N ALA A 148 31.30 -9.80 -22.63
CA ALA A 148 29.89 -9.43 -22.68
C ALA A 148 29.23 -9.91 -23.97
N GLY A 149 27.94 -10.23 -23.88
CA GLY A 149 27.18 -10.64 -25.04
C GLY A 149 27.53 -12.04 -25.50
N ASN A 150 27.47 -13.00 -24.59
CA ASN A 150 27.54 -14.41 -24.88
C ASN A 150 26.55 -15.11 -23.95
N HIS A 151 26.62 -16.44 -23.85
CA HIS A 151 25.66 -17.21 -23.07
C HIS A 151 26.38 -17.99 -21.97
N LEU A 152 27.33 -17.32 -21.30
CA LEU A 152 28.09 -17.90 -20.22
C LEU A 152 27.19 -18.23 -19.02
N THR A 153 27.36 -19.41 -18.48
CA THR A 153 26.60 -19.82 -17.31
C THR A 153 27.56 -20.09 -16.17
N GLY A 154 27.01 -20.61 -15.07
CA GLY A 154 27.79 -20.76 -13.86
C GLY A 154 27.81 -19.47 -13.09
N GLU A 155 28.41 -19.54 -11.89
CA GLU A 155 28.55 -18.36 -11.05
C GLU A 155 29.86 -17.64 -11.34
N ILE A 156 30.08 -16.52 -10.65
CA ILE A 156 31.33 -15.77 -10.72
C ILE A 156 32.20 -16.20 -9.56
N SER A 157 33.25 -16.97 -9.83
CA SER A 157 34.03 -17.49 -8.73
C SER A 157 34.79 -16.32 -8.07
N ARG A 158 34.78 -16.32 -6.74
CA ARG A 158 35.46 -15.25 -6.03
C ARG A 158 36.96 -15.26 -6.31
N LEU A 159 37.48 -16.36 -6.85
CA LEU A 159 38.88 -16.38 -7.25
C LEU A 159 39.15 -15.32 -8.31
N LEU A 160 38.18 -15.10 -9.20
CA LEU A 160 38.33 -14.04 -10.20
C LEU A 160 38.76 -12.72 -9.55
N TYR A 161 38.25 -12.41 -8.38
CA TYR A 161 38.45 -11.08 -7.83
C TYR A 161 39.82 -10.89 -7.19
N TRP A 162 40.65 -11.94 -7.11
CA TRP A 162 41.97 -11.83 -6.48
C TRP A 162 42.97 -11.53 -7.59
N ASN A 163 43.02 -10.26 -7.98
CA ASN A 163 43.76 -9.84 -9.15
C ASN A 163 44.02 -8.34 -9.04
N GLU A 164 45.29 -7.97 -8.92
CA GLU A 164 45.71 -6.59 -8.75
C GLU A 164 45.87 -5.85 -10.08
N VAL A 165 45.92 -6.61 -11.20
CA VAL A 165 46.29 -6.06 -12.50
C VAL A 165 45.07 -5.75 -13.37
N LEU A 166 43.98 -6.50 -13.16
CA LEU A 166 42.81 -6.38 -14.02
C LEU A 166 42.20 -4.99 -13.97
N GLN A 167 41.97 -4.41 -15.16
CA GLN A 167 41.47 -3.04 -15.35
C GLN A 167 39.98 -3.03 -15.67
N TYR A 168 39.60 -3.77 -16.71
CA TYR A 168 38.27 -3.79 -17.26
C TYR A 168 37.72 -5.21 -17.08
N LEU A 169 36.55 -5.30 -16.42
CA LEU A 169 35.85 -6.57 -16.23
C LEU A 169 34.46 -6.37 -16.82
N GLY A 170 34.27 -6.89 -18.04
CA GLY A 170 33.00 -6.79 -18.73
C GLY A 170 32.32 -8.14 -18.90
N LEU A 171 31.29 -8.42 -18.09
CA LEU A 171 30.51 -9.66 -18.14
C LEU A 171 29.05 -9.43 -18.55
N ARG A 172 28.76 -8.29 -19.15
CA ARG A 172 27.38 -7.87 -19.41
C ARG A 172 26.65 -8.86 -20.31
N GLY A 173 25.36 -9.08 -20.02
CA GLY A 173 24.49 -9.79 -20.94
C GLY A 173 24.79 -11.26 -21.15
N ASN A 174 25.45 -11.91 -20.21
CA ASN A 174 25.59 -13.37 -20.21
C ASN A 174 24.39 -13.91 -19.42
N MET A 175 24.46 -15.13 -18.93
CA MET A 175 23.40 -15.65 -18.06
C MET A 175 24.00 -16.18 -16.76
N LEU A 176 24.80 -15.35 -16.11
CA LEU A 176 25.53 -15.76 -14.92
C LEU A 176 24.64 -15.69 -13.68
N THR A 177 24.65 -16.75 -12.88
CA THR A 177 23.90 -16.80 -11.63
C THR A 177 24.88 -16.74 -10.46
N GLY A 178 24.35 -16.86 -9.26
CA GLY A 178 25.15 -16.66 -8.06
C GLY A 178 25.06 -15.22 -7.59
N THR A 179 25.83 -14.91 -6.57
CA THR A 179 25.78 -13.59 -5.96
C THR A 179 27.01 -12.76 -6.37
N LEU A 180 27.15 -11.59 -5.75
CA LEU A 180 28.34 -10.79 -5.79
C LEU A 180 29.10 -11.05 -4.51
N SER A 181 30.39 -11.37 -4.62
CA SER A 181 31.20 -11.79 -3.49
C SER A 181 31.85 -10.61 -2.80
N SER A 182 32.03 -10.73 -1.50
CA SER A 182 32.78 -9.70 -0.78
C SER A 182 34.17 -9.52 -1.39
N ASP A 183 34.81 -10.64 -1.77
CA ASP A 183 36.13 -10.63 -2.38
C ASP A 183 36.21 -9.71 -3.59
N MET A 184 35.06 -9.22 -4.09
CA MET A 184 35.02 -8.23 -5.16
C MET A 184 35.95 -7.04 -4.88
N CYS A 185 36.17 -6.71 -3.61
CA CYS A 185 37.06 -5.61 -3.21
C CYS A 185 38.56 -5.91 -3.39
N GLN A 186 38.94 -7.09 -3.85
CA GLN A 186 40.35 -7.37 -4.11
C GLN A 186 40.77 -6.96 -5.51
N LEU A 187 39.83 -6.62 -6.40
CA LEU A 187 40.15 -6.03 -7.70
C LEU A 187 40.56 -4.57 -7.48
N THR A 188 41.82 -4.39 -7.10
CA THR A 188 42.28 -3.08 -6.62
C THR A 188 42.84 -2.19 -7.73
N GLY A 189 42.92 -2.66 -8.97
CA GLY A 189 43.40 -1.77 -10.02
C GLY A 189 42.39 -1.59 -11.14
N LEU A 190 41.16 -2.02 -10.86
CA LEU A 190 40.07 -2.09 -11.81
C LEU A 190 39.25 -0.80 -11.76
N TRP A 191 38.96 -0.24 -12.93
CA TRP A 191 38.09 0.91 -13.00
C TRP A 191 36.72 0.60 -13.56
N TYR A 192 36.52 -0.56 -14.17
CA TYR A 192 35.28 -0.87 -14.87
C TYR A 192 34.79 -2.23 -14.40
N PHE A 193 33.68 -2.24 -13.67
CA PHE A 193 33.04 -3.49 -13.22
C PHE A 193 31.62 -3.53 -13.81
N ASP A 194 31.38 -4.49 -14.70
CA ASP A 194 30.14 -4.55 -15.46
C ASP A 194 29.63 -5.98 -15.48
N VAL A 195 28.53 -6.24 -14.75
CA VAL A 195 27.79 -7.50 -14.82
C VAL A 195 26.34 -7.24 -15.22
N ARG A 196 26.05 -6.13 -15.89
CA ARG A 196 24.67 -5.80 -16.17
C ARG A 196 24.03 -6.96 -16.93
N GLY A 197 22.72 -7.14 -16.70
CA GLY A 197 21.95 -8.07 -17.49
C GLY A 197 22.34 -9.53 -17.38
N ASN A 198 22.60 -10.02 -16.17
CA ASN A 198 22.71 -11.45 -15.99
C ASN A 198 21.55 -11.94 -15.13
N ASN A 199 21.81 -12.92 -14.29
CA ASN A 199 20.78 -13.47 -13.43
C ASN A 199 21.35 -13.60 -12.04
N LEU A 200 22.09 -12.57 -11.64
CA LEU A 200 22.71 -12.53 -10.33
C LEU A 200 21.69 -12.25 -9.24
N THR A 201 21.82 -12.96 -8.11
CA THR A 201 20.94 -12.74 -6.97
C THR A 201 21.77 -12.36 -5.77
N GLY A 202 21.18 -12.44 -4.59
CA GLY A 202 21.85 -12.03 -3.39
C GLY A 202 21.76 -10.53 -3.21
N THR A 203 22.54 -10.04 -2.26
CA THR A 203 22.51 -8.64 -1.85
C THR A 203 23.74 -7.93 -2.38
N ILE A 204 23.75 -6.61 -2.23
CA ILE A 204 24.99 -5.86 -2.43
C ILE A 204 25.89 -6.10 -1.23
N PRO A 205 27.14 -6.52 -1.41
CA PRO A 205 28.03 -6.71 -0.24
C PRO A 205 28.21 -5.40 0.52
N GLU A 206 28.17 -5.50 1.84
CA GLU A 206 28.35 -4.29 2.64
C GLU A 206 29.80 -3.83 2.64
N SER A 207 30.71 -4.67 2.19
CA SER A 207 32.10 -4.28 2.04
C SER A 207 32.38 -3.60 0.73
N ILE A 208 31.34 -3.28 -0.06
CA ILE A 208 31.57 -2.71 -1.39
C ILE A 208 32.31 -1.39 -1.26
N GLY A 209 32.23 -0.74 -0.10
CA GLY A 209 32.94 0.51 0.09
C GLY A 209 34.44 0.41 -0.09
N ASN A 210 34.99 -0.82 -0.09
CA ASN A 210 36.42 -1.05 -0.25
C ASN A 210 36.90 -0.98 -1.70
N CYS A 211 35.99 -0.88 -2.67
CA CYS A 211 36.34 -0.87 -4.10
C CYS A 211 36.60 0.53 -4.63
N THR A 212 37.34 1.34 -3.88
CA THR A 212 37.51 2.76 -4.18
C THR A 212 38.21 3.05 -5.50
N SER A 213 38.72 2.06 -6.24
CA SER A 213 39.31 2.33 -7.55
C SER A 213 38.29 2.27 -8.68
N PHE A 214 37.07 1.81 -8.41
CA PHE A 214 36.08 1.70 -9.47
C PHE A 214 35.70 3.11 -9.97
N GLN A 215 35.81 3.33 -11.28
CA GLN A 215 35.16 4.48 -11.87
C GLN A 215 33.73 4.20 -12.33
N ILE A 216 33.45 2.96 -12.79
CA ILE A 216 32.14 2.55 -13.25
C ILE A 216 31.73 1.27 -12.54
N LEU A 217 30.54 1.29 -11.94
CA LEU A 217 30.01 0.11 -11.30
C LEU A 217 28.61 -0.13 -11.85
N ASP A 218 28.44 -1.24 -12.57
CA ASP A 218 27.18 -1.56 -13.22
C ASP A 218 26.75 -2.93 -12.77
N ILE A 219 25.63 -2.99 -12.04
CA ILE A 219 25.10 -4.29 -11.66
C ILE A 219 23.63 -4.30 -12.05
N SER A 220 23.32 -3.58 -13.12
CA SER A 220 21.94 -3.32 -13.51
C SER A 220 21.31 -4.53 -14.19
N TYR A 221 19.98 -4.63 -14.04
CA TYR A 221 19.15 -5.62 -14.75
C TYR A 221 19.54 -7.04 -14.34
N ASN A 222 19.61 -7.25 -13.04
CA ASN A 222 19.73 -8.57 -12.44
C ASN A 222 18.51 -8.76 -11.54
N GLN A 223 18.64 -9.55 -10.48
CA GLN A 223 17.57 -9.72 -9.49
C GLN A 223 18.14 -9.59 -8.07
N ILE A 224 18.93 -8.54 -7.86
CA ILE A 224 19.59 -8.30 -6.58
C ILE A 224 18.59 -7.66 -5.65
N THR A 225 18.38 -8.27 -4.50
CA THR A 225 17.47 -7.80 -3.47
C THR A 225 18.28 -7.22 -2.29
N GLY A 226 17.57 -6.88 -1.21
CA GLY A 226 18.20 -6.22 -0.11
C GLY A 226 18.17 -4.72 -0.28
N GLU A 227 18.84 -4.03 0.64
CA GLU A 227 18.93 -2.58 0.60
C GLU A 227 20.27 -2.16 0.01
N ILE A 228 20.39 -0.87 -0.25
CA ILE A 228 21.63 -0.27 -0.75
C ILE A 228 22.50 0.05 0.47
N PRO A 229 23.58 -0.68 0.70
CA PRO A 229 24.31 -0.57 1.97
C PRO A 229 24.89 0.82 2.18
N TYR A 230 25.04 1.19 3.46
CA TYR A 230 25.67 2.46 3.80
C TYR A 230 27.05 2.60 3.15
N ASN A 231 27.80 1.49 3.04
CA ASN A 231 29.15 1.60 2.51
C ASN A 231 29.20 1.82 1.00
N ILE A 232 28.06 1.84 0.30
CA ILE A 232 27.99 2.42 -1.03
C ILE A 232 28.55 3.84 -1.01
N GLY A 233 28.47 4.50 0.14
CA GLY A 233 28.93 5.87 0.25
C GLY A 233 30.43 6.04 0.11
N PHE A 234 31.19 4.93 0.15
CA PHE A 234 32.63 5.08 0.11
C PHE A 234 33.18 5.00 -1.30
N LEU A 235 32.39 4.52 -2.25
CA LEU A 235 32.90 4.40 -3.61
C LEU A 235 33.25 5.76 -4.18
N GLN A 236 34.24 5.78 -5.06
CA GLN A 236 34.65 6.95 -5.82
C GLN A 236 34.25 6.85 -7.27
N VAL A 237 33.20 6.07 -7.55
CA VAL A 237 32.71 5.88 -8.89
C VAL A 237 32.13 7.18 -9.44
N ALA A 238 32.26 7.35 -10.75
CA ALA A 238 31.50 8.38 -11.45
C ALA A 238 30.10 7.90 -11.82
N THR A 239 29.99 6.65 -12.28
CA THR A 239 28.74 6.06 -12.72
C THR A 239 28.35 4.91 -11.79
N LEU A 240 27.19 5.05 -11.14
CA LEU A 240 26.66 4.03 -10.26
C LEU A 240 25.34 3.58 -10.89
N SER A 241 25.37 2.45 -11.58
CA SER A 241 24.16 1.88 -12.18
C SER A 241 23.68 0.73 -11.31
N LEU A 242 22.60 0.95 -10.58
CA LEU A 242 21.92 -0.13 -9.88
C LEU A 242 20.53 -0.40 -10.44
N GLN A 243 20.13 0.27 -11.53
CA GLN A 243 18.75 0.21 -11.98
C GLN A 243 18.35 -1.21 -12.38
N GLY A 244 17.07 -1.51 -12.23
CA GLY A 244 16.52 -2.75 -12.71
C GLY A 244 16.73 -3.97 -11.85
N ASN A 245 16.76 -3.82 -10.53
CA ASN A 245 16.79 -4.99 -9.66
C ASN A 245 15.56 -5.04 -8.74
N ARG A 246 15.74 -5.64 -7.57
CA ARG A 246 14.67 -5.73 -6.59
C ARG A 246 15.10 -5.06 -5.29
N LEU A 247 15.99 -4.07 -5.41
CA LEU A 247 16.46 -3.32 -4.25
C LEU A 247 15.30 -2.69 -3.49
N THR A 248 15.29 -2.86 -2.17
CA THR A 248 14.21 -2.31 -1.36
C THR A 248 14.78 -1.36 -0.30
N GLY A 249 13.88 -0.79 0.49
CA GLY A 249 14.23 0.21 1.48
C GLY A 249 14.28 1.60 0.88
N ARG A 250 14.87 2.53 1.65
CA ARG A 250 15.03 3.91 1.20
C ARG A 250 16.38 4.13 0.55
N ILE A 251 16.46 5.17 -0.25
CA ILE A 251 17.75 5.63 -0.78
C ILE A 251 18.61 6.07 0.38
N PRO A 252 19.87 5.61 0.47
CA PRO A 252 20.69 5.91 1.65
C PRO A 252 21.22 7.33 1.56
N GLU A 253 21.05 8.08 2.66
CA GLU A 253 21.40 9.49 2.60
C GLU A 253 22.89 9.70 2.39
N VAL A 254 23.71 8.67 2.62
CA VAL A 254 25.15 8.78 2.35
C VAL A 254 25.40 8.99 0.86
N ILE A 255 24.43 8.66 0.00
CA ILE A 255 24.60 8.95 -1.42
C ILE A 255 24.70 10.46 -1.64
N GLY A 256 24.17 11.25 -0.71
CA GLY A 256 24.33 12.70 -0.77
C GLY A 256 25.76 13.16 -0.65
N LEU A 257 26.66 12.30 -0.16
CA LEU A 257 28.05 12.67 0.05
C LEU A 257 28.94 12.25 -1.12
N MET A 258 28.36 11.65 -2.16
CA MET A 258 29.13 11.10 -3.28
C MET A 258 29.20 12.12 -4.41
N GLN A 259 29.90 13.23 -4.12
CA GLN A 259 29.96 14.33 -5.06
C GLN A 259 30.70 13.99 -6.34
N ALA A 260 31.46 12.90 -6.37
CA ALA A 260 32.10 12.51 -7.61
C ALA A 260 31.14 11.90 -8.61
N LEU A 261 29.90 11.65 -8.22
CA LEU A 261 28.94 11.00 -9.12
C LEU A 261 28.69 11.82 -10.37
N ALA A 262 28.86 11.19 -11.54
CA ALA A 262 28.42 11.83 -12.77
C ALA A 262 27.06 11.33 -13.21
N VAL A 263 26.75 10.07 -12.91
CA VAL A 263 25.52 9.41 -13.34
C VAL A 263 25.09 8.51 -12.20
N LEU A 264 23.90 8.79 -11.62
CA LEU A 264 23.34 7.92 -10.59
C LEU A 264 22.02 7.35 -11.07
N ASP A 265 21.96 6.02 -11.21
CA ASP A 265 20.77 5.34 -11.71
C ASP A 265 20.28 4.34 -10.66
N LEU A 266 19.18 4.68 -10.02
CA LEU A 266 18.50 3.82 -9.06
C LEU A 266 17.15 3.35 -9.57
N SER A 267 16.89 3.54 -10.87
CA SER A 267 15.56 3.41 -11.41
C SER A 267 15.12 1.95 -11.44
N ASP A 268 13.81 1.76 -11.58
CA ASP A 268 13.13 0.47 -11.63
C ASP A 268 13.65 -0.49 -10.54
N ASN A 269 13.42 -0.13 -9.28
CA ASN A 269 13.63 -1.03 -8.16
C ASN A 269 12.34 -1.03 -7.36
N GLU A 270 12.44 -1.34 -6.07
CA GLU A 270 11.32 -1.30 -5.14
C GLU A 270 11.71 -0.38 -4.00
N LEU A 271 12.42 0.69 -4.34
CA LEU A 271 12.79 1.70 -3.38
C LEU A 271 11.55 2.42 -2.87
N VAL A 272 11.49 2.65 -1.56
CA VAL A 272 10.38 3.35 -0.97
C VAL A 272 10.93 4.53 -0.18
N GLY A 273 10.01 5.36 0.30
CA GLY A 273 10.40 6.48 1.11
C GLY A 273 10.69 7.68 0.23
N PRO A 274 11.14 8.75 0.87
CA PRO A 274 11.29 10.01 0.14
C PRO A 274 12.64 10.09 -0.58
N ILE A 275 12.67 10.98 -1.55
CA ILE A 275 13.90 11.39 -2.20
C ILE A 275 14.66 12.19 -1.14
N PRO A 276 15.78 11.71 -0.63
CA PRO A 276 16.53 12.49 0.39
C PRO A 276 16.89 13.86 -0.16
N PRO A 277 16.63 14.93 0.60
CA PRO A 277 16.94 16.27 0.08
C PRO A 277 18.43 16.51 -0.05
N ILE A 278 19.23 15.81 0.75
CA ILE A 278 20.69 15.87 0.72
C ILE A 278 21.21 15.59 -0.70
N LEU A 279 20.35 15.04 -1.57
CA LEU A 279 20.79 14.77 -2.92
C LEU A 279 21.11 16.05 -3.69
N GLY A 280 20.58 17.19 -3.24
CA GLY A 280 20.97 18.44 -3.86
C GLY A 280 22.41 18.82 -3.66
N ASN A 281 23.10 18.12 -2.75
CA ASN A 281 24.53 18.33 -2.57
C ASN A 281 25.33 17.72 -3.72
N LEU A 282 24.65 17.11 -4.69
CA LEU A 282 25.30 16.57 -5.89
C LEU A 282 25.42 17.66 -6.96
N SER A 283 26.06 18.74 -6.54
CA SER A 283 26.31 19.95 -7.35
C SER A 283 27.00 19.65 -8.68
N PHE A 284 27.51 18.43 -8.85
CA PHE A 284 28.28 18.07 -10.04
C PHE A 284 27.65 16.91 -10.81
N THR A 285 26.57 16.31 -10.31
CA THR A 285 25.97 15.16 -10.97
C THR A 285 25.17 15.59 -12.20
N GLY A 286 25.41 14.92 -13.32
CA GLY A 286 24.78 15.25 -14.58
C GLY A 286 23.57 14.40 -14.90
N LYS A 287 23.37 13.32 -14.15
CA LYS A 287 22.27 12.41 -14.42
C LYS A 287 21.71 11.89 -13.11
N LEU A 288 20.38 11.93 -12.99
CA LEU A 288 19.70 11.35 -11.84
C LEU A 288 18.42 10.65 -12.32
N TYR A 289 18.41 9.33 -12.13
CA TYR A 289 17.37 8.43 -12.59
C TYR A 289 16.79 7.69 -11.40
N LEU A 290 15.66 8.16 -10.89
CA LEU A 290 14.95 7.49 -9.81
C LEU A 290 13.60 6.94 -10.26
N HIS A 291 13.31 6.93 -11.56
CA HIS A 291 11.98 6.58 -12.03
C HIS A 291 11.70 5.10 -11.81
N GLY A 292 10.40 4.76 -11.77
CA GLY A 292 9.95 3.39 -11.63
C GLY A 292 10.20 2.73 -10.28
N ASN A 293 10.08 3.47 -9.18
CA ASN A 293 10.07 2.84 -7.86
C ASN A 293 8.72 3.05 -7.18
N MET A 294 8.74 3.22 -5.86
CA MET A 294 7.59 3.63 -5.06
C MET A 294 7.99 4.73 -4.10
N LEU A 295 8.82 5.66 -4.57
CA LEU A 295 9.22 6.82 -3.77
C LEU A 295 8.01 7.69 -3.49
N THR A 296 7.89 8.16 -2.25
CA THR A 296 6.79 9.03 -1.83
C THR A 296 7.32 10.44 -1.51
N GLY A 297 6.45 11.24 -0.89
CA GLY A 297 6.82 12.57 -0.49
C GLY A 297 6.93 13.53 -1.66
N PRO A 298 7.39 14.74 -1.38
CA PRO A 298 7.47 15.76 -2.44
C PRO A 298 8.78 15.68 -3.21
N ILE A 299 8.79 16.38 -4.34
CA ILE A 299 10.05 16.66 -5.04
C ILE A 299 10.82 17.63 -4.15
N PRO A 300 12.01 17.27 -3.63
CA PRO A 300 12.76 18.24 -2.84
C PRO A 300 13.15 19.46 -3.67
N SER A 301 12.83 20.64 -3.15
CA SER A 301 13.29 21.86 -3.81
C SER A 301 14.80 21.91 -3.89
N GLU A 302 15.50 21.20 -3.00
CA GLU A 302 16.95 21.08 -3.05
C GLU A 302 17.46 20.51 -4.37
N LEU A 303 16.63 19.83 -5.17
CA LEU A 303 17.07 19.40 -6.49
C LEU A 303 17.44 20.59 -7.37
N GLY A 304 16.93 21.77 -7.06
CA GLY A 304 17.41 22.96 -7.76
C GLY A 304 18.87 23.29 -7.50
N ASN A 305 19.46 22.76 -6.43
CA ASN A 305 20.86 23.04 -6.10
C ASN A 305 21.85 22.09 -6.76
N MET A 306 21.43 21.28 -7.73
CA MET A 306 22.34 20.43 -8.49
C MET A 306 22.67 21.15 -9.80
N SER A 307 23.54 22.13 -9.69
CA SER A 307 23.89 22.98 -10.79
C SER A 307 24.18 22.39 -12.13
N ARG A 308 24.54 21.12 -12.18
CA ARG A 308 24.92 20.54 -13.44
C ARG A 308 24.10 19.41 -13.97
N LEU A 309 22.92 19.22 -13.40
CA LEU A 309 22.02 18.16 -13.79
C LEU A 309 21.46 18.41 -15.20
N SER A 310 21.56 17.39 -16.06
CA SER A 310 21.04 17.47 -17.42
C SER A 310 19.91 16.50 -17.69
N TYR A 311 19.80 15.43 -16.93
CA TYR A 311 18.74 14.46 -17.17
C TYR A 311 18.15 14.14 -15.81
N LEU A 312 16.90 14.57 -15.60
CA LEU A 312 16.19 14.31 -14.37
C LEU A 312 14.97 13.46 -14.71
N GLN A 313 14.94 12.23 -14.20
CA GLN A 313 13.76 11.40 -14.42
C GLN A 313 13.28 10.93 -13.05
N LEU A 314 12.14 11.48 -12.62
CA LEU A 314 11.45 11.08 -11.39
C LEU A 314 10.08 10.49 -11.68
N ASN A 315 9.81 10.12 -12.93
CA ASN A 315 8.50 9.65 -13.34
C ASN A 315 8.17 8.27 -12.76
N ASP A 316 6.86 7.96 -12.75
CA ASP A 316 6.33 6.67 -12.30
C ASP A 316 6.78 6.35 -10.86
N ASN A 317 6.48 7.27 -9.95
CA ASN A 317 6.66 7.03 -8.53
C ASN A 317 5.36 7.39 -7.80
N LYS A 318 5.43 7.68 -6.50
CA LYS A 318 4.26 8.08 -5.75
C LYS A 318 4.41 9.49 -5.18
N LEU A 319 5.05 10.37 -5.95
CA LEU A 319 5.44 11.69 -5.46
C LEU A 319 4.24 12.61 -5.38
N VAL A 320 4.23 13.48 -4.37
CA VAL A 320 3.13 14.41 -4.12
C VAL A 320 3.60 15.85 -4.16
N GLY A 321 2.67 16.77 -3.92
CA GLY A 321 3.04 18.15 -3.77
C GLY A 321 3.33 18.85 -5.09
N THR A 322 4.09 19.92 -4.97
CA THR A 322 4.29 20.90 -6.01
C THR A 322 5.56 20.60 -6.82
N ILE A 323 5.56 21.05 -8.07
CA ILE A 323 6.77 21.08 -8.88
C ILE A 323 7.59 22.29 -8.43
N PRO A 324 8.79 22.08 -7.89
CA PRO A 324 9.55 23.19 -7.32
C PRO A 324 9.92 24.21 -8.37
N PRO A 325 9.63 25.50 -8.12
CA PRO A 325 10.19 26.56 -8.96
C PRO A 325 11.70 26.52 -8.98
N GLU A 326 12.32 25.87 -7.99
CA GLU A 326 13.77 25.78 -7.88
C GLU A 326 14.39 25.15 -9.11
N LEU A 327 13.65 24.30 -9.83
CA LEU A 327 14.22 23.71 -11.04
C LEU A 327 14.50 24.75 -12.11
N GLY A 328 14.01 25.98 -11.93
CA GLY A 328 14.44 27.09 -12.76
C GLY A 328 15.92 27.32 -12.71
N LYS A 329 16.59 26.85 -11.65
CA LYS A 329 18.04 27.02 -11.51
C LYS A 329 18.83 26.08 -12.41
N LEU A 330 18.33 24.87 -12.62
CA LEU A 330 19.08 23.88 -13.38
C LEU A 330 19.24 24.36 -14.82
N GLU A 331 20.34 25.08 -15.06
CA GLU A 331 20.63 25.72 -16.34
C GLU A 331 21.01 24.73 -17.42
N GLN A 332 21.28 23.48 -17.08
CA GLN A 332 21.69 22.49 -18.06
C GLN A 332 20.66 21.39 -18.26
N LEU A 333 19.51 21.47 -17.60
CA LEU A 333 18.48 20.44 -17.70
C LEU A 333 18.02 20.22 -19.15
N PHE A 334 18.34 19.06 -19.70
CA PHE A 334 17.91 18.78 -21.06
C PHE A 334 16.59 18.04 -21.09
N GLU A 335 16.32 17.25 -20.06
CA GLU A 335 15.18 16.37 -20.08
C GLU A 335 14.64 16.29 -18.66
N LEU A 336 13.37 16.66 -18.50
CA LEU A 336 12.65 16.59 -17.22
C LEU A 336 11.45 15.68 -17.42
N ASN A 337 11.37 14.64 -16.60
CA ASN A 337 10.24 13.72 -16.74
C ASN A 337 9.67 13.43 -15.37
N LEU A 338 8.47 13.97 -15.11
CA LEU A 338 7.77 13.80 -13.84
C LEU A 338 6.47 13.01 -14.02
N ALA A 339 6.33 12.27 -15.11
CA ALA A 339 5.06 11.66 -15.43
C ALA A 339 4.66 10.68 -14.34
N ASN A 340 3.35 10.41 -14.28
CA ASN A 340 2.74 9.37 -13.45
C ASN A 340 3.18 9.43 -11.99
N ASN A 341 2.97 10.59 -11.38
CA ASN A 341 3.00 10.71 -9.93
C ASN A 341 1.65 11.21 -9.41
N ARG A 342 1.64 11.88 -8.25
CA ARG A 342 0.47 12.57 -7.72
C ARG A 342 0.77 14.05 -7.47
N LEU A 343 1.56 14.65 -8.35
CA LEU A 343 1.85 16.07 -8.27
C LEU A 343 0.58 16.88 -8.46
N VAL A 344 0.45 17.95 -7.67
CA VAL A 344 -0.67 18.88 -7.82
C VAL A 344 -0.08 20.26 -8.05
N GLY A 345 -0.94 21.28 -8.12
CA GLY A 345 -0.53 22.65 -8.30
C GLY A 345 -0.15 22.94 -9.73
N PRO A 346 0.10 24.21 -10.04
CA PRO A 346 0.45 24.61 -11.40
C PRO A 346 1.94 24.54 -11.69
N ILE A 347 2.24 24.29 -12.96
CA ILE A 347 3.60 24.49 -13.49
C ILE A 347 4.11 25.85 -13.05
N PRO A 348 5.28 25.93 -12.42
CA PRO A 348 5.81 27.24 -12.02
C PRO A 348 6.33 27.99 -13.22
N SER A 349 6.17 29.29 -13.21
CA SER A 349 6.63 30.06 -14.37
C SER A 349 8.13 30.02 -14.51
N ASN A 350 8.85 29.99 -13.39
CA ASN A 350 10.31 30.01 -13.40
C ASN A 350 10.88 28.86 -14.21
N ILE A 351 10.07 27.85 -14.54
CA ILE A 351 10.57 26.73 -15.32
C ILE A 351 11.02 27.19 -16.70
N SER A 352 10.50 28.32 -17.18
CA SER A 352 10.97 28.94 -18.42
C SER A 352 12.42 29.40 -18.34
N SER A 353 13.02 29.40 -17.15
CA SER A 353 14.44 29.65 -17.02
C SER A 353 15.30 28.52 -17.60
N CYS A 354 14.74 27.30 -17.69
CA CYS A 354 15.48 26.18 -18.28
C CYS A 354 15.57 26.37 -19.79
N ALA A 355 16.44 27.29 -20.19
CA ALA A 355 16.54 27.72 -21.57
C ALA A 355 16.94 26.62 -22.54
N ALA A 356 17.52 25.52 -22.04
CA ALA A 356 18.04 24.45 -22.88
C ALA A 356 17.18 23.20 -22.83
N LEU A 357 16.10 23.22 -22.05
CA LEU A 357 15.22 22.07 -21.93
C LEU A 357 14.74 21.56 -23.30
N ASN A 358 14.87 20.25 -23.51
CA ASN A 358 14.46 19.59 -24.75
C ASN A 358 13.16 18.82 -24.59
N GLN A 359 12.96 18.18 -23.43
CA GLN A 359 11.82 17.32 -23.17
C GLN A 359 11.21 17.67 -21.84
N PHE A 360 9.91 17.95 -21.84
CA PHE A 360 9.19 18.21 -20.60
C PHE A 360 8.01 17.25 -20.58
N ASN A 361 8.03 16.28 -19.67
CA ASN A 361 6.95 15.30 -19.58
C ASN A 361 6.40 15.32 -18.16
N VAL A 362 5.11 15.67 -18.03
CA VAL A 362 4.40 15.65 -16.76
C VAL A 362 3.07 14.90 -16.90
N HIS A 363 2.94 14.07 -17.95
CA HIS A 363 1.76 13.24 -18.15
C HIS A 363 1.31 12.57 -16.87
N GLY A 364 0.00 12.43 -16.70
CA GLY A 364 -0.51 11.57 -15.64
C GLY A 364 -0.29 12.10 -14.24
N ASN A 365 -0.50 13.37 -14.02
CA ASN A 365 -0.47 13.89 -12.67
C ASN A 365 -1.82 14.54 -12.35
N LEU A 366 -1.84 15.31 -11.27
CA LEU A 366 -2.99 16.13 -10.92
C LEU A 366 -2.71 17.63 -11.07
N LEU A 367 -1.74 17.95 -11.91
CA LEU A 367 -1.33 19.30 -12.11
C LEU A 367 -2.50 20.12 -12.49
N SER A 368 -2.38 21.43 -12.34
CA SER A 368 -3.49 22.28 -12.58
C SER A 368 -3.09 23.63 -13.13
N GLY A 369 -3.98 24.59 -13.10
CA GLY A 369 -3.69 25.95 -13.55
C GLY A 369 -3.60 26.08 -15.03
N SER A 370 -3.00 27.14 -15.54
CA SER A 370 -2.84 27.25 -16.98
C SER A 370 -1.37 27.07 -17.34
N ILE A 371 -1.12 26.79 -18.62
CA ILE A 371 0.22 26.83 -19.19
C ILE A 371 0.82 28.21 -18.98
N PRO A 372 1.82 28.37 -18.12
CA PRO A 372 2.38 29.71 -17.90
C PRO A 372 2.98 30.26 -19.19
N LEU A 373 2.66 31.51 -19.49
CA LEU A 373 3.01 32.00 -20.81
C LEU A 373 4.50 32.20 -20.98
N ALA A 374 5.20 32.36 -19.89
CA ALA A 374 6.63 32.49 -19.95
C ALA A 374 7.22 31.31 -20.69
N PHE A 375 6.40 30.36 -21.10
CA PHE A 375 6.90 29.20 -21.80
C PHE A 375 7.50 29.48 -23.15
N ARG A 376 7.09 30.56 -23.80
CA ARG A 376 7.63 31.04 -25.02
C ARG A 376 9.13 31.08 -24.92
N ASN A 377 9.67 31.13 -23.72
CA ASN A 377 11.12 31.25 -23.61
C ASN A 377 11.85 29.92 -23.76
N LEU A 378 11.13 28.84 -24.03
CA LEU A 378 11.72 27.50 -24.14
C LEU A 378 11.88 27.10 -25.60
N GLY A 379 12.70 27.87 -26.31
CA GLY A 379 12.98 27.63 -27.71
C GLY A 379 13.75 26.36 -28.00
N SER A 380 14.14 25.59 -27.00
CA SER A 380 14.81 24.32 -27.28
C SER A 380 13.85 23.14 -27.30
N LEU A 381 12.61 23.33 -26.84
CA LEU A 381 11.71 22.21 -26.59
C LEU A 381 11.41 21.41 -27.86
N THR A 382 11.76 20.13 -27.82
CA THR A 382 11.43 19.13 -28.84
C THR A 382 10.14 18.39 -28.51
N TYR A 383 9.83 18.23 -27.23
CA TYR A 383 8.84 17.26 -26.80
C TYR A 383 8.14 17.83 -25.58
N LEU A 384 6.82 17.98 -25.68
CA LEU A 384 6.03 18.55 -24.60
C LEU A 384 4.84 17.62 -24.33
N ASN A 385 4.79 17.04 -23.14
CA ASN A 385 3.69 16.16 -22.76
C ASN A 385 3.10 16.71 -21.46
N LEU A 386 1.92 17.31 -21.55
CA LEU A 386 1.12 17.67 -20.37
C LEU A 386 -0.13 16.83 -20.27
N SER A 387 -0.26 15.81 -21.12
CA SER A 387 -1.46 15.00 -21.22
C SER A 387 -1.86 14.41 -19.86
N SER A 388 -3.15 14.12 -19.74
CA SER A 388 -3.74 13.44 -18.58
C SER A 388 -3.48 14.21 -17.28
N ASN A 389 -3.78 15.51 -17.31
CA ASN A 389 -3.81 16.34 -16.11
C ASN A 389 -5.14 17.09 -16.05
N ASN A 390 -5.17 18.19 -15.29
CA ASN A 390 -6.36 19.02 -15.16
C ASN A 390 -6.00 20.47 -15.50
N PHE A 391 -5.30 20.67 -16.59
CA PHE A 391 -4.90 22.01 -17.01
C PHE A 391 -6.09 22.76 -17.60
N LYS A 392 -6.13 24.07 -17.38
CA LYS A 392 -7.22 24.94 -17.83
C LYS A 392 -6.72 26.03 -18.77
N GLY A 393 -7.68 26.74 -19.35
CA GLY A 393 -7.41 27.97 -20.07
C GLY A 393 -7.26 27.78 -21.56
N LYS A 394 -6.74 28.83 -22.19
CA LYS A 394 -6.49 28.81 -23.62
C LYS A 394 -5.10 28.25 -23.89
N ILE A 395 -4.98 27.54 -25.02
CA ILE A 395 -3.66 27.16 -25.48
C ILE A 395 -2.91 28.44 -25.81
N PRO A 396 -1.79 28.71 -25.15
CA PRO A 396 -1.05 29.94 -25.45
C PRO A 396 -0.70 30.02 -26.93
N VAL A 397 -1.00 31.17 -27.53
CA VAL A 397 -0.60 31.43 -28.91
C VAL A 397 0.91 31.25 -29.09
N GLU A 398 1.69 31.74 -28.11
CA GLU A 398 3.14 31.67 -28.13
C GLU A 398 3.67 30.25 -28.29
N LEU A 399 2.89 29.24 -27.89
CA LEU A 399 3.27 27.85 -28.13
C LEU A 399 3.64 27.61 -29.58
N GLY A 400 3.15 28.46 -30.50
CA GLY A 400 3.43 28.26 -31.90
C GLY A 400 4.84 28.65 -32.32
N HIS A 401 5.53 29.45 -31.50
CA HIS A 401 6.85 29.92 -31.89
C HIS A 401 7.97 29.09 -31.29
N ILE A 402 7.64 27.98 -30.65
CA ILE A 402 8.63 27.02 -30.16
C ILE A 402 9.08 26.16 -31.33
N ILE A 403 10.14 26.62 -32.01
CA ILE A 403 10.36 26.29 -33.41
C ILE A 403 10.48 24.79 -33.61
N ASN A 404 11.30 24.11 -32.82
CA ASN A 404 11.64 22.71 -33.08
C ASN A 404 10.86 21.73 -32.21
N LEU A 405 9.61 22.03 -31.88
CA LEU A 405 8.69 21.03 -31.33
C LEU A 405 8.32 20.01 -32.39
N ASP A 406 8.48 18.73 -32.06
CA ASP A 406 7.98 17.69 -32.94
C ASP A 406 6.97 16.76 -32.29
N LYS A 407 6.82 16.79 -30.97
CA LYS A 407 5.77 16.04 -30.30
C LYS A 407 5.08 16.98 -29.32
N LEU A 408 3.80 17.25 -29.56
CA LEU A 408 3.03 18.16 -28.71
C LEU A 408 1.78 17.42 -28.26
N ASP A 409 1.70 17.12 -26.97
CA ASP A 409 0.61 16.33 -26.42
C ASP A 409 0.03 17.07 -25.22
N LEU A 410 -1.16 17.64 -25.41
CA LEU A 410 -1.94 18.32 -24.38
C LEU A 410 -3.22 17.57 -24.07
N SER A 411 -3.34 16.34 -24.54
CA SER A 411 -4.60 15.61 -24.50
C SER A 411 -5.03 15.32 -23.07
N GLY A 412 -6.36 15.29 -22.86
CA GLY A 412 -6.89 14.86 -21.58
C GLY A 412 -6.88 15.90 -20.50
N ASN A 413 -7.08 17.16 -20.86
CA ASN A 413 -7.07 18.27 -19.92
C ASN A 413 -8.39 19.02 -20.07
N ASN A 414 -8.45 20.26 -19.60
CA ASN A 414 -9.62 21.10 -19.78
C ASN A 414 -9.27 22.35 -20.55
N PHE A 415 -8.46 22.20 -21.58
CA PHE A 415 -8.12 23.33 -22.43
C PHE A 415 -9.37 23.82 -23.17
N SER A 416 -9.61 25.12 -23.09
CA SER A 416 -10.77 25.74 -23.68
C SER A 416 -10.33 26.84 -24.63
N GLY A 417 -11.31 27.49 -25.25
CA GLY A 417 -11.00 28.53 -26.21
C GLY A 417 -10.92 27.95 -27.60
N SER A 418 -9.94 28.38 -28.39
CA SER A 418 -9.82 27.89 -29.75
C SER A 418 -8.36 27.55 -30.04
N ILE A 419 -8.17 26.59 -30.93
CA ILE A 419 -6.85 26.25 -31.43
C ILE A 419 -6.16 27.51 -31.89
N PRO A 420 -4.98 27.84 -31.35
CA PRO A 420 -4.24 28.99 -31.87
C PRO A 420 -3.67 28.66 -33.25
N LEU A 421 -3.86 29.59 -34.18
CA LEU A 421 -3.39 29.43 -35.54
C LEU A 421 -1.88 29.25 -35.58
N THR A 422 -1.18 29.73 -34.56
CA THR A 422 0.28 29.67 -34.58
C THR A 422 0.78 28.23 -34.52
N LEU A 423 -0.08 27.27 -34.12
CA LEU A 423 0.35 25.87 -34.16
C LEU A 423 0.69 25.45 -35.57
N GLY A 424 0.02 26.04 -36.57
CA GLY A 424 0.29 25.70 -37.96
C GLY A 424 1.68 26.08 -38.43
N ASP A 425 2.42 26.82 -37.60
CA ASP A 425 3.77 27.27 -37.90
C ASP A 425 4.83 26.25 -37.51
N LEU A 426 4.46 25.25 -36.72
CA LEU A 426 5.38 24.19 -36.29
C LEU A 426 5.69 23.24 -37.45
N GLU A 427 6.67 23.63 -38.26
CA GLU A 427 7.02 22.88 -39.47
C GLU A 427 7.76 21.58 -39.18
N HIS A 428 8.15 21.36 -37.93
CA HIS A 428 8.82 20.14 -37.55
C HIS A 428 7.94 19.20 -36.74
N LEU A 429 6.81 19.69 -36.23
CA LEU A 429 5.88 18.88 -35.48
C LEU A 429 5.56 17.58 -36.21
N LEU A 430 5.68 16.45 -35.50
CA LEU A 430 5.31 15.16 -36.04
C LEU A 430 3.96 14.68 -35.50
N ILE A 431 3.73 14.87 -34.20
CA ILE A 431 2.48 14.46 -33.56
C ILE A 431 1.89 15.67 -32.85
N LEU A 432 0.61 15.93 -33.12
CA LEU A 432 -0.15 16.96 -32.42
C LEU A 432 -1.39 16.27 -31.86
N ASN A 433 -1.45 16.09 -30.54
CA ASN A 433 -2.63 15.49 -29.93
C ASN A 433 -3.20 16.49 -28.91
N LEU A 434 -4.41 16.97 -29.19
CA LEU A 434 -5.15 17.89 -28.32
C LEU A 434 -6.47 17.27 -27.85
N SER A 435 -6.58 15.95 -27.96
CA SER A 435 -7.84 15.25 -27.75
C SER A 435 -8.31 15.38 -26.31
N ARG A 436 -9.61 15.10 -26.12
CA ARG A 436 -10.25 15.07 -24.81
C ARG A 436 -10.05 16.37 -24.04
N ASN A 437 -10.31 17.51 -24.72
CA ASN A 437 -10.35 18.84 -24.10
C ASN A 437 -11.70 19.54 -24.32
N HIS A 438 -11.80 20.85 -24.11
CA HIS A 438 -13.02 21.60 -24.42
C HIS A 438 -12.76 22.65 -25.47
N LEU A 439 -11.89 22.33 -26.41
CA LEU A 439 -11.52 23.27 -27.46
C LEU A 439 -12.70 23.51 -28.38
N SER A 440 -12.91 24.78 -28.73
CA SER A 440 -14.02 25.17 -29.58
C SER A 440 -13.52 26.00 -30.74
N GLY A 441 -14.42 26.59 -31.50
CA GLY A 441 -13.98 27.34 -32.64
C GLY A 441 -13.68 26.37 -33.77
N GLN A 442 -13.01 26.85 -34.80
CA GLN A 442 -12.86 25.99 -35.96
C GLN A 442 -11.45 25.43 -36.08
N LEU A 443 -11.39 24.24 -36.67
CA LEU A 443 -10.25 23.51 -37.19
C LEU A 443 -9.41 24.41 -38.11
N PRO A 444 -8.26 24.89 -37.66
CA PRO A 444 -7.52 25.90 -38.44
C PRO A 444 -7.02 25.34 -39.77
N ALA A 445 -7.30 26.08 -40.84
CA ALA A 445 -6.76 25.70 -42.14
C ALA A 445 -5.24 25.81 -42.18
N GLU A 446 -4.63 26.52 -41.23
CA GLU A 446 -3.19 26.68 -41.16
C GLU A 446 -2.48 25.41 -40.70
N PHE A 447 -3.24 24.41 -40.21
CA PHE A 447 -2.69 23.06 -40.13
C PHE A 447 -2.24 22.57 -41.49
N GLY A 448 -2.67 23.21 -42.57
CA GLY A 448 -2.18 22.90 -43.88
C GLY A 448 -0.70 23.14 -44.04
N ASN A 449 -0.10 23.92 -43.14
CA ASN A 449 1.35 24.17 -43.21
C ASN A 449 2.14 23.27 -42.26
N LEU A 450 1.53 22.20 -41.73
CA LEU A 450 2.25 21.25 -40.86
C LEU A 450 2.91 20.19 -41.74
N ARG A 451 4.04 20.55 -42.34
CA ARG A 451 4.58 19.76 -43.44
C ARG A 451 5.09 18.41 -42.97
N SER A 452 5.68 18.34 -41.79
CA SER A 452 6.19 17.06 -41.32
C SER A 452 5.08 16.18 -40.73
N ILE A 453 3.96 16.77 -40.36
CA ILE A 453 3.02 16.14 -39.43
C ILE A 453 2.68 14.74 -39.90
N GLN A 454 2.59 13.85 -38.94
CA GLN A 454 2.25 12.49 -39.21
C GLN A 454 0.95 12.14 -38.55
N MET A 455 0.65 12.76 -37.42
CA MET A 455 -0.57 12.45 -36.69
C MET A 455 -1.27 13.60 -36.05
N ILE A 456 -2.50 13.87 -36.43
CA ILE A 456 -3.26 14.93 -35.82
C ILE A 456 -4.45 14.35 -35.15
N ASP A 457 -4.56 14.53 -33.86
CA ASP A 457 -5.71 14.03 -33.12
C ASP A 457 -6.28 15.18 -32.30
N VAL A 458 -7.48 15.61 -32.67
CA VAL A 458 -8.25 16.63 -31.95
C VAL A 458 -9.63 16.09 -31.57
N SER A 459 -9.77 14.78 -31.51
CA SER A 459 -11.02 14.17 -31.14
C SER A 459 -11.48 14.62 -29.76
N PHE A 460 -12.80 14.57 -29.55
CA PHE A 460 -13.43 14.84 -28.27
C PHE A 460 -13.19 16.27 -27.80
N ASN A 461 -13.50 17.22 -28.69
CA ASN A 461 -13.62 18.63 -28.32
C ASN A 461 -14.98 19.16 -28.83
N LEU A 462 -15.11 20.49 -28.89
CA LEU A 462 -16.32 21.13 -29.40
C LEU A 462 -16.03 21.83 -30.73
N LEU A 463 -15.16 21.28 -31.55
CA LEU A 463 -14.74 21.97 -32.77
C LEU A 463 -15.90 22.05 -33.74
N SER A 464 -16.22 23.26 -34.19
CA SER A 464 -17.30 23.48 -35.13
C SER A 464 -16.70 23.81 -36.49
N GLY A 465 -17.57 23.96 -37.49
CA GLY A 465 -17.15 24.37 -38.82
C GLY A 465 -16.93 23.22 -39.79
N VAL A 466 -16.19 23.53 -40.84
CA VAL A 466 -15.92 22.57 -41.90
C VAL A 466 -14.52 22.00 -41.72
N ILE A 467 -14.24 20.90 -42.41
CA ILE A 467 -12.88 20.38 -42.46
C ILE A 467 -12.16 21.14 -43.57
N PRO A 468 -11.09 21.85 -43.24
CA PRO A 468 -10.43 22.72 -44.22
C PRO A 468 -9.86 21.92 -45.39
N THR A 469 -9.91 22.54 -46.56
CA THR A 469 -9.29 21.93 -47.74
C THR A 469 -7.80 21.72 -47.55
N GLU A 470 -7.18 22.57 -46.73
CA GLU A 470 -5.72 22.66 -46.69
C GLU A 470 -5.05 21.39 -46.16
N LEU A 471 -5.75 20.57 -45.38
CA LEU A 471 -5.08 19.36 -44.90
C LEU A 471 -4.79 18.40 -46.04
N GLY A 472 -5.44 18.61 -47.19
CA GLY A 472 -5.13 17.82 -48.38
C GLY A 472 -3.71 18.00 -48.85
N GLN A 473 -3.04 19.07 -48.41
CA GLN A 473 -1.63 19.29 -48.72
C GLN A 473 -0.71 18.42 -47.88
N LEU A 474 -1.12 18.01 -46.68
CA LEU A 474 -0.23 17.30 -45.75
C LEU A 474 0.16 15.94 -46.31
N GLN A 475 1.41 15.80 -46.72
CA GLN A 475 1.90 14.65 -47.45
C GLN A 475 2.41 13.52 -46.56
N ASN A 476 2.69 13.80 -45.29
CA ASN A 476 3.16 12.76 -44.38
C ASN A 476 2.12 12.36 -43.35
N LEU A 477 0.91 12.89 -43.44
CA LEU A 477 -0.11 12.65 -42.45
C LEU A 477 -0.71 11.27 -42.66
N ASN A 478 -0.66 10.43 -41.62
CA ASN A 478 -1.20 9.08 -41.68
C ASN A 478 -2.35 8.81 -40.71
N SER A 479 -2.68 9.74 -39.82
CA SER A 479 -3.82 9.62 -38.92
C SER A 479 -4.43 11.00 -38.73
N LEU A 480 -5.66 11.16 -39.17
CA LEU A 480 -6.42 12.38 -38.95
C LEU A 480 -7.59 11.93 -38.10
N ILE A 481 -7.53 12.18 -36.80
CA ILE A 481 -8.52 11.69 -35.86
C ILE A 481 -9.33 12.91 -35.42
N LEU A 482 -10.54 13.03 -35.96
CA LEU A 482 -11.38 14.21 -35.76
C LEU A 482 -12.73 13.86 -35.15
N ASN A 483 -12.89 12.64 -34.64
CA ASN A 483 -14.19 12.22 -34.17
C ASN A 483 -14.64 13.02 -32.96
N ASN A 484 -15.95 13.00 -32.74
CA ASN A 484 -16.59 13.52 -31.55
C ASN A 484 -16.39 15.03 -31.35
N ASN A 485 -16.56 15.78 -32.44
CA ASN A 485 -16.71 17.22 -32.33
C ASN A 485 -18.08 17.58 -32.89
N LYS A 486 -18.23 18.77 -33.42
CA LYS A 486 -19.44 19.15 -34.15
C LYS A 486 -19.06 19.73 -35.49
N LEU A 487 -18.17 19.03 -36.18
CA LEU A 487 -17.84 19.39 -37.54
C LEU A 487 -19.06 19.18 -38.44
N HIS A 488 -19.16 19.98 -39.49
CA HIS A 488 -20.26 19.89 -40.43
C HIS A 488 -19.69 20.17 -41.81
N GLY A 489 -20.50 19.95 -42.83
CA GLY A 489 -20.04 20.07 -44.19
C GLY A 489 -19.66 18.72 -44.78
N LYS A 490 -19.34 18.76 -46.07
CA LYS A 490 -18.86 17.58 -46.74
C LYS A 490 -17.37 17.39 -46.45
N ILE A 491 -16.97 16.14 -46.36
CA ILE A 491 -15.55 15.77 -46.30
C ILE A 491 -14.94 16.28 -47.61
N PRO A 492 -13.99 17.21 -47.55
CA PRO A 492 -13.39 17.74 -48.78
C PRO A 492 -12.76 16.62 -49.57
N ASP A 493 -12.81 16.75 -50.89
CA ASP A 493 -12.22 15.72 -51.72
C ASP A 493 -10.69 15.79 -51.78
N GLN A 494 -10.07 16.90 -51.35
CA GLN A 494 -8.61 17.01 -51.41
C GLN A 494 -7.93 16.06 -50.44
N LEU A 495 -8.68 15.46 -49.51
CA LEU A 495 -8.14 14.35 -48.73
C LEU A 495 -7.85 13.12 -49.59
N THR A 496 -8.12 13.18 -50.91
CA THR A 496 -7.56 12.17 -51.81
C THR A 496 -6.04 12.31 -51.91
N ASN A 497 -5.55 13.57 -51.91
CA ASN A 497 -4.14 13.88 -52.09
C ASN A 497 -3.31 13.51 -50.87
N CYS A 498 -3.91 12.90 -49.86
CA CYS A 498 -3.20 12.38 -48.69
C CYS A 498 -2.86 10.92 -48.95
N PHE A 499 -1.72 10.75 -49.60
CA PHE A 499 -1.19 9.41 -49.91
C PHE A 499 -1.08 8.54 -48.68
N THR A 500 -0.21 8.93 -47.75
CA THR A 500 0.13 8.13 -46.61
C THR A 500 -1.02 8.07 -45.59
N LEU A 501 -2.04 8.90 -45.74
CA LEU A 501 -3.18 8.81 -44.82
C LEU A 501 -3.69 7.38 -44.80
N VAL A 502 -3.75 6.79 -43.62
CA VAL A 502 -4.10 5.38 -43.56
C VAL A 502 -5.12 5.18 -42.45
N ASN A 503 -5.32 6.19 -41.63
CA ASN A 503 -6.26 6.09 -40.52
C ASN A 503 -6.99 7.41 -40.34
N LEU A 504 -8.29 7.40 -40.66
CA LEU A 504 -9.14 8.58 -40.53
C LEU A 504 -10.28 8.26 -39.58
N ASN A 505 -10.72 9.26 -38.82
CA ASN A 505 -11.85 9.05 -37.92
C ASN A 505 -12.57 10.38 -37.81
N VAL A 506 -13.77 10.45 -38.38
CA VAL A 506 -14.67 11.59 -38.36
C VAL A 506 -16.04 11.23 -37.80
N SER A 507 -16.16 10.08 -37.15
CA SER A 507 -17.47 9.70 -36.68
C SER A 507 -17.97 10.71 -35.67
N PHE A 508 -19.30 10.75 -35.49
CA PHE A 508 -19.93 11.56 -34.47
C PHE A 508 -19.59 13.05 -34.62
N ASN A 509 -19.81 13.57 -35.83
CA ASN A 509 -19.89 15.00 -36.03
C ASN A 509 -21.25 15.26 -36.67
N ASN A 510 -21.41 16.31 -37.48
CA ASN A 510 -22.59 16.47 -38.32
C ASN A 510 -22.17 16.69 -39.77
N LEU A 511 -21.36 15.77 -40.29
CA LEU A 511 -20.92 15.84 -41.67
C LEU A 511 -22.03 15.35 -42.59
N SER A 512 -21.89 15.68 -43.87
CA SER A 512 -22.94 15.35 -44.82
C SER A 512 -22.33 15.15 -46.21
N GLY A 513 -23.14 14.57 -47.08
CA GLY A 513 -22.72 14.19 -48.42
C GLY A 513 -22.32 12.73 -48.49
N ILE A 514 -21.74 12.38 -49.62
CA ILE A 514 -21.13 11.06 -49.76
C ILE A 514 -19.65 11.24 -49.48
N VAL A 515 -19.04 10.23 -48.87
CA VAL A 515 -17.61 10.21 -48.61
C VAL A 515 -16.88 10.35 -49.95
N PRO A 516 -16.04 11.37 -50.13
CA PRO A 516 -15.45 11.58 -51.44
C PRO A 516 -14.72 10.33 -51.88
N PRO A 517 -14.67 10.14 -53.18
CA PRO A 517 -14.02 8.97 -53.74
C PRO A 517 -12.49 9.05 -53.67
N MET A 518 -11.99 9.77 -52.67
CA MET A 518 -10.56 9.85 -52.39
C MET A 518 -10.50 8.87 -51.26
N ALA A 519 -10.63 7.60 -51.61
CA ALA A 519 -10.64 6.55 -50.64
C ALA A 519 -9.41 5.65 -50.67
N ASN A 520 -8.42 6.01 -49.86
CA ASN A 520 -7.19 5.24 -49.72
C ASN A 520 -7.24 4.29 -48.51
N PHE A 521 -8.16 3.33 -48.55
CA PHE A 521 -8.34 2.35 -47.48
C PHE A 521 -7.32 1.22 -47.67
N SER A 522 -6.06 1.53 -47.36
CA SER A 522 -5.02 0.51 -47.27
C SER A 522 -4.98 -0.18 -45.92
N ARG A 523 -5.64 0.39 -44.91
CA ARG A 523 -5.78 -0.20 -43.59
C ARG A 523 -7.12 0.28 -42.99
N ALA B 1 -22.24 23.55 5.79
CA ALA B 1 -22.37 24.91 6.31
C ALA B 1 -21.85 24.96 7.74
N GLY B 2 -22.15 23.92 8.50
CA GLY B 2 -21.63 23.71 9.84
C GLY B 2 -22.72 23.66 10.89
N SER B 3 -22.27 23.43 12.13
CA SER B 3 -23.14 23.50 13.31
C SER B 3 -22.34 24.15 14.41
N ARG B 4 -23.03 24.54 15.48
CA ARG B 4 -22.35 25.09 16.64
C ARG B 4 -23.10 24.72 17.89
N LEU B 5 -22.48 25.03 19.03
CA LEU B 5 -22.98 24.58 20.31
C LEU B 5 -24.32 25.24 20.61
N PRO B 6 -25.30 24.49 21.10
CA PRO B 6 -26.62 25.09 21.35
C PRO B 6 -26.51 26.19 22.39
N ASP B 7 -27.09 27.33 22.08
CA ASP B 7 -27.11 28.49 22.95
C ASP B 7 -28.46 28.54 23.66
N CYS B 8 -28.45 28.38 24.98
CA CYS B 8 -29.67 28.21 25.77
C CYS B 8 -30.17 29.50 26.40
N SER B 9 -29.62 30.67 26.01
CA SER B 9 -29.82 31.88 26.82
C SER B 9 -31.29 32.29 26.96
N HIS B 10 -32.14 31.91 26.01
CA HIS B 10 -33.56 32.27 26.07
C HIS B 10 -34.47 31.07 25.79
N ALA B 11 -34.03 29.85 26.09
CA ALA B 11 -34.72 28.63 25.68
C ALA B 11 -35.60 28.01 26.77
N CYS B 12 -35.70 28.62 27.95
CA CYS B 12 -36.53 28.08 29.03
C CYS B 12 -37.69 29.02 29.40
N GLY B 13 -38.27 29.68 28.42
CA GLY B 13 -39.40 30.56 28.67
C GLY B 13 -39.03 31.73 29.58
N SER B 14 -39.70 31.82 30.74
CA SER B 14 -39.40 32.87 31.71
C SER B 14 -38.68 32.33 32.93
N CYS B 15 -37.97 31.30 32.75
CA CYS B 15 -36.96 30.90 33.71
C CYS B 15 -35.65 31.50 33.28
N SER B 16 -34.92 32.14 34.20
CA SER B 16 -33.85 33.04 33.79
C SER B 16 -32.52 32.29 33.67
N PRO B 17 -31.98 31.62 34.73
CA PRO B 17 -30.68 30.95 34.53
C PRO B 17 -30.79 29.69 33.67
N CYS B 18 -30.98 29.88 32.36
CA CYS B 18 -31.13 28.81 31.38
C CYS B 18 -29.74 28.52 30.80
N ARG B 19 -29.23 27.30 31.04
CA ARG B 19 -27.83 26.99 30.80
C ARG B 19 -27.72 25.61 30.17
N LEU B 20 -26.72 25.44 29.31
CA LEU B 20 -26.59 24.20 28.56
C LEU B 20 -26.09 23.09 29.47
N VAL B 21 -26.64 21.88 29.26
CA VAL B 21 -26.39 20.71 30.10
C VAL B 21 -26.39 19.48 29.21
N MET B 22 -25.40 18.61 29.39
CA MET B 22 -25.37 17.44 28.54
C MET B 22 -25.99 16.22 29.21
N VAL B 23 -26.36 15.26 28.38
CA VAL B 23 -27.21 14.14 28.74
C VAL B 23 -26.50 12.87 28.32
N SER B 24 -26.70 11.80 29.08
CA SER B 24 -26.24 10.47 28.70
C SER B 24 -27.43 9.53 28.56
N PHE B 25 -27.40 8.73 27.50
CA PHE B 25 -28.40 7.67 27.29
C PHE B 25 -27.78 6.30 27.57
N CYS B 36 -21.83 5.09 25.28
CA CYS B 36 -23.17 5.68 25.28
C CYS B 36 -23.23 7.00 24.51
N PRO B 37 -24.37 7.27 23.85
CA PRO B 37 -24.46 8.47 23.01
C PRO B 37 -24.80 9.69 23.86
N MET B 38 -24.65 10.87 23.24
CA MET B 38 -24.67 12.11 24.02
C MET B 38 -25.47 13.14 23.25
N ALA B 39 -26.32 13.87 23.97
CA ALA B 39 -27.15 14.92 23.40
C ALA B 39 -27.25 16.09 24.39
N TYR B 40 -27.74 17.23 23.90
CA TYR B 40 -27.84 18.43 24.73
C TYR B 40 -29.27 18.64 25.19
N LYS B 41 -29.41 19.22 26.37
CA LYS B 41 -30.62 19.91 26.72
C LYS B 41 -30.24 21.23 27.39
N CYS B 42 -31.25 22.03 27.66
CA CYS B 42 -31.10 23.31 28.30
C CYS B 42 -31.76 23.16 29.65
N MET B 43 -31.19 23.74 30.70
CA MET B 43 -31.73 23.58 32.04
C MET B 43 -31.79 24.86 32.87
N CYS B 44 -32.90 25.07 33.56
CA CYS B 44 -33.02 26.21 34.43
C CYS B 44 -33.72 25.79 35.70
N ASN B 45 -32.99 25.92 36.80
CA ASN B 45 -33.49 25.63 38.10
C ASN B 45 -34.15 24.28 38.26
N ASN B 46 -33.39 23.28 37.84
CA ASN B 46 -33.64 21.84 37.90
C ASN B 46 -34.52 21.22 36.88
N LYS B 47 -35.05 22.02 35.97
CA LYS B 47 -35.95 21.49 34.97
C LYS B 47 -35.39 21.60 33.57
N SER B 48 -35.58 20.52 32.84
CA SER B 48 -35.11 20.39 31.48
C SER B 48 -36.02 20.97 30.43
N TYR B 49 -35.41 21.62 29.47
CA TYR B 49 -36.04 22.22 28.31
C TYR B 49 -35.20 21.79 27.11
N PRO B 50 -35.76 21.79 25.90
CA PRO B 50 -34.98 21.37 24.74
C PRO B 50 -34.11 22.49 24.17
N VAL B 51 -33.00 22.09 23.57
CA VAL B 51 -32.08 23.05 22.96
C VAL B 51 -32.74 23.75 21.77
N PRO B 52 -32.42 25.03 21.52
CA PRO B 52 -32.95 25.75 20.35
C PRO B 52 -32.73 25.04 19.04
N ALA C 1 31.43 7.90 4.00
CA ALA C 1 32.39 8.96 4.24
C ALA C 1 32.24 9.99 3.13
N GLY C 2 31.99 9.48 1.94
CA GLY C 2 31.75 10.24 0.73
C GLY C 2 32.72 10.25 -0.42
N SER C 3 32.50 11.17 -1.34
CA SER C 3 33.37 11.39 -2.48
C SER C 3 33.43 12.86 -2.88
N ARG C 4 34.37 13.19 -3.72
CA ARG C 4 34.51 14.54 -4.18
C ARG C 4 34.90 14.52 -5.62
N LEU C 5 34.74 15.63 -6.28
CA LEU C 5 35.13 15.76 -7.65
C LEU C 5 36.64 15.81 -7.76
N PRO C 6 37.27 14.96 -8.58
CA PRO C 6 38.74 14.98 -8.65
C PRO C 6 39.28 16.34 -9.03
N ASP C 7 40.29 16.77 -8.29
CA ASP C 7 40.99 18.03 -8.52
C ASP C 7 42.24 17.71 -9.30
N CYS C 8 42.35 18.27 -10.51
CA CYS C 8 43.43 17.94 -11.41
C CYS C 8 44.58 18.94 -11.32
N SER C 9 44.57 19.83 -10.33
CA SER C 9 45.45 21.00 -10.38
C SER C 9 46.93 20.62 -10.45
N HIS C 10 47.31 19.44 -9.93
CA HIS C 10 48.69 18.99 -10.01
C HIS C 10 48.79 17.55 -10.52
N ALA C 11 47.84 17.09 -11.33
CA ALA C 11 47.76 15.69 -11.73
C ALA C 11 48.38 15.38 -13.09
N CYS C 12 48.95 16.35 -13.79
CA CYS C 12 49.55 16.12 -15.10
C CYS C 12 51.07 16.28 -15.04
N GLY C 13 51.65 15.85 -13.93
CA GLY C 13 53.08 15.94 -13.73
C GLY C 13 53.50 17.40 -13.82
N SER C 14 54.33 17.63 -14.83
CA SER C 14 54.93 18.90 -15.19
C SER C 14 54.34 19.51 -16.48
N CYS C 15 53.05 19.23 -16.74
CA CYS C 15 52.19 19.98 -17.63
C CYS C 15 51.27 20.89 -16.79
N SER C 16 51.18 22.16 -17.15
CA SER C 16 50.62 23.14 -16.24
C SER C 16 49.10 23.27 -16.35
N PRO C 17 48.52 23.65 -17.52
CA PRO C 17 47.06 23.80 -17.55
C PRO C 17 46.38 22.43 -17.46
N CYS C 18 46.42 21.85 -16.27
CA CYS C 18 45.86 20.53 -16.00
C CYS C 18 44.45 20.70 -15.45
N ARG C 19 43.45 20.29 -16.24
CA ARG C 19 42.05 20.58 -15.96
C ARG C 19 41.20 19.35 -16.24
N LEU C 20 40.11 19.21 -15.49
CA LEU C 20 39.24 18.06 -15.58
C LEU C 20 38.31 18.11 -16.78
N VAL C 21 38.13 16.96 -17.44
CA VAL C 21 37.27 16.81 -18.63
C VAL C 21 36.65 15.41 -18.58
N MET C 22 35.37 15.32 -18.94
CA MET C 22 34.73 14.03 -18.79
C MET C 22 34.72 13.20 -20.07
N VAL C 23 34.52 11.90 -19.88
CA VAL C 23 34.67 10.89 -20.91
C VAL C 23 33.43 10.02 -20.89
N SER C 24 32.96 9.69 -22.11
CA SER C 24 31.93 8.69 -22.38
C SER C 24 32.57 7.61 -23.23
N PHE C 25 32.25 6.35 -22.93
CA PHE C 25 32.76 5.23 -23.72
C PHE C 25 31.65 4.75 -24.68
N CYS C 36 25.26 5.86 -22.31
CA CYS C 36 26.63 5.44 -22.13
C CYS C 36 27.11 5.99 -20.78
N PRO C 37 27.88 5.20 -20.04
CA PRO C 37 28.33 5.65 -18.71
C PRO C 37 29.56 6.53 -18.82
N MET C 38 29.92 7.11 -17.68
CA MET C 38 30.79 8.28 -17.67
C MET C 38 31.87 8.15 -16.61
N ALA C 39 33.09 8.59 -16.97
CA ALA C 39 34.22 8.64 -16.05
C ALA C 39 35.02 9.91 -16.33
N TYR C 40 35.84 10.31 -15.37
CA TYR C 40 36.60 11.56 -15.45
C TYR C 40 38.06 11.34 -15.87
N LYS C 41 38.63 12.30 -16.57
CA LYS C 41 40.08 12.31 -16.78
C LYS C 41 40.61 13.73 -16.58
N CYS C 42 41.94 13.85 -16.44
CA CYS C 42 42.62 15.15 -16.44
C CYS C 42 43.28 15.37 -17.79
N MET C 43 43.29 16.62 -18.25
CA MET C 43 43.79 16.95 -19.58
C MET C 43 44.66 18.20 -19.53
N CYS C 44 45.76 18.17 -20.29
CA CYS C 44 46.61 19.34 -20.44
C CYS C 44 47.14 19.34 -21.87
N ASN C 45 46.97 20.43 -22.61
CA ASN C 45 47.42 20.48 -24.02
C ASN C 45 47.08 19.17 -24.73
N ASN C 46 45.78 18.85 -24.76
CA ASN C 46 45.25 17.73 -25.54
C ASN C 46 45.70 16.33 -25.06
N LYS C 47 46.72 16.24 -24.19
CA LYS C 47 47.10 14.94 -23.64
C LYS C 47 46.25 14.58 -22.42
N SER C 48 46.00 13.27 -22.28
CA SER C 48 45.19 12.71 -21.22
C SER C 48 46.06 12.19 -20.07
N TYR C 49 45.52 12.28 -18.86
CA TYR C 49 46.12 11.78 -17.63
C TYR C 49 44.99 11.28 -16.74
N PRO C 50 45.29 10.39 -15.79
CA PRO C 50 44.24 9.93 -14.88
C PRO C 50 44.04 10.86 -13.68
N VAL C 51 42.79 10.91 -13.23
CA VAL C 51 42.38 11.72 -12.09
C VAL C 51 43.02 11.19 -10.81
N PRO C 52 43.38 12.04 -9.83
CA PRO C 52 43.90 11.54 -8.53
C PRO C 52 42.94 10.57 -7.87
N ALA D 1 43.63 21.90 7.06
CA ALA D 1 43.87 20.56 6.53
C ALA D 1 45.13 20.52 5.70
N ARG D 2 46.29 20.40 6.36
CA ARG D 2 47.57 20.42 5.66
C ARG D 2 48.36 19.16 6.00
N THR D 3 49.38 18.91 5.17
CA THR D 3 50.16 17.67 5.24
C THR D 3 51.26 17.78 6.28
N GLU D 4 51.45 16.72 7.06
CA GLU D 4 52.55 16.62 8.01
C GLU D 4 53.87 16.94 7.32
N PRO D 5 54.60 17.98 7.74
CA PRO D 5 55.77 18.46 6.97
C PRO D 5 56.84 17.41 6.73
N ASP D 6 57.14 16.59 7.73
CA ASP D 6 58.15 15.55 7.55
C ASP D 6 57.72 14.55 6.48
N GLU D 7 56.46 14.08 6.55
CA GLU D 7 55.94 13.23 5.49
C GLU D 7 56.02 13.93 4.14
N GLN D 8 55.77 15.24 4.13
CA GLN D 8 55.86 15.96 2.87
C GLN D 8 57.25 15.81 2.27
N ASP D 9 58.29 16.05 3.07
CA ASP D 9 59.64 15.96 2.50
C ASP D 9 60.03 14.54 2.15
N ALA D 10 59.56 13.54 2.91
CA ALA D 10 59.73 12.16 2.46
C ALA D 10 59.15 11.99 1.05
N VAL D 11 57.92 12.44 0.84
CA VAL D 11 57.29 12.32 -0.46
C VAL D 11 58.16 12.96 -1.54
N TYR D 12 58.59 14.20 -1.31
CA TYR D 12 59.52 14.84 -2.23
C TYR D 12 60.70 13.95 -2.55
N ASP D 13 61.38 13.43 -1.51
CA ASP D 13 62.53 12.54 -1.66
C ASP D 13 62.22 11.37 -2.59
N ILE D 14 61.16 10.65 -2.28
CA ILE D 14 60.73 9.49 -3.06
C ILE D 14 60.47 9.86 -4.51
N MET D 15 59.83 11.00 -4.74
CA MET D 15 59.54 11.37 -6.10
C MET D 15 60.76 11.80 -6.87
N ARG D 16 61.79 12.21 -6.17
CA ARG D 16 63.00 12.62 -6.82
C ARG D 16 63.81 11.37 -7.07
N ALA D 17 63.80 10.47 -6.13
CA ALA D 17 64.45 9.19 -6.36
C ALA D 17 63.85 8.46 -7.55
N THR D 18 62.59 8.72 -7.86
CA THR D 18 61.97 8.04 -8.98
C THR D 18 62.09 8.80 -10.31
N GLY D 19 62.50 10.06 -10.30
CA GLY D 19 62.64 10.84 -11.52
C GLY D 19 61.56 11.88 -11.75
N ASN D 20 60.62 12.03 -10.82
CA ASN D 20 59.43 12.87 -10.96
C ASN D 20 59.52 14.06 -10.00
N ASP D 21 60.35 15.04 -10.38
CA ASP D 21 60.71 16.15 -9.51
C ASP D 21 59.64 17.25 -9.50
N TRP D 22 58.76 17.26 -10.53
CA TRP D 22 57.65 18.19 -10.57
C TRP D 22 56.83 18.16 -9.31
N ALA D 23 57.01 17.12 -8.49
CA ALA D 23 56.28 17.04 -7.23
C ALA D 23 56.82 18.03 -6.22
N ALA D 24 58.14 18.26 -6.22
CA ALA D 24 58.73 19.19 -5.26
C ALA D 24 58.11 20.58 -5.38
N ALA D 25 57.82 21.02 -6.61
CA ALA D 25 57.16 22.30 -6.85
C ALA D 25 55.72 22.34 -6.35
N ILE D 26 55.10 21.20 -6.02
CA ILE D 26 53.72 21.21 -5.53
C ILE D 26 53.70 21.70 -4.09
N PRO D 27 52.87 22.69 -3.75
CA PRO D 27 52.90 23.24 -2.38
C PRO D 27 52.44 22.28 -1.30
N ASP D 28 51.28 21.62 -1.44
CA ASP D 28 50.79 20.66 -0.46
C ASP D 28 50.32 19.38 -1.16
N VAL D 29 51.13 18.34 -1.00
CA VAL D 29 51.02 17.07 -1.70
C VAL D 29 49.75 16.29 -1.51
N CYS D 30 49.15 16.36 -0.32
CA CYS D 30 47.93 15.66 -0.06
C CYS D 30 46.72 16.45 -0.50
N ARG D 31 46.92 17.71 -0.83
CA ARG D 31 45.84 18.51 -1.37
C ARG D 31 46.00 18.62 -2.88
N GLY D 32 47.23 18.77 -3.31
CA GLY D 32 47.52 18.75 -4.72
C GLY D 32 47.91 17.34 -5.16
N ARG D 33 47.01 16.37 -5.11
CA ARG D 33 47.35 15.01 -5.48
C ARG D 33 47.36 14.71 -6.94
N TRP D 34 48.04 13.64 -7.23
CA TRP D 34 48.15 13.06 -8.54
C TRP D 34 47.73 11.60 -8.37
N HIS D 35 47.27 10.98 -9.43
CA HIS D 35 46.92 9.59 -9.32
C HIS D 35 48.17 8.79 -8.94
N GLY D 36 48.13 8.13 -7.79
CA GLY D 36 49.33 7.50 -7.28
C GLY D 36 49.75 7.92 -5.89
N ILE D 37 48.93 8.75 -5.25
CA ILE D 37 49.07 9.06 -3.83
C ILE D 37 47.67 9.27 -3.24
N GLU D 38 47.46 8.75 -2.05
CA GLU D 38 46.23 8.87 -1.31
C GLU D 38 46.64 9.31 0.08
N CYS D 39 45.92 10.22 0.70
CA CYS D 39 46.18 10.68 2.05
C CYS D 39 44.88 10.52 2.87
N MET D 40 44.97 10.66 4.18
CA MET D 40 43.85 10.66 5.12
C MET D 40 44.16 11.60 6.28
N PRO D 41 43.16 12.29 6.83
CA PRO D 41 43.40 13.18 7.96
C PRO D 41 43.28 12.47 9.31
N ASP D 42 44.10 12.92 10.26
CA ASP D 42 43.92 12.46 11.63
C ASP D 42 42.89 13.38 12.30
N GLN D 43 42.70 13.21 13.60
CA GLN D 43 41.69 13.94 14.32
C GLN D 43 42.10 15.37 14.65
N ASP D 44 43.32 15.78 14.28
CA ASP D 44 43.75 17.17 14.36
C ASP D 44 44.03 17.73 12.98
N ASN D 45 43.28 17.25 11.99
CA ASN D 45 43.23 17.86 10.67
C ASN D 45 44.63 17.98 10.05
N VAL D 46 45.45 16.96 10.29
CA VAL D 46 46.71 16.75 9.58
C VAL D 46 46.50 15.63 8.57
N TYR D 47 46.96 15.84 7.34
CA TYR D 47 46.95 14.81 6.31
C TYR D 47 48.21 13.94 6.43
N HIS D 48 48.02 12.63 6.41
CA HIS D 48 49.13 11.68 6.35
C HIS D 48 49.00 10.85 5.08
N VAL D 49 50.15 10.56 4.46
CA VAL D 49 50.20 9.74 3.25
C VAL D 49 49.91 8.29 3.61
N VAL D 50 48.97 7.67 2.89
CA VAL D 50 48.53 6.31 3.18
C VAL D 50 48.76 5.35 2.03
N SER D 51 48.91 5.82 0.80
CA SER D 51 49.18 4.92 -0.31
C SER D 51 50.18 5.58 -1.24
N LEU D 52 51.09 4.78 -1.81
CA LEU D 52 52.06 5.34 -2.76
C LEU D 52 52.28 4.32 -3.87
N SER D 53 52.05 4.72 -5.13
CA SER D 53 52.11 3.76 -6.24
C SER D 53 52.83 4.38 -7.42
N PHE D 54 53.43 3.54 -8.21
CA PHE D 54 54.18 3.97 -9.34
C PHE D 54 54.06 3.01 -10.48
N GLY D 55 54.22 3.54 -11.66
CA GLY D 55 54.19 2.72 -12.84
C GLY D 55 52.93 2.77 -13.60
N ALA D 56 53.01 2.44 -14.86
CA ALA D 56 51.85 2.48 -15.65
C ALA D 56 51.34 1.10 -15.75
N LEU D 57 50.25 0.81 -15.03
CA LEU D 57 49.61 -0.50 -15.04
C LEU D 57 48.59 -0.51 -16.17
N SER D 58 49.09 -0.47 -17.41
CA SER D 58 48.46 -0.34 -18.73
C SER D 58 48.13 1.08 -19.21
N ASP D 59 48.59 2.11 -18.53
CA ASP D 59 48.49 3.52 -18.99
C ASP D 59 47.10 4.23 -19.11
N ASP D 60 46.02 3.50 -18.86
CA ASP D 60 44.72 4.12 -18.90
C ASP D 60 44.72 5.01 -17.70
N THR D 61 45.09 4.43 -16.57
CA THR D 61 45.11 5.11 -15.30
C THR D 61 46.49 4.83 -14.72
N ALA D 62 47.46 5.44 -15.37
CA ALA D 62 48.86 5.37 -15.04
C ALA D 62 49.37 6.16 -13.86
N PHE D 63 50.37 5.57 -13.24
CA PHE D 63 51.02 6.16 -12.13
C PHE D 63 52.29 6.83 -12.60
N PRO D 64 52.84 7.68 -11.78
CA PRO D 64 54.11 8.33 -12.14
C PRO D 64 55.13 7.34 -12.69
N THR D 65 55.68 7.68 -13.85
CA THR D 65 56.67 6.86 -14.54
C THR D 65 58.01 6.98 -13.80
N CYS D 66 58.94 6.10 -14.14
CA CYS D 66 60.27 6.19 -13.56
C CYS D 66 61.30 6.37 -14.65
N ASP D 67 62.30 7.20 -14.36
CA ASP D 67 63.49 7.34 -15.19
C ASP D 67 64.15 5.96 -15.28
N PRO D 68 64.15 5.31 -16.45
CA PRO D 68 64.77 3.97 -16.54
C PRO D 68 66.24 3.95 -16.18
N GLN D 69 66.95 5.08 -16.32
CA GLN D 69 68.39 5.14 -16.23
C GLN D 69 68.90 5.42 -14.82
N ARG D 70 68.12 6.12 -13.97
CA ARG D 70 68.69 6.63 -12.73
C ARG D 70 67.78 6.53 -11.51
N SER D 71 66.72 5.73 -11.53
CA SER D 71 65.79 5.79 -10.40
C SER D 71 65.97 4.61 -9.43
N TYR D 72 65.47 4.80 -8.21
CA TYR D 72 65.71 3.83 -7.13
C TYR D 72 64.65 4.00 -6.06
N VAL D 73 64.54 2.98 -5.21
CA VAL D 73 63.65 2.98 -4.06
C VAL D 73 64.28 3.81 -2.94
N SER D 74 63.58 4.83 -2.48
CA SER D 74 64.18 5.80 -1.58
C SER D 74 63.97 5.42 -0.12
N GLU D 75 65.08 5.43 0.63
CA GLU D 75 65.11 5.21 2.07
C GLU D 75 64.13 6.11 2.81
N SER D 76 63.79 7.26 2.21
CA SER D 76 62.87 8.20 2.86
C SER D 76 61.47 7.62 3.03
N LEU D 77 61.12 6.52 2.33
CA LEU D 77 59.86 5.84 2.60
C LEU D 77 59.70 5.51 4.08
N THR D 78 60.82 5.30 4.78
CA THR D 78 60.76 4.98 6.19
C THR D 78 60.09 6.07 7.01
N ARG D 79 60.06 7.32 6.52
CA ARG D 79 59.46 8.40 7.29
C ARG D 79 57.94 8.44 7.20
N LEU D 80 57.31 7.60 6.39
CA LEU D 80 55.85 7.59 6.25
C LEU D 80 55.29 6.60 7.25
N LYS D 81 55.07 7.08 8.47
CA LYS D 81 54.64 6.23 9.58
C LYS D 81 53.26 5.63 9.36
N HIS D 82 52.53 6.11 8.36
CA HIS D 82 51.16 5.71 8.11
C HIS D 82 50.92 5.03 6.77
N LEU D 83 51.98 4.82 5.98
CA LEU D 83 51.88 4.14 4.69
C LEU D 83 51.21 2.77 4.83
N LYS D 84 50.05 2.62 4.20
CA LYS D 84 49.36 1.34 4.24
C LYS D 84 49.47 0.57 2.94
N ALA D 85 49.74 1.23 1.82
CA ALA D 85 50.06 0.45 0.64
C ALA D 85 51.18 1.10 -0.14
N LEU D 86 51.95 0.27 -0.85
CA LEU D 86 53.07 0.71 -1.68
C LEU D 86 53.11 -0.20 -2.89
N PHE D 87 53.27 0.39 -4.07
CA PHE D 87 53.03 -0.27 -5.33
C PHE D 87 54.08 0.23 -6.31
N PHE D 88 54.79 -0.71 -6.95
CA PHE D 88 55.79 -0.40 -7.96
C PHE D 88 55.54 -1.36 -9.11
N TYR D 89 55.28 -0.85 -10.31
CA TYR D 89 54.94 -1.75 -11.40
C TYR D 89 55.68 -1.34 -12.66
N ARG D 90 56.53 -2.25 -13.16
CA ARG D 90 57.46 -2.01 -14.27
C ARG D 90 58.22 -0.69 -14.14
N CYS D 91 58.61 -0.37 -12.92
CA CYS D 91 59.46 0.79 -12.68
C CYS D 91 60.90 0.30 -12.64
N LEU D 92 61.66 0.59 -13.70
CA LEU D 92 63.03 0.11 -13.87
C LEU D 92 64.00 1.25 -13.62
N GLY D 93 65.07 0.95 -12.88
CA GLY D 93 65.97 1.98 -12.38
C GLY D 93 67.41 1.82 -12.76
N ARG D 94 68.24 2.71 -12.19
CA ARG D 94 69.64 2.91 -12.58
C ARG D 94 70.35 1.60 -12.92
N ALA D 95 70.46 0.74 -11.93
CA ALA D 95 70.69 -0.67 -12.13
C ALA D 95 69.47 -1.45 -11.70
N PRO D 96 69.42 -2.74 -12.03
CA PRO D 96 68.62 -3.64 -11.21
C PRO D 96 69.16 -3.61 -9.77
N GLN D 97 68.28 -3.22 -8.86
CA GLN D 97 68.59 -3.12 -7.43
C GLN D 97 68.15 -4.40 -6.74
N ARG D 98 68.48 -4.52 -5.46
CA ARG D 98 67.84 -5.48 -4.59
C ARG D 98 66.62 -4.86 -3.91
N ILE D 99 65.73 -5.71 -3.42
CA ILE D 99 64.72 -5.15 -2.54
C ILE D 99 65.40 -4.60 -1.29
N PRO D 100 65.11 -3.38 -0.85
CA PRO D 100 65.82 -2.80 0.28
C PRO D 100 65.31 -3.33 1.61
N ALA D 101 66.23 -3.56 2.55
CA ALA D 101 65.83 -4.05 3.87
C ALA D 101 65.00 -3.02 4.63
N PHE D 102 65.19 -1.73 4.35
CA PHE D 102 64.53 -0.77 5.21
C PHE D 102 63.01 -0.75 5.05
N LEU D 103 62.47 -1.41 4.01
CA LEU D 103 61.03 -1.55 3.89
C LEU D 103 60.43 -2.13 5.17
N GLY D 104 61.15 -3.08 5.80
CA GLY D 104 60.69 -3.67 7.06
C GLY D 104 60.42 -2.64 8.15
N ARG D 105 61.06 -1.48 8.08
CA ARG D 105 60.80 -0.51 9.13
C ARG D 105 59.37 0.15 8.97
N LEU D 106 58.42 -0.33 8.15
CA LEU D 106 57.07 0.23 8.19
C LEU D 106 56.06 -0.78 8.74
N GLY D 107 56.49 -1.58 9.72
CA GLY D 107 55.68 -2.71 10.17
C GLY D 107 54.38 -2.36 10.84
N SER D 108 54.26 -1.17 11.40
CA SER D 108 53.04 -0.84 12.12
C SER D 108 51.86 -0.66 11.17
N SER D 109 52.10 -0.16 9.96
CA SER D 109 51.00 0.26 9.11
C SER D 109 50.94 -0.41 7.73
N LEU D 110 52.05 -0.94 7.19
CA LEU D 110 52.03 -1.40 5.80
C LEU D 110 51.13 -2.61 5.64
N GLN D 111 50.02 -2.41 4.95
CA GLN D 111 49.05 -3.47 4.74
C GLN D 111 49.16 -4.11 3.36
N THR D 112 49.61 -3.38 2.35
CA THR D 112 49.84 -3.98 1.04
C THR D 112 51.18 -3.52 0.50
N LEU D 113 51.94 -4.47 -0.06
CA LEU D 113 53.23 -4.22 -0.68
C LEU D 113 53.32 -5.03 -1.97
N VAL D 114 53.43 -4.32 -3.09
CA VAL D 114 53.39 -4.86 -4.44
C VAL D 114 54.60 -4.30 -5.16
N LEU D 115 55.56 -5.17 -5.52
CA LEU D 115 56.81 -4.80 -6.20
C LEU D 115 56.86 -5.72 -7.42
N ARG D 116 56.22 -5.31 -8.49
CA ARG D 116 55.88 -6.23 -9.56
C ARG D 116 56.65 -5.87 -10.82
N GLU D 117 57.45 -6.80 -11.31
CA GLU D 117 58.19 -6.64 -12.56
C GLU D 117 59.12 -5.43 -12.54
N ASN D 118 59.97 -5.36 -11.52
CA ASN D 118 60.97 -4.29 -11.44
C ASN D 118 62.40 -4.79 -11.60
N GLY D 119 62.59 -6.04 -12.01
CA GLY D 119 63.93 -6.57 -12.19
C GLY D 119 64.74 -6.64 -10.92
N PHE D 120 64.08 -6.83 -9.77
CA PHE D 120 64.77 -6.86 -8.48
C PHE D 120 65.72 -8.06 -8.41
N LEU D 121 66.90 -7.83 -7.83
CA LEU D 121 67.96 -8.82 -7.79
C LEU D 121 68.19 -9.32 -6.36
N GLY D 122 68.80 -10.51 -6.27
CA GLY D 122 69.30 -11.02 -5.01
C GLY D 122 68.24 -11.72 -4.19
N PRO D 123 68.53 -11.92 -2.91
CA PRO D 123 67.55 -12.57 -2.02
C PRO D 123 66.51 -11.60 -1.48
N ILE D 124 65.41 -12.19 -1.03
CA ILE D 124 64.35 -11.44 -0.39
C ILE D 124 64.89 -11.02 0.97
N PRO D 125 64.97 -9.71 1.25
CA PRO D 125 65.46 -9.27 2.56
C PRO D 125 64.68 -9.91 3.69
N ASP D 126 65.42 -10.46 4.65
CA ASP D 126 64.84 -11.09 5.82
C ASP D 126 63.85 -10.18 6.53
N GLU D 127 64.19 -8.90 6.65
CA GLU D 127 63.43 -7.99 7.51
C GLU D 127 62.04 -7.67 7.00
N LEU D 128 61.65 -8.13 5.79
CA LEU D 128 60.26 -7.96 5.41
C LEU D 128 59.33 -8.78 6.30
N GLY D 129 59.83 -9.80 6.99
CA GLY D 129 59.07 -10.44 8.03
C GLY D 129 58.58 -9.45 9.08
N ASN D 130 59.20 -8.28 9.17
CA ASN D 130 58.73 -7.34 10.18
C ASN D 130 57.44 -6.64 9.78
N LEU D 131 56.94 -6.86 8.56
CA LEU D 131 55.66 -6.29 8.13
C LEU D 131 54.51 -7.22 8.54
N THR D 132 54.18 -7.21 9.82
CA THR D 132 53.27 -8.20 10.39
C THR D 132 51.80 -7.81 10.29
N ASN D 133 51.45 -6.72 9.64
CA ASN D 133 50.06 -6.42 9.31
C ASN D 133 49.79 -6.55 7.81
N LEU D 134 50.76 -7.05 7.04
CA LEU D 134 50.61 -7.21 5.60
C LEU D 134 49.50 -8.19 5.28
N LYS D 135 48.59 -7.81 4.35
CA LYS D 135 47.57 -8.70 3.80
C LYS D 135 47.86 -9.10 2.37
N VAL D 136 48.66 -8.31 1.66
CA VAL D 136 48.98 -8.54 0.27
C VAL D 136 50.49 -8.33 0.10
N LEU D 137 51.21 -9.40 -0.18
CA LEU D 137 52.59 -9.28 -0.59
C LEU D 137 52.72 -9.86 -1.98
N ASP D 138 53.26 -9.06 -2.90
CA ASP D 138 53.49 -9.55 -4.25
C ASP D 138 54.84 -9.07 -4.75
N LEU D 139 55.73 -9.99 -5.06
CA LEU D 139 57.00 -9.65 -5.64
C LEU D 139 57.15 -10.35 -6.94
N HIS D 140 56.03 -10.59 -7.61
CA HIS D 140 55.95 -11.37 -8.85
C HIS D 140 56.82 -10.85 -10.00
N LYS D 141 57.43 -11.75 -10.74
CA LYS D 141 58.28 -11.51 -11.88
C LYS D 141 59.51 -10.62 -11.78
N ASN D 142 60.35 -10.91 -10.83
CA ASN D 142 61.59 -10.23 -10.68
C ASN D 142 62.68 -11.22 -10.98
N HIS D 143 63.85 -11.07 -10.38
CA HIS D 143 64.91 -12.04 -10.55
C HIS D 143 65.43 -12.52 -9.24
N LEU D 144 64.56 -12.56 -8.26
CA LEU D 144 64.93 -12.95 -6.93
C LEU D 144 65.45 -14.39 -6.83
N ASN D 145 66.50 -14.59 -6.07
CA ASN D 145 67.09 -15.89 -5.85
C ASN D 145 67.06 -16.18 -4.35
N GLY D 146 67.64 -17.27 -3.91
CA GLY D 146 67.60 -17.56 -2.50
C GLY D 146 66.34 -18.21 -2.02
N SER D 147 66.14 -18.20 -0.73
CA SER D 147 65.00 -18.82 -0.14
C SER D 147 63.94 -17.89 0.28
N ILE D 148 62.74 -18.41 0.33
CA ILE D 148 61.67 -17.67 0.93
C ILE D 148 62.04 -17.52 2.40
N PRO D 149 62.23 -16.30 2.90
CA PRO D 149 62.63 -16.15 4.30
C PRO D 149 61.67 -16.89 5.21
N LEU D 150 62.24 -17.52 6.23
CA LEU D 150 61.46 -18.18 7.27
C LEU D 150 60.56 -17.19 8.00
N SER D 151 61.01 -15.94 8.14
CA SER D 151 60.25 -14.94 8.89
C SER D 151 58.87 -14.69 8.29
N PHE D 152 58.63 -15.13 7.06
CA PHE D 152 57.28 -15.01 6.52
C PHE D 152 56.25 -15.70 7.40
N ASN D 153 56.67 -16.55 8.36
CA ASN D 153 55.67 -17.13 9.25
C ASN D 153 55.06 -16.13 10.22
N ARG D 154 55.56 -14.91 10.27
CA ARG D 154 55.01 -13.90 11.15
C ARG D 154 53.98 -13.03 10.48
N PHE D 155 53.55 -13.39 9.27
CA PHE D 155 52.42 -12.75 8.59
C PHE D 155 51.15 -13.45 9.02
N SER D 156 50.70 -13.15 10.22
CA SER D 156 49.54 -13.87 10.72
C SER D 156 48.25 -13.56 9.96
N GLY D 157 48.15 -12.38 9.30
CA GLY D 157 46.91 -11.96 8.67
C GLY D 157 46.98 -11.75 7.18
N LEU D 158 48.09 -12.18 6.59
CA LEU D 158 48.29 -12.14 5.14
C LEU D 158 47.14 -12.81 4.38
N ARG D 159 46.72 -12.16 3.29
CA ARG D 159 45.63 -12.63 2.44
C ARG D 159 46.10 -13.24 1.14
N SER D 160 47.20 -12.73 0.61
CA SER D 160 47.62 -13.13 -0.72
C SER D 160 49.13 -13.01 -0.81
N LEU D 161 49.76 -14.08 -1.26
CA LEU D 161 51.21 -14.13 -1.42
C LEU D 161 51.50 -14.50 -2.85
N ASP D 162 52.14 -13.58 -3.61
CA ASP D 162 52.56 -13.87 -4.97
C ASP D 162 54.07 -13.70 -5.09
N LEU D 163 54.77 -14.83 -5.23
CA LEU D 163 56.21 -14.85 -5.45
C LEU D 163 56.58 -15.51 -6.77
N SER D 164 55.63 -15.65 -7.68
CA SER D 164 55.82 -16.40 -8.92
C SER D 164 56.73 -15.66 -9.90
N GLY D 165 57.32 -16.43 -10.80
CA GLY D 165 58.19 -15.90 -11.82
C GLY D 165 59.50 -15.32 -11.31
N ASN D 166 60.22 -16.08 -10.48
CA ASN D 166 61.51 -15.67 -9.91
C ASN D 166 62.47 -16.85 -10.07
N ARG D 167 63.59 -16.83 -9.36
CA ARG D 167 64.45 -18.01 -9.28
C ARG D 167 64.57 -18.42 -7.82
N LEU D 168 63.46 -18.54 -7.11
CA LEU D 168 63.49 -18.87 -5.69
C LEU D 168 63.79 -20.34 -5.52
N THR D 169 64.71 -20.68 -4.61
CA THR D 169 65.07 -22.06 -4.33
C THR D 169 64.64 -22.41 -2.90
N GLY D 170 65.13 -23.55 -2.41
CA GLY D 170 64.66 -24.03 -1.12
C GLY D 170 63.22 -24.53 -1.22
N SER D 171 62.64 -24.70 -0.05
CA SER D 171 61.36 -25.40 0.08
C SER D 171 60.18 -24.43 0.07
N ILE D 172 59.01 -24.98 -0.23
CA ILE D 172 57.75 -24.31 0.05
C ILE D 172 57.79 -23.90 1.50
N PRO D 173 57.31 -22.69 1.82
CA PRO D 173 57.30 -22.27 3.20
C PRO D 173 56.42 -23.18 4.01
N GLY D 174 56.83 -23.43 5.24
CA GLY D 174 56.11 -24.30 6.12
C GLY D 174 55.26 -23.57 7.09
N PHE D 175 54.80 -22.40 6.71
CA PHE D 175 53.98 -21.64 7.61
C PHE D 175 52.57 -22.15 7.75
N VAL D 176 51.91 -21.63 8.75
CA VAL D 176 50.49 -21.74 8.84
C VAL D 176 49.88 -20.37 8.98
N LEU D 177 49.30 -19.88 7.90
CA LEU D 177 48.60 -18.60 7.91
C LEU D 177 47.10 -18.86 7.81
N PRO D 178 46.32 -18.67 8.87
CA PRO D 178 44.92 -19.12 8.85
C PRO D 178 44.06 -18.40 7.82
N ALA D 179 44.38 -17.15 7.51
CA ALA D 179 43.57 -16.34 6.62
C ALA D 179 44.15 -16.23 5.23
N LEU D 180 45.26 -16.93 4.94
CA LEU D 180 45.81 -16.84 3.61
C LEU D 180 44.82 -17.43 2.59
N SER D 181 44.58 -16.69 1.51
CA SER D 181 43.64 -17.13 0.50
C SER D 181 44.30 -17.51 -0.80
N VAL D 182 45.28 -16.75 -1.29
CA VAL D 182 45.99 -17.06 -2.53
C VAL D 182 47.45 -17.37 -2.20
N LEU D 183 47.93 -18.51 -2.70
CA LEU D 183 49.35 -18.82 -2.65
C LEU D 183 49.82 -19.07 -4.07
N ASP D 184 50.74 -18.23 -4.54
CA ASP D 184 51.19 -18.30 -5.92
C ASP D 184 52.71 -18.30 -5.86
N LEU D 185 53.31 -19.44 -6.16
CA LEU D 185 54.77 -19.56 -6.19
C LEU D 185 55.26 -20.18 -7.49
N ASN D 186 54.44 -20.20 -8.54
CA ASN D 186 54.75 -20.97 -9.73
C ASN D 186 55.92 -20.35 -10.50
N GLN D 187 56.59 -21.18 -11.30
CA GLN D 187 57.79 -20.80 -12.04
C GLN D 187 58.86 -20.26 -11.10
N ASN D 188 59.34 -21.15 -10.26
CA ASN D 188 60.50 -20.90 -9.43
C ASN D 188 61.39 -22.15 -9.51
N LEU D 189 62.27 -22.32 -8.52
CA LEU D 189 63.10 -23.50 -8.41
C LEU D 189 62.87 -24.22 -7.08
N LEU D 190 61.65 -24.16 -6.55
CA LEU D 190 61.44 -24.69 -5.21
C LEU D 190 61.42 -26.20 -5.22
N THR D 191 61.87 -26.77 -4.11
CA THR D 191 62.21 -28.19 -4.01
C THR D 191 61.60 -28.71 -2.72
N GLY D 192 61.80 -29.99 -2.45
CA GLY D 192 61.24 -30.65 -1.27
C GLY D 192 59.82 -31.12 -1.50
N PRO D 193 59.24 -31.78 -0.49
CA PRO D 193 57.84 -32.18 -0.57
C PRO D 193 56.92 -31.01 -0.30
N VAL D 194 55.63 -31.24 -0.54
CA VAL D 194 54.62 -30.25 -0.15
C VAL D 194 54.44 -30.34 1.35
N PRO D 195 54.95 -29.40 2.14
CA PRO D 195 54.85 -29.53 3.58
C PRO D 195 53.40 -29.70 3.98
N PRO D 196 53.07 -30.64 4.87
CA PRO D 196 51.66 -30.89 5.12
C PRO D 196 51.05 -29.81 5.99
N THR D 197 51.90 -29.00 6.63
CA THR D 197 51.45 -27.74 7.21
C THR D 197 50.56 -26.96 6.25
N LEU D 198 50.79 -27.08 4.94
CA LEU D 198 50.03 -26.32 3.96
C LEU D 198 48.53 -26.57 4.07
N THR D 199 48.12 -27.78 4.45
CA THR D 199 46.71 -28.02 4.53
C THR D 199 46.10 -27.55 5.84
N SER D 200 46.85 -26.80 6.64
CA SER D 200 46.29 -26.08 7.77
C SER D 200 45.96 -24.64 7.41
N CYS D 201 46.22 -24.24 6.16
CA CYS D 201 45.80 -22.94 5.64
C CYS D 201 44.41 -23.06 5.02
N GLY D 202 43.42 -23.23 5.90
CA GLY D 202 42.07 -23.55 5.44
C GLY D 202 41.43 -22.47 4.60
N SER D 203 41.79 -21.21 4.80
CA SER D 203 41.22 -20.18 3.97
C SER D 203 41.64 -20.30 2.51
N LEU D 204 42.57 -21.19 2.18
CA LEU D 204 43.12 -21.20 0.83
C LEU D 204 42.05 -21.48 -0.24
N ILE D 205 42.04 -20.62 -1.25
CA ILE D 205 41.17 -20.78 -2.42
C ILE D 205 41.95 -21.05 -3.69
N LYS D 206 43.26 -20.84 -3.70
CA LYS D 206 44.09 -21.04 -4.88
C LYS D 206 45.49 -21.41 -4.47
N ILE D 207 45.99 -22.53 -5.00
CA ILE D 207 47.37 -22.94 -4.82
C ILE D 207 47.97 -23.12 -6.20
N ASP D 208 48.87 -22.22 -6.59
CA ASP D 208 49.60 -22.32 -7.85
C ASP D 208 51.07 -22.57 -7.52
N LEU D 209 51.48 -23.84 -7.60
CA LEU D 209 52.87 -24.22 -7.42
C LEU D 209 53.47 -24.76 -8.69
N SER D 210 52.81 -24.56 -9.81
CA SER D 210 53.27 -25.23 -11.00
C SER D 210 54.63 -24.70 -11.45
N ARG D 211 55.32 -25.49 -12.25
CA ARG D 211 56.65 -25.18 -12.77
C ARG D 211 57.62 -24.89 -11.64
N ASN D 212 57.79 -25.88 -10.78
CA ASN D 212 58.89 -25.86 -9.83
C ASN D 212 59.58 -27.21 -9.88
N ARG D 213 60.20 -27.60 -8.77
CA ARG D 213 60.84 -28.90 -8.66
C ARG D 213 60.36 -29.61 -7.40
N VAL D 214 59.14 -29.27 -6.94
CA VAL D 214 58.65 -29.89 -5.73
C VAL D 214 58.47 -31.39 -5.98
N THR D 215 58.86 -32.20 -4.99
CA THR D 215 58.81 -33.65 -5.06
C THR D 215 57.86 -34.20 -4.02
N GLY D 216 57.78 -35.52 -3.94
CA GLY D 216 56.90 -36.16 -2.99
C GLY D 216 55.45 -36.16 -3.45
N PRO D 217 54.56 -36.67 -2.62
CA PRO D 217 53.15 -36.83 -3.03
C PRO D 217 52.29 -35.65 -2.63
N ILE D 218 51.06 -35.64 -3.13
CA ILE D 218 50.08 -34.67 -2.63
C ILE D 218 49.67 -35.04 -1.21
N PRO D 219 49.63 -34.10 -0.28
CA PRO D 219 49.24 -34.44 1.08
C PRO D 219 47.88 -35.11 1.12
N GLU D 220 47.82 -36.24 1.82
CA GLU D 220 46.57 -36.94 2.01
C GLU D 220 45.56 -36.02 2.71
N SER D 221 46.03 -35.22 3.67
CA SER D 221 45.22 -34.23 4.37
C SER D 221 44.53 -33.24 3.46
N GLN D 222 44.91 -33.22 2.18
CA GLN D 222 44.44 -32.20 1.26
C GLN D 222 42.93 -32.04 1.23
N ASN D 223 42.17 -33.05 1.70
CA ASN D 223 40.72 -33.02 1.82
C ASN D 223 40.21 -31.80 2.56
N ARG D 224 41.06 -31.28 3.42
CA ARG D 224 40.71 -30.22 4.36
C ARG D 224 40.42 -28.85 3.84
N LEU D 225 40.89 -28.53 2.64
CA LEU D 225 40.63 -27.23 2.10
C LEU D 225 39.28 -27.23 1.48
N ASN D 226 38.29 -26.76 2.20
CA ASN D 226 36.95 -26.69 1.67
C ASN D 226 36.70 -25.58 0.71
N GLN D 227 37.56 -24.59 0.71
CA GLN D 227 37.39 -23.42 -0.07
C GLN D 227 38.22 -23.32 -1.30
N LEU D 228 39.11 -24.26 -1.51
CA LEU D 228 40.02 -24.25 -2.63
C LEU D 228 39.31 -24.41 -3.94
N VAL D 229 39.51 -23.46 -4.82
CA VAL D 229 38.85 -23.39 -6.10
C VAL D 229 39.75 -23.90 -7.22
N LEU D 230 41.03 -23.53 -7.18
CA LEU D 230 42.02 -23.96 -8.16
C LEU D 230 43.29 -24.50 -7.49
N LEU D 231 43.79 -25.63 -8.03
CA LEU D 231 45.05 -26.23 -7.58
C LEU D 231 45.88 -26.64 -8.80
N ASP D 232 47.09 -26.11 -8.90
CA ASP D 232 47.93 -26.31 -10.07
C ASP D 232 49.30 -26.79 -9.61
N LEU D 233 49.60 -28.06 -9.84
CA LEU D 233 50.86 -28.67 -9.44
C LEU D 233 51.62 -29.12 -10.67
N SER D 234 51.32 -28.49 -11.80
CA SER D 234 51.83 -28.94 -13.08
C SER D 234 53.34 -28.76 -13.12
N TYR D 235 54.01 -29.59 -13.92
CA TYR D 235 55.44 -29.47 -14.18
C TYR D 235 56.26 -29.41 -12.89
N ASN D 236 56.14 -30.47 -12.10
CA ASN D 236 56.96 -30.66 -10.91
C ASN D 236 57.45 -32.08 -10.94
N ARG D 237 57.96 -32.59 -9.84
CA ARG D 237 58.37 -33.98 -9.84
C ARG D 237 57.60 -34.79 -8.82
N LEU D 238 56.30 -34.64 -8.83
CA LEU D 238 55.52 -35.34 -7.85
C LEU D 238 55.58 -36.84 -8.15
N SER D 239 55.39 -37.62 -7.10
CA SER D 239 55.19 -39.05 -7.20
C SER D 239 53.81 -39.36 -6.63
N GLY D 240 53.28 -40.53 -7.00
CA GLY D 240 51.96 -40.93 -6.53
C GLY D 240 52.01 -41.41 -5.09
N PRO D 241 50.94 -42.05 -4.61
CA PRO D 241 49.72 -42.28 -5.40
C PRO D 241 48.69 -41.16 -5.23
N PHE D 242 47.56 -41.25 -5.95
CA PHE D 242 46.48 -40.31 -5.72
C PHE D 242 45.97 -40.41 -4.29
N PRO D 243 45.72 -39.28 -3.63
CA PRO D 243 45.07 -39.32 -2.31
C PRO D 243 43.77 -40.11 -2.38
N SER D 244 43.57 -40.97 -1.37
CA SER D 244 42.43 -41.88 -1.36
C SER D 244 41.11 -41.11 -1.46
N SER D 245 40.93 -40.12 -0.59
CA SER D 245 39.72 -39.30 -0.63
C SER D 245 40.06 -37.94 -1.22
N LEU D 246 39.19 -37.47 -2.12
CA LEU D 246 39.18 -36.09 -2.55
C LEU D 246 37.89 -35.39 -2.15
N GLN D 247 37.01 -36.06 -1.41
CA GLN D 247 35.64 -35.59 -1.31
C GLN D 247 35.50 -34.35 -0.44
N GLY D 248 36.44 -34.07 0.45
CA GLY D 248 36.32 -32.82 1.17
C GLY D 248 36.39 -31.57 0.29
N LEU D 249 37.01 -31.67 -0.88
CA LEU D 249 37.40 -30.49 -1.65
C LEU D 249 36.26 -30.01 -2.56
N ASN D 250 35.12 -29.69 -1.96
CA ASN D 250 33.91 -29.46 -2.75
C ASN D 250 33.74 -28.03 -3.25
N SER D 251 34.83 -27.28 -3.35
CA SER D 251 34.86 -26.07 -4.17
C SER D 251 35.79 -26.23 -5.37
N LEU D 252 36.49 -27.35 -5.46
CA LEU D 252 37.54 -27.44 -6.46
C LEU D 252 36.93 -27.41 -7.86
N GLN D 253 37.29 -26.38 -8.62
CA GLN D 253 36.85 -26.33 -10.00
C GLN D 253 37.93 -26.80 -10.95
N ALA D 254 39.19 -26.70 -10.53
CA ALA D 254 40.31 -27.04 -11.40
C ALA D 254 41.40 -27.78 -10.63
N LEU D 255 41.87 -28.88 -11.23
CA LEU D 255 43.04 -29.59 -10.73
C LEU D 255 43.93 -29.92 -11.92
N MET D 256 45.15 -29.43 -11.92
CA MET D 256 46.06 -29.66 -13.04
C MET D 256 47.39 -30.21 -12.53
N LEU D 257 47.65 -31.49 -12.80
CA LEU D 257 48.90 -32.16 -12.47
C LEU D 257 49.81 -32.36 -13.68
N LYS D 258 49.52 -31.71 -14.81
CA LYS D 258 50.20 -32.03 -16.04
C LYS D 258 51.69 -31.78 -15.93
N GLY D 259 52.48 -32.75 -16.42
CA GLY D 259 53.92 -32.59 -16.51
C GLY D 259 54.72 -33.31 -15.45
N ASN D 260 54.09 -33.83 -14.41
CA ASN D 260 54.78 -34.67 -13.42
C ASN D 260 55.04 -36.03 -14.06
N ASN D 261 56.12 -36.09 -14.84
CA ASN D 261 56.38 -37.22 -15.74
C ASN D 261 56.57 -38.57 -15.02
N LYS D 262 56.86 -38.59 -13.72
CA LYS D 262 57.02 -39.83 -12.99
C LYS D 262 55.95 -40.00 -11.92
N PHE D 263 54.76 -39.44 -12.15
CA PHE D 263 53.69 -39.51 -11.16
C PHE D 263 53.26 -40.96 -10.92
N SER D 264 53.02 -41.71 -12.00
CA SER D 264 53.04 -43.18 -12.02
C SER D 264 52.13 -43.88 -11.01
N THR D 265 50.83 -43.96 -11.30
CA THR D 265 49.84 -44.67 -10.47
C THR D 265 48.59 -44.85 -11.33
N THR D 266 47.48 -45.18 -10.68
CA THR D 266 46.19 -45.42 -11.28
C THR D 266 45.22 -44.36 -10.81
N ILE D 267 44.12 -44.18 -11.56
CA ILE D 267 43.04 -43.32 -11.09
C ILE D 267 41.99 -44.23 -10.46
N PRO D 268 42.01 -44.46 -9.15
CA PRO D 268 41.00 -45.34 -8.56
C PRO D 268 39.61 -44.75 -8.68
N GLU D 269 38.61 -45.63 -8.60
CA GLU D 269 37.26 -45.22 -8.94
C GLU D 269 36.65 -44.35 -7.86
N ASN D 270 37.14 -44.45 -6.63
CA ASN D 270 36.63 -43.59 -5.57
C ASN D 270 37.41 -42.30 -5.39
N ALA D 271 38.40 -42.04 -6.24
CA ALA D 271 39.15 -40.79 -6.15
C ALA D 271 38.24 -39.59 -6.42
N PHE D 272 37.64 -39.54 -7.61
CA PHE D 272 36.73 -38.46 -7.99
C PHE D 272 35.29 -38.99 -7.99
N LYS D 273 34.73 -39.14 -6.79
CA LYS D 273 33.30 -39.40 -6.62
C LYS D 273 32.73 -38.26 -5.82
N GLY D 274 31.73 -37.59 -6.36
CA GLY D 274 31.05 -36.54 -5.65
C GLY D 274 31.67 -35.17 -5.75
N LEU D 275 32.51 -34.95 -6.75
CA LEU D 275 33.13 -33.64 -6.92
C LEU D 275 32.21 -32.79 -7.78
N LYS D 276 31.09 -32.40 -7.15
CA LYS D 276 30.03 -31.64 -7.79
C LYS D 276 30.62 -30.59 -8.71
N ASN D 277 31.44 -29.71 -8.13
CA ASN D 277 31.85 -28.50 -8.82
C ASN D 277 33.05 -28.66 -9.73
N LEU D 278 33.57 -29.87 -9.92
CA LEU D 278 34.86 -29.99 -10.60
C LEU D 278 34.67 -29.78 -12.10
N MET D 279 35.36 -28.77 -12.67
CA MET D 279 35.16 -28.44 -14.08
C MET D 279 36.34 -28.73 -14.98
N ILE D 280 37.56 -28.84 -14.43
CA ILE D 280 38.78 -28.95 -15.24
C ILE D 280 39.70 -29.97 -14.60
N LEU D 281 40.03 -31.03 -15.33
CA LEU D 281 40.91 -32.08 -14.82
C LEU D 281 42.00 -32.32 -15.85
N VAL D 282 43.26 -32.05 -15.47
CA VAL D 282 44.37 -32.18 -16.40
C VAL D 282 45.36 -33.15 -15.77
N LEU D 283 45.26 -34.42 -16.15
CA LEU D 283 46.18 -35.45 -15.69
C LEU D 283 47.12 -35.90 -16.80
N SER D 284 47.52 -34.97 -17.67
CA SER D 284 48.13 -35.37 -18.92
C SER D 284 49.64 -35.45 -18.78
N ASN D 285 50.25 -36.37 -19.52
CA ASN D 285 51.68 -36.58 -19.54
C ASN D 285 52.26 -36.79 -18.14
N THR D 286 51.59 -37.62 -17.36
CA THR D 286 52.02 -37.82 -15.98
C THR D 286 52.24 -39.28 -15.65
N ASN D 287 52.30 -40.17 -16.65
CA ASN D 287 52.61 -41.57 -16.45
C ASN D 287 51.50 -42.27 -15.66
N ILE D 288 50.25 -41.90 -15.96
CA ILE D 288 49.10 -42.59 -15.40
C ILE D 288 49.02 -43.99 -16.01
N GLN D 289 48.66 -44.97 -15.19
CA GLN D 289 48.40 -46.34 -15.63
C GLN D 289 47.00 -46.78 -15.20
N GLY D 290 46.63 -47.96 -15.65
CA GLY D 290 45.35 -48.56 -15.35
C GLY D 290 44.32 -48.30 -16.43
N SER D 291 43.05 -48.47 -16.05
CA SER D 291 41.91 -48.11 -16.88
C SER D 291 41.39 -46.72 -16.52
N ILE D 292 40.84 -46.02 -17.50
CA ILE D 292 40.10 -44.80 -17.23
C ILE D 292 38.90 -45.19 -16.38
N PRO D 293 38.76 -44.68 -15.18
CA PRO D 293 37.64 -45.06 -14.32
C PRO D 293 36.35 -44.37 -14.75
N LYS D 294 35.24 -44.86 -14.20
CA LYS D 294 33.90 -44.53 -14.67
C LYS D 294 33.25 -43.43 -13.85
N SER D 295 33.67 -43.23 -12.61
CA SER D 295 33.22 -42.09 -11.83
C SER D 295 33.50 -40.76 -12.54
N LEU D 296 34.59 -40.67 -13.32
CA LEU D 296 34.84 -39.50 -14.15
C LEU D 296 33.72 -39.21 -15.14
N THR D 297 32.82 -40.17 -15.39
CA THR D 297 31.66 -39.92 -16.22
C THR D 297 30.61 -39.09 -15.49
N ARG D 298 30.48 -39.29 -14.19
CA ARG D 298 29.37 -38.73 -13.42
C ARG D 298 29.78 -37.46 -12.66
N LEU D 299 30.74 -36.73 -13.19
CA LEU D 299 31.12 -35.43 -12.64
C LEU D 299 30.31 -34.35 -13.33
N ASN D 300 29.35 -33.81 -12.60
CA ASN D 300 28.29 -33.01 -13.20
C ASN D 300 28.84 -31.79 -13.92
N SER D 301 29.83 -31.12 -13.34
CA SER D 301 30.30 -29.85 -13.88
C SER D 301 31.51 -30.00 -14.78
N LEU D 302 31.98 -31.22 -15.03
CA LEU D 302 33.27 -31.35 -15.69
C LEU D 302 33.15 -30.94 -17.14
N ARG D 303 33.98 -30.01 -17.57
CA ARG D 303 33.97 -29.52 -18.94
C ARG D 303 35.20 -29.93 -19.71
N VAL D 304 36.34 -30.01 -19.03
CA VAL D 304 37.65 -30.21 -19.65
C VAL D 304 38.29 -31.40 -18.96
N LEU D 305 38.56 -32.44 -19.73
CA LEU D 305 39.19 -33.63 -19.17
C LEU D 305 40.34 -33.97 -20.09
N HIS D 306 41.56 -33.84 -19.57
CA HIS D 306 42.79 -34.15 -20.30
C HIS D 306 43.49 -35.32 -19.61
N LEU D 307 43.66 -36.42 -20.34
CA LEU D 307 44.31 -37.63 -19.83
C LEU D 307 45.33 -38.16 -20.82
N GLU D 308 45.78 -37.34 -21.78
CA GLU D 308 46.59 -37.84 -22.87
C GLU D 308 48.05 -37.97 -22.44
N GLY D 309 48.82 -38.75 -23.20
CA GLY D 309 50.22 -39.00 -22.91
C GLY D 309 50.49 -39.79 -21.65
N ASN D 310 49.82 -40.93 -21.49
CA ASN D 310 49.95 -41.74 -20.30
C ASN D 310 50.14 -43.20 -20.73
N ASN D 311 49.96 -44.13 -19.78
CA ASN D 311 49.88 -45.56 -20.08
C ASN D 311 48.48 -46.07 -19.72
N LEU D 312 47.47 -45.25 -19.93
CA LEU D 312 46.09 -45.70 -19.73
C LEU D 312 45.76 -46.84 -20.71
N THR D 313 45.20 -47.92 -20.17
CA THR D 313 44.90 -49.10 -20.96
C THR D 313 43.43 -49.46 -20.75
N GLY D 314 43.03 -50.55 -21.38
CA GLY D 314 41.67 -51.00 -21.30
C GLY D 314 40.86 -50.41 -22.43
N GLU D 315 39.55 -50.53 -22.27
CA GLU D 315 38.60 -49.96 -23.19
C GLU D 315 38.04 -48.69 -22.58
N ILE D 316 37.59 -47.78 -23.45
CA ILE D 316 36.96 -46.53 -23.00
C ILE D 316 35.61 -46.89 -22.40
N PRO D 317 35.40 -46.63 -21.10
CA PRO D 317 34.09 -46.90 -20.48
C PRO D 317 32.92 -46.54 -21.36
N LEU D 318 31.85 -47.34 -21.29
CA LEU D 318 30.70 -47.13 -22.15
C LEU D 318 29.89 -45.94 -21.70
N GLU D 319 29.98 -45.62 -20.41
CA GLU D 319 29.44 -44.38 -19.86
C GLU D 319 29.88 -43.14 -20.62
N PHE D 320 31.06 -43.16 -21.23
CA PHE D 320 31.51 -41.96 -21.95
C PHE D 320 30.62 -41.72 -23.16
N ARG D 321 29.67 -42.61 -23.38
CA ARG D 321 28.67 -42.41 -24.42
C ARG D 321 27.70 -41.31 -24.02
N ASP D 322 27.39 -41.23 -22.72
CA ASP D 322 26.42 -40.29 -22.17
C ASP D 322 27.10 -39.22 -21.33
N VAL D 323 27.92 -38.38 -21.94
CA VAL D 323 28.49 -37.22 -21.26
C VAL D 323 28.22 -36.03 -22.16
N LYS D 324 27.28 -35.19 -21.79
CA LYS D 324 26.88 -34.16 -22.72
C LYS D 324 27.69 -32.88 -22.55
N HIS D 325 28.32 -32.68 -21.39
CA HIS D 325 28.79 -31.35 -21.02
C HIS D 325 30.24 -31.08 -21.36
N LEU D 326 31.07 -32.10 -21.65
CA LEU D 326 32.49 -31.86 -21.89
C LEU D 326 32.70 -31.10 -23.20
N SER D 327 33.52 -30.05 -23.14
CA SER D 327 33.99 -29.36 -24.34
C SER D 327 35.38 -29.82 -24.80
N GLU D 328 36.16 -30.48 -23.93
CA GLU D 328 37.46 -31.03 -24.34
C GLU D 328 37.69 -32.35 -23.63
N LEU D 329 38.15 -33.34 -24.39
CA LEU D 329 38.42 -34.69 -23.89
C LEU D 329 39.64 -35.18 -24.64
N ARG D 330 40.70 -35.47 -23.93
CA ARG D 330 41.95 -35.87 -24.56
C ARG D 330 42.29 -37.25 -24.00
N LEU D 331 42.09 -38.29 -24.81
CA LEU D 331 42.63 -39.62 -24.51
C LEU D 331 43.71 -40.03 -25.50
N ASN D 332 44.19 -39.12 -26.35
CA ASN D 332 45.18 -39.45 -27.37
C ASN D 332 46.50 -39.83 -26.73
N ASP D 333 47.35 -40.52 -27.51
CA ASP D 333 48.68 -40.98 -27.07
C ASP D 333 48.60 -41.83 -25.79
N ASN D 334 47.76 -42.85 -25.84
CA ASN D 334 47.75 -43.88 -24.80
C ASN D 334 47.85 -45.26 -25.44
N SER D 335 47.32 -46.30 -24.77
CA SER D 335 47.10 -47.62 -25.39
C SER D 335 45.73 -48.13 -24.93
N LEU D 336 44.69 -47.44 -25.40
CA LEU D 336 43.31 -47.87 -25.21
C LEU D 336 42.91 -48.78 -26.36
N THR D 337 42.02 -49.73 -26.06
CA THR D 337 41.99 -50.89 -26.93
C THR D 337 40.66 -51.15 -27.67
N GLY D 338 39.49 -50.90 -27.09
CA GLY D 338 38.27 -51.45 -27.64
C GLY D 338 37.64 -50.67 -28.77
N PRO D 339 36.32 -50.76 -28.87
CA PRO D 339 35.55 -49.83 -29.71
C PRO D 339 35.36 -48.48 -29.02
N VAL D 340 34.65 -47.59 -29.70
CA VAL D 340 34.52 -46.20 -29.27
C VAL D 340 33.05 -45.88 -29.00
N PRO D 341 32.68 -45.60 -27.76
CA PRO D 341 31.26 -45.48 -27.41
C PRO D 341 30.63 -44.13 -27.72
N PHE D 342 31.36 -43.18 -28.28
CA PHE D 342 30.85 -41.82 -28.38
C PHE D 342 29.70 -41.73 -29.37
N GLU D 343 28.59 -41.16 -28.93
CA GLU D 343 27.41 -41.04 -29.76
C GLU D 343 27.51 -39.82 -30.68
N ARG D 344 26.68 -39.84 -31.73
CA ARG D 344 26.84 -38.92 -32.86
C ARG D 344 26.78 -37.47 -32.39
N ASP D 345 25.81 -37.14 -31.53
CA ASP D 345 25.70 -35.79 -30.99
C ASP D 345 27.04 -35.29 -30.48
N THR D 346 27.69 -36.15 -29.70
CA THR D 346 28.96 -35.89 -29.09
C THR D 346 30.12 -35.67 -30.04
N VAL D 347 30.25 -36.51 -31.03
CA VAL D 347 31.28 -36.37 -32.02
C VAL D 347 31.13 -35.16 -32.87
N TRP D 348 29.90 -34.85 -33.24
CA TRP D 348 29.62 -33.68 -34.07
C TRP D 348 29.88 -32.38 -33.36
N ARG D 349 29.47 -32.31 -32.11
CA ARG D 349 29.67 -31.14 -31.30
C ARG D 349 31.08 -30.86 -30.92
N MET D 350 31.77 -31.89 -30.48
CA MET D 350 33.15 -31.83 -30.06
C MET D 350 34.16 -31.61 -31.11
N ARG D 351 33.95 -32.23 -32.26
CA ARG D 351 34.83 -32.10 -33.37
C ARG D 351 36.23 -32.47 -33.03
N ARG D 352 37.16 -31.56 -33.23
CA ARG D 352 38.57 -31.82 -32.95
C ARG D 352 39.00 -31.63 -31.51
N LYS D 353 38.06 -31.30 -30.64
CA LYS D 353 38.28 -31.17 -29.25
C LYS D 353 38.10 -32.50 -28.55
N LEU D 354 37.72 -33.54 -29.25
CA LEU D 354 37.68 -34.86 -28.72
C LEU D 354 38.84 -35.44 -29.47
N ARG D 355 39.84 -35.92 -28.78
CA ARG D 355 41.06 -36.41 -29.41
C ARG D 355 41.33 -37.85 -28.98
N LEU D 356 41.47 -38.75 -29.96
CA LEU D 356 41.67 -40.18 -29.68
C LEU D 356 42.82 -40.81 -30.46
N TYR D 357 43.63 -40.02 -31.17
CA TYR D 357 44.68 -40.57 -32.00
C TYR D 357 45.82 -41.16 -31.16
N ASN D 358 46.75 -41.81 -31.85
CA ASN D 358 47.78 -42.66 -31.25
C ASN D 358 47.24 -43.50 -30.09
N ASN D 359 46.26 -44.32 -30.41
CA ASN D 359 45.88 -45.48 -29.60
C ASN D 359 45.74 -46.64 -30.58
N ALA D 360 46.70 -47.57 -30.54
CA ALA D 360 46.77 -48.60 -31.57
C ALA D 360 45.59 -49.54 -31.49
N GLY D 361 45.22 -49.97 -30.29
CA GLY D 361 44.11 -50.89 -30.15
C GLY D 361 42.77 -50.38 -30.67
N LEU D 362 42.58 -49.06 -30.66
CA LEU D 362 41.23 -48.47 -30.76
C LEU D 362 40.49 -48.91 -32.03
N CYS D 363 39.29 -49.46 -31.83
CA CYS D 363 38.44 -49.91 -32.93
C CYS D 363 37.52 -48.76 -33.27
N VAL D 364 37.73 -48.15 -34.43
CA VAL D 364 36.99 -46.95 -34.81
C VAL D 364 35.89 -47.37 -35.76
N ASN D 365 34.77 -46.67 -35.68
CA ASN D 365 33.58 -47.01 -36.44
C ASN D 365 33.21 -45.94 -37.44
N ARG D 366 33.11 -44.68 -36.98
CA ARG D 366 32.55 -43.61 -37.80
C ARG D 366 33.22 -42.23 -37.70
N ASP D 367 33.98 -41.91 -36.65
CA ASP D 367 34.44 -40.52 -36.42
C ASP D 367 35.89 -40.28 -36.86
N ALA E 1 -24.90 40.86 12.47
CA ALA E 1 -25.85 39.79 12.26
C ALA E 1 -27.08 39.97 13.13
N ARG E 2 -28.02 40.80 12.70
CA ARG E 2 -29.21 41.10 13.50
C ARG E 2 -30.47 40.82 12.69
N THR E 3 -31.59 40.71 13.41
CA THR E 3 -32.86 40.29 12.84
C THR E 3 -33.58 41.48 12.19
N GLU E 4 -34.16 41.24 11.02
CA GLU E 4 -34.99 42.23 10.35
C GLU E 4 -36.08 42.75 11.30
N PRO E 5 -36.10 44.06 11.62
CA PRO E 5 -36.96 44.57 12.70
C PRO E 5 -38.44 44.27 12.52
N ASP E 6 -38.96 44.38 11.30
CA ASP E 6 -40.36 44.08 11.06
C ASP E 6 -40.66 42.61 11.37
N GLU E 7 -39.83 41.69 10.87
CA GLU E 7 -39.98 40.28 11.23
C GLU E 7 -39.89 40.10 12.73
N GLN E 8 -39.03 40.87 13.39
CA GLN E 8 -38.93 40.74 14.83
C GLN E 8 -40.29 41.03 15.48
N ASP E 9 -40.92 42.14 15.10
CA ASP E 9 -42.19 42.45 15.75
C ASP E 9 -43.30 41.49 15.37
N ALA E 10 -43.29 40.98 14.13
CA ALA E 10 -44.19 39.87 13.81
C ALA E 10 -44.01 38.72 14.81
N VAL E 11 -42.77 38.30 15.01
CA VAL E 11 -42.50 37.22 15.94
C VAL E 11 -43.08 37.53 17.31
N TYR E 12 -42.78 38.72 17.84
CA TYR E 12 -43.38 39.15 19.10
C TYR E 12 -44.90 38.95 19.09
N ASP E 13 -45.56 39.49 18.07
CA ASP E 13 -47.01 39.37 17.90
C ASP E 13 -47.48 37.93 18.02
N ILE E 14 -46.91 37.06 17.20
CA ILE E 14 -47.25 35.65 17.19
C ILE E 14 -47.06 35.01 18.55
N MET E 15 -45.98 35.35 19.24
CA MET E 15 -45.76 34.74 20.53
C MET E 15 -46.69 35.24 21.59
N ARG E 16 -47.25 36.42 21.39
CA ARG E 16 -48.18 36.96 22.34
C ARG E 16 -49.53 36.38 22.02
N ALA E 17 -49.83 36.25 20.76
CA ALA E 17 -51.07 35.59 20.39
C ALA E 17 -51.11 34.16 20.91
N THR E 18 -49.95 33.53 21.09
CA THR E 18 -49.94 32.16 21.58
C THR E 18 -49.86 32.04 23.11
N GLY E 19 -49.56 33.11 23.83
CA GLY E 19 -49.49 33.08 25.28
C GLY E 19 -48.07 33.13 25.85
N ASN E 20 -47.06 33.24 24.98
CA ASN E 20 -45.65 33.15 25.36
C ASN E 20 -44.97 34.51 25.20
N ASP E 21 -45.25 35.41 26.16
CA ASP E 21 -44.85 36.81 26.07
C ASP E 21 -43.39 37.02 26.47
N TRP E 22 -42.79 36.05 27.19
CA TRP E 22 -41.38 36.11 27.54
C TRP E 22 -40.51 36.34 26.33
N ALA E 23 -41.06 36.14 25.13
CA ALA E 23 -40.29 36.38 23.91
C ALA E 23 -40.10 37.86 23.68
N ALA E 24 -41.10 38.70 24.01
CA ALA E 24 -40.99 40.13 23.79
C ALA E 24 -39.78 40.72 24.52
N ALA E 25 -39.49 40.22 25.72
CA ALA E 25 -38.32 40.63 26.49
C ALA E 25 -37.00 40.21 25.86
N ILE E 26 -37.00 39.29 24.90
CA ILE E 26 -35.75 38.84 24.27
C ILE E 26 -35.26 39.93 23.31
N PRO E 27 -34.01 40.38 23.42
CA PRO E 27 -33.55 41.50 22.57
C PRO E 27 -33.47 41.16 21.08
N ASP E 28 -32.84 40.06 20.68
CA ASP E 28 -32.76 39.67 19.26
C ASP E 28 -33.12 38.20 19.11
N VAL E 29 -34.29 37.96 18.57
CA VAL E 29 -34.96 36.66 18.46
C VAL E 29 -34.25 35.59 17.68
N CYS E 30 -33.52 35.96 16.63
CA CYS E 30 -32.80 35.00 15.85
C CYS E 30 -31.44 34.71 16.44
N ARG E 31 -31.02 35.49 17.40
CA ARG E 31 -29.78 35.22 18.10
C ARG E 31 -30.09 34.59 19.46
N GLY E 32 -31.13 35.08 20.09
CA GLY E 32 -31.60 34.47 21.31
C GLY E 32 -32.72 33.47 20.99
N ARG E 33 -32.44 32.37 20.30
CA ARG E 33 -33.47 31.42 19.96
C ARG E 33 -33.85 30.45 21.02
N TRP E 34 -35.02 29.91 20.82
CA TRP E 34 -35.60 28.88 21.62
C TRP E 34 -35.96 27.75 20.65
N HIS E 35 -36.05 26.55 21.13
CA HIS E 35 -36.43 25.46 20.25
C HIS E 35 -37.84 25.75 19.72
N GLY E 36 -37.96 25.88 18.41
CA GLY E 36 -39.22 26.33 17.85
C GLY E 36 -39.15 27.55 16.97
N ILE E 37 -37.94 28.04 16.74
CA ILE E 37 -37.68 29.07 15.73
C ILE E 37 -36.30 28.82 15.13
N GLU E 38 -36.20 28.99 13.82
CA GLU E 38 -34.98 28.83 13.07
C GLU E 38 -34.89 30.08 12.20
N CYS E 39 -33.73 30.66 12.06
CA CYS E 39 -33.50 31.81 11.21
C CYS E 39 -32.36 31.47 10.23
N MET E 40 -32.16 32.32 9.22
CA MET E 40 -31.06 32.25 8.25
C MET E 40 -30.68 33.66 7.81
N PRO E 41 -29.40 33.91 7.56
CA PRO E 41 -28.98 35.24 7.11
C PRO E 41 -29.02 35.40 5.60
N ASP E 42 -29.35 36.62 5.17
CA ASP E 42 -29.21 36.94 3.75
C ASP E 42 -27.78 37.40 3.51
N GLN E 43 -27.50 37.87 2.30
CA GLN E 43 -26.16 38.25 1.92
C GLN E 43 -25.73 39.61 2.46
N ASP E 44 -26.62 40.31 3.17
CA ASP E 44 -26.27 41.52 3.90
C ASP E 44 -26.44 41.32 5.40
N ASN E 45 -26.19 40.10 5.86
CA ASN E 45 -26.05 39.78 7.28
C ASN E 45 -27.27 40.25 8.07
N VAL E 46 -28.45 40.09 7.48
CA VAL E 46 -29.73 40.21 8.16
C VAL E 46 -30.28 38.80 8.39
N TYR E 47 -30.75 38.54 9.60
CA TYR E 47 -31.42 37.28 9.91
C TYR E 47 -32.91 37.37 9.57
N HIS E 48 -33.42 36.37 8.86
CA HIS E 48 -34.85 36.25 8.60
C HIS E 48 -35.36 34.95 9.21
N VAL E 49 -36.57 35.00 9.76
CA VAL E 49 -37.21 33.83 10.35
C VAL E 49 -37.65 32.88 9.24
N VAL E 50 -37.27 31.61 9.37
CA VAL E 50 -37.53 30.60 8.34
C VAL E 50 -38.40 29.46 8.84
N SER E 51 -38.47 29.21 10.14
CA SER E 51 -39.32 28.14 10.64
C SER E 51 -39.98 28.60 11.93
N LEU E 52 -41.25 28.22 12.14
CA LEU E 52 -41.94 28.59 13.37
C LEU E 52 -42.82 27.42 13.81
N SER E 53 -42.61 26.91 15.03
CA SER E 53 -43.31 25.70 15.46
C SER E 53 -43.79 25.87 16.89
N PHE E 54 -44.85 25.18 17.21
CA PHE E 54 -45.44 25.26 18.51
C PHE E 54 -46.01 23.94 18.94
N GLY E 55 -46.05 23.76 20.22
CA GLY E 55 -46.63 22.58 20.77
C GLY E 55 -45.64 21.56 21.23
N ALA E 56 -46.08 20.73 22.13
CA ALA E 56 -45.19 19.75 22.63
C ALA E 56 -45.46 18.50 21.91
N LEU E 57 -44.59 18.12 20.98
CA LEU E 57 -44.69 16.90 20.20
C LEU E 57 -44.01 15.77 20.97
N SER E 58 -44.61 15.41 22.11
CA SER E 58 -44.20 14.49 23.18
C SER E 58 -43.28 15.04 24.27
N ASP E 59 -43.05 16.35 24.32
CA ASP E 59 -42.32 17.02 25.42
C ASP E 59 -40.80 16.73 25.68
N ASP E 60 -40.21 15.83 24.91
CA ASP E 60 -38.81 15.58 25.06
C ASP E 60 -38.18 16.81 24.52
N THR E 61 -38.61 17.19 23.33
CA THR E 61 -38.09 18.34 22.62
C THR E 61 -39.30 19.14 22.22
N ALA E 62 -39.92 19.71 23.25
CA ALA E 62 -41.10 20.55 23.15
C ALA E 62 -40.94 21.97 22.65
N PHE E 63 -42.00 22.38 21.99
CA PHE E 63 -42.08 23.71 21.47
C PHE E 63 -42.89 24.55 22.41
N PRO E 64 -42.81 25.84 22.26
CA PRO E 64 -43.60 26.74 23.11
C PRO E 64 -45.07 26.29 23.22
N THR E 65 -45.53 26.19 24.46
CA THR E 65 -46.89 25.77 24.76
C THR E 65 -47.86 26.90 24.42
N CYS E 66 -49.14 26.59 24.40
CA CYS E 66 -50.14 27.62 24.17
C CYS E 66 -51.09 27.70 25.35
N ASP E 67 -51.48 28.93 25.70
CA ASP E 67 -52.54 29.18 26.65
C ASP E 67 -53.81 28.52 26.12
N PRO E 68 -54.32 27.46 26.76
CA PRO E 68 -55.53 26.80 26.23
C PRO E 68 -56.74 27.72 26.15
N GLN E 69 -56.79 28.78 26.97
CA GLN E 69 -57.98 29.59 27.16
C GLN E 69 -58.04 30.79 26.21
N ARG E 70 -56.91 31.31 25.74
CA ARG E 70 -56.94 32.61 25.05
C ARG E 70 -56.02 32.72 23.83
N SER E 71 -55.52 31.63 23.26
CA SER E 71 -54.54 31.79 22.20
C SER E 71 -55.14 31.58 20.80
N TYR E 72 -54.44 32.11 19.79
CA TYR E 72 -54.96 32.13 18.44
C TYR E 72 -53.81 32.28 17.45
N VAL E 73 -54.11 31.96 16.20
CA VAL E 73 -53.17 32.12 15.08
C VAL E 73 -53.11 33.60 14.68
N SER E 74 -51.93 34.18 14.72
CA SER E 74 -51.81 35.63 14.57
C SER E 74 -51.60 36.03 13.12
N GLU E 75 -52.42 37.00 12.67
CA GLU E 75 -52.34 37.61 11.34
C GLU E 75 -50.94 38.13 11.06
N SER E 76 -50.16 38.42 12.10
CA SER E 76 -48.81 38.95 11.90
C SER E 76 -47.88 37.94 11.24
N LEU E 77 -48.25 36.64 11.18
CA LEU E 77 -47.49 35.67 10.39
C LEU E 77 -47.30 36.14 8.96
N THR E 78 -48.24 36.94 8.44
CA THR E 78 -48.13 37.44 7.09
C THR E 78 -46.88 38.28 6.86
N ARG E 79 -46.30 38.86 7.92
CA ARG E 79 -45.12 39.69 7.76
C ARG E 79 -43.82 38.92 7.60
N LEU E 80 -43.85 37.59 7.74
CA LEU E 80 -42.64 36.78 7.62
C LEU E 80 -42.50 36.35 6.17
N LYS E 81 -41.88 37.21 5.36
CA LYS E 81 -41.78 36.99 3.93
C LYS E 81 -40.96 35.76 3.58
N HIS E 82 -40.24 35.20 4.55
CA HIS E 82 -39.31 34.11 4.32
C HIS E 82 -39.66 32.82 5.06
N LEU E 83 -40.80 32.78 5.77
CA LEU E 83 -41.24 31.59 6.48
C LEU E 83 -41.35 30.39 5.55
N LYS E 84 -40.55 29.37 5.80
CA LYS E 84 -40.59 28.17 4.98
C LYS E 84 -41.27 27.01 5.68
N ALA E 85 -41.34 27.01 7.01
CA ALA E 85 -42.20 26.01 7.64
C ALA E 85 -42.93 26.62 8.82
N LEU E 86 -44.12 26.06 9.10
CA LEU E 86 -44.97 26.50 10.20
C LEU E 86 -45.66 25.25 10.75
N PHE E 87 -45.67 25.13 12.07
CA PHE E 87 -45.99 23.88 12.74
C PHE E 87 -46.78 24.24 13.99
N PHE E 88 -47.95 23.63 14.15
CA PHE E 88 -48.81 23.80 15.32
C PHE E 88 -49.26 22.41 15.73
N TYR E 89 -48.96 22.00 16.96
CA TYR E 89 -49.30 20.63 17.35
C TYR E 89 -49.91 20.62 18.74
N ARG E 90 -51.16 20.17 18.81
CA ARG E 90 -52.01 20.22 20.01
C ARG E 90 -51.96 21.57 20.72
N CYS E 91 -51.95 22.64 19.94
CA CYS E 91 -52.05 23.98 20.47
C CYS E 91 -53.51 24.39 20.42
N LEU E 92 -54.17 24.41 21.58
CA LEU E 92 -55.60 24.68 21.69
C LEU E 92 -55.81 26.09 22.24
N GLY E 93 -56.75 26.82 21.63
CA GLY E 93 -56.93 28.23 21.88
C GLY E 93 -58.30 28.65 22.36
N ARG E 94 -58.45 29.98 22.49
CA ARG E 94 -59.60 30.60 23.14
C ARG E 94 -60.91 29.89 22.84
N ALA E 95 -61.29 29.87 21.58
CA ALA E 95 -62.24 28.92 21.05
C ALA E 95 -61.53 28.00 20.09
N PRO E 96 -62.19 26.93 19.68
CA PRO E 96 -61.83 26.33 18.40
C PRO E 96 -62.05 27.38 17.30
N GLN E 97 -60.97 27.68 16.60
CA GLN E 97 -60.96 28.66 15.51
C GLN E 97 -61.14 27.92 14.18
N ARG E 98 -61.27 28.68 13.10
CA ARG E 98 -61.08 28.16 11.76
C ARG E 98 -59.64 28.32 11.33
N ILE E 99 -59.24 27.55 10.33
CA ILE E 99 -57.95 27.89 9.72
C ILE E 99 -58.07 29.27 9.07
N PRO E 100 -57.12 30.18 9.31
CA PRO E 100 -57.26 31.54 8.77
C PRO E 100 -56.89 31.61 7.30
N ALA E 101 -57.65 32.42 6.54
CA ALA E 101 -57.35 32.57 5.12
C ALA E 101 -56.01 33.25 4.89
N PHE E 102 -55.57 34.09 5.83
CA PHE E 102 -54.39 34.87 5.49
C PHE E 102 -53.12 34.03 5.41
N LEU E 103 -53.16 32.77 5.84
CA LEU E 103 -52.02 31.88 5.64
C LEU E 103 -51.61 31.84 4.17
N GLY E 104 -52.60 31.88 3.26
CA GLY E 104 -52.31 31.93 1.83
C GLY E 104 -51.40 33.07 1.41
N ARG E 105 -51.36 34.15 2.18
CA ARG E 105 -50.49 35.22 1.76
C ARG E 105 -48.96 34.88 2.01
N LEU E 106 -48.53 33.65 2.30
CA LEU E 106 -47.10 33.37 2.34
C LEU E 106 -46.66 32.46 1.19
N GLY E 107 -47.28 32.64 0.02
CA GLY E 107 -47.10 31.69 -1.07
C GLY E 107 -45.71 31.63 -1.67
N SER E 108 -44.92 32.68 -1.53
CA SER E 108 -43.61 32.68 -2.15
C SER E 108 -42.66 31.70 -1.47
N SER E 109 -42.80 31.52 -0.14
CA SER E 109 -41.79 30.80 0.61
C SER E 109 -42.28 29.59 1.40
N LEU E 110 -43.58 29.50 1.76
CA LEU E 110 -44.00 28.46 2.68
C LEU E 110 -43.87 27.09 2.03
N GLN E 111 -42.93 26.30 2.53
CA GLN E 111 -42.69 24.98 2.01
C GLN E 111 -43.32 23.87 2.83
N THR E 112 -43.48 24.06 4.14
CA THR E 112 -44.18 23.08 4.95
C THR E 112 -45.17 23.78 5.87
N LEU E 113 -46.37 23.21 5.96
CA LEU E 113 -47.45 23.72 6.81
C LEU E 113 -48.12 22.53 7.48
N VAL E 114 -48.04 22.49 8.80
CA VAL E 114 -48.48 21.38 9.64
C VAL E 114 -49.33 22.00 10.74
N LEU E 115 -50.64 21.69 10.73
CA LEU E 115 -51.63 22.21 11.70
C LEU E 115 -52.32 20.97 12.24
N ARG E 116 -51.74 20.36 13.26
CA ARG E 116 -52.08 19.00 13.61
C ARG E 116 -52.73 18.98 14.98
N GLU E 117 -53.96 18.48 15.03
CA GLU E 117 -54.71 18.30 16.28
C GLU E 117 -54.88 19.62 17.05
N ASN E 118 -55.41 20.64 16.36
CA ASN E 118 -55.70 21.91 17.01
C ASN E 118 -57.20 22.20 17.12
N GLY E 119 -58.05 21.22 16.84
CA GLY E 119 -59.49 21.44 16.93
C GLY E 119 -60.01 22.47 15.96
N PHE E 120 -59.36 22.61 14.79
CA PHE E 120 -59.77 23.61 13.81
C PHE E 120 -61.17 23.31 13.27
N LEU E 121 -61.97 24.36 13.09
CA LEU E 121 -63.37 24.24 12.71
C LEU E 121 -63.60 24.76 11.30
N GLY E 122 -64.71 24.31 10.69
CA GLY E 122 -65.19 24.87 9.45
C GLY E 122 -64.52 24.29 8.23
N PRO E 123 -64.67 24.97 7.09
CA PRO E 123 -64.04 24.50 5.86
C PRO E 123 -62.57 24.92 5.75
N ILE E 124 -61.87 24.20 4.89
CA ILE E 124 -60.49 24.52 4.58
C ILE E 124 -60.53 25.80 3.75
N PRO E 125 -59.89 26.87 4.20
CA PRO E 125 -59.88 28.12 3.42
C PRO E 125 -59.38 27.89 2.01
N ASP E 126 -60.14 28.38 1.04
CA ASP E 126 -59.78 28.27 -0.37
C ASP E 126 -58.36 28.77 -0.64
N GLU E 127 -57.99 29.88 -0.01
CA GLU E 127 -56.76 30.58 -0.37
C GLU E 127 -55.50 29.82 0.00
N LEU E 128 -55.58 28.68 0.70
CA LEU E 128 -54.36 27.89 0.88
C LEU E 128 -53.86 27.33 -0.43
N GLY E 129 -54.70 27.24 -1.46
CA GLY E 129 -54.20 26.98 -2.79
C GLY E 129 -53.13 27.96 -3.23
N ASN E 130 -53.05 29.12 -2.60
CA ASN E 130 -52.03 30.06 -3.02
C ASN E 130 -50.63 29.68 -2.54
N LEU E 131 -50.51 28.63 -1.71
CA LEU E 131 -49.20 28.15 -1.26
C LEU E 131 -48.63 27.15 -2.27
N THR E 132 -48.15 27.67 -3.39
CA THR E 132 -47.80 26.82 -4.52
C THR E 132 -46.37 26.30 -4.48
N ASN E 133 -45.62 26.53 -3.41
CA ASN E 133 -44.34 25.86 -3.20
C ASN E 133 -44.40 24.85 -2.06
N LEU E 134 -45.59 24.59 -1.52
CA LEU E 134 -45.77 23.64 -0.43
C LEU E 134 -45.38 22.25 -0.86
N LYS E 135 -44.55 21.57 -0.02
CA LYS E 135 -44.22 20.15 -0.19
C LYS E 135 -44.90 19.27 0.84
N VAL E 136 -45.27 19.85 1.97
CA VAL E 136 -45.88 19.12 3.08
C VAL E 136 -47.08 19.92 3.57
N LEU E 137 -48.27 19.41 3.35
CA LEU E 137 -49.45 19.98 3.98
C LEU E 137 -50.06 18.92 4.86
N ASP E 138 -50.26 19.25 6.14
CA ASP E 138 -50.92 18.32 7.05
C ASP E 138 -51.90 19.07 7.94
N LEU E 139 -53.16 18.71 7.86
CA LEU E 139 -54.15 19.28 8.72
C LEU E 139 -54.83 18.19 9.46
N HIS E 140 -54.11 17.12 9.72
CA HIS E 140 -54.62 15.88 10.34
C HIS E 140 -55.27 16.08 11.70
N LYS E 141 -56.37 15.37 11.96
CA LYS E 141 -57.14 15.38 13.18
C LYS E 141 -57.73 16.65 13.75
N ASN E 142 -58.44 17.38 12.94
CA ASN E 142 -59.12 18.55 13.38
C ASN E 142 -60.61 18.26 13.28
N HIS E 143 -61.41 19.27 13.05
CA HIS E 143 -62.84 19.05 12.85
C HIS E 143 -63.30 19.67 11.59
N LEU E 144 -62.44 19.73 10.61
CA LEU E 144 -62.76 20.33 9.35
C LEU E 144 -63.89 19.67 8.59
N ASN E 145 -64.79 20.46 8.02
CA ASN E 145 -65.90 19.99 7.24
C ASN E 145 -65.79 20.55 5.84
N GLY E 146 -66.78 20.32 5.00
CA GLY E 146 -66.67 20.84 3.66
C GLY E 146 -65.85 20.02 2.71
N SER E 147 -65.48 20.61 1.60
CA SER E 147 -64.74 19.93 0.61
C SER E 147 -63.30 20.24 0.57
N ILE E 148 -62.54 19.30 0.06
CA ILE E 148 -61.15 19.59 -0.22
C ILE E 148 -61.17 20.65 -1.31
N PRO E 149 -60.64 21.85 -1.07
CA PRO E 149 -60.68 22.89 -2.09
C PRO E 149 -60.11 22.37 -3.40
N LEU E 150 -60.76 22.77 -4.48
CA LEU E 150 -60.26 22.47 -5.82
C LEU E 150 -58.90 23.08 -6.07
N SER E 151 -58.63 24.24 -5.46
CA SER E 151 -57.36 24.93 -5.68
C SER E 151 -56.16 24.10 -5.27
N PHE E 152 -56.35 23.02 -4.51
CA PHE E 152 -55.24 22.14 -4.21
C PHE E 152 -54.57 21.61 -5.48
N ASN E 153 -55.21 21.76 -6.66
CA ASN E 153 -54.52 21.31 -7.86
C ASN E 153 -53.35 22.20 -8.25
N ARG E 154 -53.15 23.31 -7.58
CA ARG E 154 -52.03 24.20 -7.88
C ARG E 154 -50.82 23.93 -7.01
N PHE E 155 -50.82 22.83 -6.26
CA PHE E 155 -49.65 22.34 -5.54
C PHE E 155 -48.86 21.45 -6.47
N SER E 156 -48.14 22.05 -7.40
CA SER E 156 -47.44 21.23 -8.38
C SER E 156 -46.31 20.40 -7.77
N GLY E 157 -45.73 20.82 -6.64
CA GLY E 157 -44.57 20.14 -6.08
C GLY E 157 -44.75 19.54 -4.71
N LEU E 158 -46.00 19.50 -4.25
CA LEU E 158 -46.36 18.86 -2.99
C LEU E 158 -45.84 17.42 -2.89
N ARG E 159 -45.32 17.08 -1.71
CA ARG E 159 -44.77 15.75 -1.43
C ARG E 159 -45.69 14.90 -0.58
N SER E 160 -46.43 15.52 0.31
CA SER E 160 -47.19 14.76 1.27
C SER E 160 -48.43 15.56 1.66
N LEU E 161 -49.58 14.90 1.57
CA LEU E 161 -50.85 15.52 1.92
C LEU E 161 -51.52 14.65 2.97
N ASP E 162 -51.70 15.21 4.18
CA ASP E 162 -52.41 14.51 5.25
C ASP E 162 -53.62 15.32 5.67
N LEU E 163 -54.81 14.83 5.31
CA LEU E 163 -56.09 15.42 5.71
C LEU E 163 -56.94 14.46 6.53
N SER E 164 -56.33 13.41 7.07
CA SER E 164 -57.07 12.34 7.73
C SER E 164 -57.61 12.78 9.10
N GLY E 165 -58.64 12.08 9.54
CA GLY E 165 -59.27 12.36 10.81
C GLY E 165 -60.02 13.67 10.90
N ASN E 166 -60.88 13.95 9.92
CA ASN E 166 -61.68 15.17 9.86
C ASN E 166 -63.12 14.77 9.54
N ARG E 167 -63.96 15.73 9.14
CA ARG E 167 -65.27 15.38 8.59
C ARG E 167 -65.35 15.93 7.18
N LEU E 168 -64.35 15.67 6.34
CA LEU E 168 -64.33 16.21 4.99
C LEU E 168 -65.32 15.44 4.11
N THR E 169 -66.11 16.15 3.33
CA THR E 169 -67.08 15.52 2.42
C THR E 169 -66.67 15.82 0.98
N GLY E 170 -67.59 15.55 0.04
CA GLY E 170 -67.23 15.66 -1.35
C GLY E 170 -66.28 14.54 -1.76
N SER E 171 -65.69 14.75 -2.93
CA SER E 171 -64.94 13.69 -3.60
C SER E 171 -63.46 13.75 -3.29
N ILE E 172 -62.79 12.63 -3.50
CA ILE E 172 -61.33 12.61 -3.58
C ILE E 172 -60.93 13.67 -4.58
N PRO E 173 -59.85 14.40 -4.35
CA PRO E 173 -59.57 15.34 -5.38
C PRO E 173 -59.18 14.74 -6.70
N GLY E 174 -59.43 15.48 -7.75
CA GLY E 174 -59.11 15.02 -9.06
C GLY E 174 -57.82 15.54 -9.57
N PHE E 175 -56.92 15.92 -8.70
CA PHE E 175 -55.68 16.46 -9.16
C PHE E 175 -54.68 15.45 -9.64
N VAL E 176 -53.66 15.99 -10.27
CA VAL E 176 -52.53 15.23 -10.74
C VAL E 176 -51.30 15.96 -10.29
N LEU E 177 -50.71 15.51 -9.20
CA LEU E 177 -49.46 16.04 -8.64
C LEU E 177 -48.35 15.05 -8.95
N PRO E 178 -47.42 15.36 -9.86
CA PRO E 178 -46.46 14.33 -10.30
C PRO E 178 -45.53 13.85 -9.20
N ALA E 179 -45.22 14.70 -8.23
CA ALA E 179 -44.25 14.39 -7.19
C ALA E 179 -44.91 14.01 -5.87
N LEU E 180 -46.23 13.95 -5.83
CA LEU E 180 -46.87 13.58 -4.58
C LEU E 180 -46.48 12.15 -4.20
N SER E 181 -46.07 11.97 -2.94
CA SER E 181 -45.65 10.67 -2.48
C SER E 181 -46.61 10.04 -1.48
N VAL E 182 -47.12 10.80 -0.51
CA VAL E 182 -48.07 10.30 0.48
C VAL E 182 -49.42 10.99 0.28
N LEU E 183 -50.48 10.19 0.18
CA LEU E 183 -51.84 10.72 0.20
C LEU E 183 -52.58 10.04 1.32
N ASP E 184 -53.00 10.83 2.32
CA ASP E 184 -53.64 10.28 3.50
C ASP E 184 -54.91 11.08 3.69
N LEU E 185 -56.05 10.44 3.43
CA LEU E 185 -57.35 11.08 3.64
C LEU E 185 -58.28 10.22 4.48
N ASN E 186 -57.75 9.24 5.21
CA ASN E 186 -58.60 8.24 5.85
C ASN E 186 -59.40 8.86 7.02
N GLN E 187 -60.51 8.19 7.35
CA GLN E 187 -61.45 8.68 8.37
C GLN E 187 -61.94 10.08 8.03
N ASN E 188 -62.67 10.14 6.93
CA ASN E 188 -63.40 11.34 6.56
C ASN E 188 -64.80 10.89 6.11
N LEU E 189 -65.47 11.75 5.35
CA LEU E 189 -66.76 11.40 4.77
C LEU E 189 -66.72 11.50 3.24
N LEU E 190 -65.59 11.20 2.62
CA LEU E 190 -65.46 11.43 1.21
C LEU E 190 -66.21 10.38 0.41
N THR E 191 -66.70 10.80 -0.75
CA THR E 191 -67.70 10.06 -1.52
C THR E 191 -67.24 10.08 -2.96
N GLY E 192 -68.03 9.44 -3.84
CA GLY E 192 -67.70 9.32 -5.25
C GLY E 192 -66.77 8.16 -5.55
N PRO E 193 -66.45 7.95 -6.82
CA PRO E 193 -65.48 6.92 -7.18
C PRO E 193 -64.06 7.40 -6.94
N VAL E 194 -63.13 6.48 -7.07
CA VAL E 194 -61.72 6.85 -7.04
C VAL E 194 -61.37 7.48 -8.38
N PRO E 195 -61.20 8.80 -8.46
CA PRO E 195 -60.96 9.42 -9.75
C PRO E 195 -59.75 8.78 -10.41
N PRO E 196 -59.82 8.44 -11.68
CA PRO E 196 -58.70 7.69 -12.27
C PRO E 196 -57.51 8.58 -12.52
N THR E 197 -57.72 9.90 -12.49
CA THR E 197 -56.61 10.84 -12.39
C THR E 197 -55.61 10.42 -11.33
N LEU E 198 -56.07 9.77 -10.26
CA LEU E 198 -55.19 9.39 -9.16
C LEU E 198 -54.03 8.53 -9.63
N THR E 199 -54.23 7.69 -10.63
CA THR E 199 -53.14 6.86 -11.06
C THR E 199 -52.19 7.56 -12.00
N SER E 200 -52.32 8.87 -12.16
CA SER E 200 -51.30 9.68 -12.83
C SER E 200 -50.35 10.31 -11.83
N CYS E 201 -50.56 10.06 -10.52
CA CYS E 201 -49.63 10.47 -9.46
C CYS E 201 -48.60 9.36 -9.23
N GLY E 202 -47.71 9.20 -10.22
CA GLY E 202 -46.80 8.07 -10.22
C GLY E 202 -45.84 8.04 -9.06
N SER E 203 -45.49 9.20 -8.51
CA SER E 203 -44.60 9.18 -7.36
C SER E 203 -45.24 8.53 -6.14
N LEU E 204 -46.53 8.22 -6.18
CA LEU E 204 -47.22 7.78 -4.97
C LEU E 204 -46.61 6.48 -4.39
N ILE E 205 -46.32 6.53 -3.09
CA ILE E 205 -45.84 5.37 -2.34
C ILE E 205 -46.84 4.92 -1.29
N LYS E 206 -47.85 5.72 -0.97
CA LYS E 206 -48.83 5.38 0.05
C LYS E 206 -50.16 6.04 -0.27
N ILE E 207 -51.23 5.24 -0.33
CA ILE E 207 -52.58 5.75 -0.46
C ILE E 207 -53.40 5.21 0.69
N ASP E 208 -53.75 6.07 1.63
CA ASP E 208 -54.61 5.71 2.76
C ASP E 208 -55.94 6.45 2.58
N LEU E 209 -56.94 5.75 2.05
CA LEU E 209 -58.29 6.28 1.92
C LEU E 209 -59.27 5.54 2.80
N SER E 210 -58.77 4.75 3.74
CA SER E 210 -59.70 3.91 4.44
C SER E 210 -60.64 4.72 5.33
N ARG E 211 -61.75 4.10 5.69
CA ARG E 211 -62.80 4.71 6.49
C ARG E 211 -63.31 6.00 5.86
N ASN E 212 -63.81 5.85 4.65
CA ASN E 212 -64.60 6.92 4.05
C ASN E 212 -65.88 6.32 3.49
N ARG E 213 -66.42 6.93 2.45
CA ARG E 213 -67.62 6.43 1.78
C ARG E 213 -67.37 6.37 0.28
N VAL E 214 -66.09 6.23 -0.12
CA VAL E 214 -65.79 6.19 -1.54
C VAL E 214 -66.45 4.94 -2.14
N THR E 215 -67.03 5.11 -3.33
CA THR E 215 -67.74 4.04 -4.03
C THR E 215 -67.03 3.74 -5.35
N GLY E 216 -67.63 2.84 -6.12
CA GLY E 216 -67.07 2.45 -7.39
C GLY E 216 -65.91 1.49 -7.24
N PRO E 217 -65.28 1.12 -8.34
CA PRO E 217 -64.24 0.08 -8.31
C PRO E 217 -62.83 0.67 -8.17
N ILE E 218 -61.87 -0.21 -7.94
CA ILE E 218 -60.47 0.22 -8.01
C ILE E 218 -60.09 0.51 -9.46
N PRO E 219 -59.43 1.62 -9.74
CA PRO E 219 -59.07 1.92 -11.13
C PRO E 219 -58.25 0.78 -11.73
N GLU E 220 -58.66 0.36 -12.91
CA GLU E 220 -57.91 -0.65 -13.64
C GLU E 220 -56.49 -0.17 -13.91
N SER E 221 -56.34 1.12 -14.22
CA SER E 221 -55.04 1.76 -14.42
C SER E 221 -54.10 1.61 -13.25
N GLN E 222 -54.61 1.14 -12.11
CA GLN E 222 -53.83 1.13 -10.87
C GLN E 222 -52.46 0.45 -11.01
N ASN E 223 -52.28 -0.37 -12.05
CA ASN E 223 -51.00 -1.02 -12.37
C ASN E 223 -49.85 -0.04 -12.42
N ARG E 224 -50.16 1.19 -12.75
CA ARG E 224 -49.20 2.23 -13.03
C ARG E 224 -48.33 2.75 -11.91
N LEU E 225 -48.75 2.58 -10.68
CA LEU E 225 -47.96 3.05 -9.59
C LEU E 225 -46.91 2.06 -9.28
N ASN E 226 -45.71 2.25 -9.80
CA ASN E 226 -44.62 1.34 -9.53
C ASN E 226 -44.00 1.49 -8.19
N GLN E 227 -44.23 2.61 -7.53
CA GLN E 227 -43.60 2.90 -6.30
C GLN E 227 -44.45 2.75 -5.08
N LEU E 228 -45.72 2.43 -5.25
CA LEU E 228 -46.65 2.31 -4.17
C LEU E 228 -46.34 1.16 -3.26
N VAL E 229 -46.17 1.44 -2.00
CA VAL E 229 -45.76 0.47 -1.00
C VAL E 229 -46.96 0.00 -0.18
N LEU E 230 -47.85 0.92 0.17
CA LEU E 230 -49.06 0.61 0.93
C LEU E 230 -50.30 1.22 0.29
N LEU E 231 -51.38 0.42 0.23
CA LEU E 231 -52.69 0.88 -0.25
C LEU E 231 -53.79 0.38 0.69
N ASP E 232 -54.57 1.30 1.24
CA ASP E 232 -55.56 0.96 2.25
C ASP E 232 -56.89 1.56 1.83
N LEU E 233 -57.82 0.72 1.41
CA LEU E 233 -59.13 1.15 0.96
C LEU E 233 -60.20 0.57 1.87
N SER E 234 -59.81 0.26 3.10
CA SER E 234 -60.66 -0.45 4.01
C SER E 234 -61.85 0.41 4.39
N TYR E 235 -62.96 -0.24 4.72
CA TYR E 235 -64.16 0.41 5.24
C TYR E 235 -64.63 1.56 4.32
N ASN E 236 -64.95 1.18 3.09
CA ASN E 236 -65.55 2.09 2.12
C ASN E 236 -66.70 1.34 1.49
N ARG E 237 -67.20 1.84 0.37
CA ARG E 237 -68.27 1.08 -0.29
C ARG E 237 -67.86 0.68 -1.68
N LEU E 238 -66.69 0.12 -1.81
CA LEU E 238 -66.23 -0.24 -3.12
C LEU E 238 -67.08 -1.39 -3.64
N SER E 239 -67.16 -1.47 -4.95
CA SER E 239 -67.72 -2.61 -5.66
C SER E 239 -66.62 -3.22 -6.52
N GLY E 240 -66.81 -4.48 -6.91
CA GLY E 240 -65.83 -5.16 -7.72
C GLY E 240 -65.89 -4.71 -9.17
N PRO E 241 -65.23 -5.44 -10.08
CA PRO E 241 -64.45 -6.63 -9.73
C PRO E 241 -62.97 -6.30 -9.45
N PHE E 242 -62.16 -7.29 -9.08
CA PHE E 242 -60.73 -7.08 -8.95
C PHE E 242 -60.14 -6.65 -10.28
N PRO E 243 -59.25 -5.65 -10.28
CA PRO E 243 -58.51 -5.32 -11.50
C PRO E 243 -57.83 -6.54 -12.08
N SER E 244 -57.94 -6.71 -13.41
CA SER E 244 -57.42 -7.90 -14.08
C SER E 244 -55.93 -8.09 -13.80
N SER E 245 -55.14 -7.05 -14.03
CA SER E 245 -53.71 -7.11 -13.77
C SER E 245 -53.40 -6.33 -12.50
N LEU E 246 -52.56 -6.91 -11.66
CA LEU E 246 -51.91 -6.19 -10.57
C LEU E 246 -50.42 -6.16 -10.74
N GLN E 247 -49.89 -6.67 -11.85
CA GLN E 247 -48.47 -6.99 -11.91
C GLN E 247 -47.59 -5.74 -12.01
N GLY E 248 -48.11 -4.61 -12.46
CA GLY E 248 -47.27 -3.44 -12.42
C GLY E 248 -46.83 -3.00 -11.03
N LEU E 249 -47.59 -3.38 -10.00
CA LEU E 249 -47.44 -2.79 -8.68
C LEU E 249 -46.37 -3.49 -7.85
N ASN E 250 -45.14 -3.53 -8.36
CA ASN E 250 -44.12 -4.40 -7.78
C ASN E 250 -43.34 -3.77 -6.63
N SER E 251 -43.89 -2.76 -5.98
CA SER E 251 -43.43 -2.35 -4.66
C SER E 251 -44.49 -2.62 -3.59
N LEU E 252 -45.66 -3.09 -3.99
CA LEU E 252 -46.74 -3.14 -3.04
C LEU E 252 -46.43 -4.15 -1.94
N GLN E 253 -46.33 -3.68 -0.71
CA GLN E 253 -46.15 -4.60 0.40
C GLN E 253 -47.45 -4.86 1.12
N ALA E 254 -48.41 -3.94 1.03
CA ALA E 254 -49.66 -4.07 1.75
C ALA E 254 -50.85 -3.63 0.90
N LEU E 255 -51.89 -4.46 0.89
CA LEU E 255 -53.17 -4.08 0.30
C LEU E 255 -54.27 -4.50 1.25
N MET E 256 -55.06 -3.54 1.73
CA MET E 256 -56.12 -3.83 2.68
C MET E 256 -57.45 -3.28 2.17
N LEU E 257 -58.36 -4.17 1.78
CA LEU E 257 -59.72 -3.82 1.35
C LEU E 257 -60.77 -4.14 2.41
N LYS E 258 -60.37 -4.42 3.64
CA LYS E 258 -61.30 -4.96 4.62
C LYS E 258 -62.42 -3.97 4.89
N GLY E 259 -63.65 -4.49 4.92
CA GLY E 259 -64.81 -3.72 5.31
C GLY E 259 -65.69 -3.24 4.17
N ASN E 260 -65.25 -3.36 2.93
CA ASN E 260 -66.11 -3.08 1.78
C ASN E 260 -67.13 -4.21 1.64
N ASN E 261 -68.19 -4.13 2.43
CA ASN E 261 -69.12 -5.24 2.63
C ASN E 261 -69.85 -5.70 1.36
N LYS E 262 -69.90 -4.88 0.31
CA LYS E 262 -70.56 -5.27 -0.94
C LYS E 262 -69.57 -5.35 -2.09
N PHE E 263 -68.31 -5.69 -1.79
CA PHE E 263 -67.28 -5.76 -2.82
C PHE E 263 -67.63 -6.84 -3.85
N SER E 264 -67.96 -8.04 -3.38
CA SER E 264 -68.72 -9.06 -4.13
C SER E 264 -68.15 -9.46 -5.49
N THR E 265 -67.14 -10.32 -5.50
CA THR E 265 -66.52 -10.87 -6.72
C THR E 265 -65.68 -12.08 -6.30
N THR E 266 -64.81 -12.52 -7.19
CA THR E 266 -63.93 -13.66 -7.02
C THR E 266 -62.49 -13.17 -7.02
N ILE E 267 -61.59 -13.98 -6.47
CA ILE E 267 -60.16 -13.70 -6.59
C ILE E 267 -59.63 -14.51 -7.76
N PRO E 268 -59.56 -13.98 -8.97
CA PRO E 268 -59.07 -14.78 -10.09
C PRO E 268 -57.60 -15.14 -9.90
N GLU E 269 -57.18 -16.20 -10.60
CA GLU E 269 -55.89 -16.77 -10.30
C GLU E 269 -54.76 -15.92 -10.86
N ASN E 270 -55.04 -15.10 -11.86
CA ASN E 270 -54.01 -14.21 -12.38
C ASN E 270 -53.99 -12.84 -11.72
N ALA E 271 -54.83 -12.61 -10.73
CA ALA E 271 -54.82 -11.32 -10.03
C ALA E 271 -53.48 -11.10 -9.31
N PHE E 272 -53.14 -11.99 -8.38
CA PHE E 272 -51.88 -11.92 -7.65
C PHE E 272 -50.93 -12.99 -8.16
N LYS E 273 -50.33 -12.75 -9.33
CA LYS E 273 -49.24 -13.56 -9.84
C LYS E 273 -48.05 -12.64 -10.01
N GLY E 274 -46.94 -12.97 -9.35
CA GLY E 274 -45.71 -12.22 -9.52
C GLY E 274 -45.58 -11.03 -8.62
N LEU E 275 -46.33 -10.98 -7.52
CA LEU E 275 -46.21 -9.85 -6.60
C LEU E 275 -45.13 -10.19 -5.58
N LYS E 276 -43.90 -10.15 -6.08
CA LYS E 276 -42.71 -10.50 -5.32
C LYS E 276 -42.82 -9.96 -3.91
N ASN E 277 -42.98 -8.66 -3.79
CA ASN E 277 -42.82 -7.97 -2.52
C ASN E 277 -44.06 -7.97 -1.65
N LEU E 278 -45.15 -8.62 -2.05
CA LEU E 278 -46.40 -8.42 -1.34
C LEU E 278 -46.37 -9.15 0.00
N MET E 279 -46.54 -8.42 1.12
CA MET E 279 -46.40 -9.03 2.44
C MET E 279 -47.69 -9.11 3.23
N ILE E 280 -48.70 -8.29 2.91
CA ILE E 280 -49.92 -8.17 3.73
C ILE E 280 -51.12 -8.06 2.80
N LEU E 281 -52.05 -9.01 2.91
CA LEU E 281 -53.24 -9.03 2.09
C LEU E 281 -54.45 -9.17 2.99
N VAL E 282 -55.31 -8.16 3.01
CA VAL E 282 -56.47 -8.17 3.90
C VAL E 282 -57.71 -8.01 3.02
N LEU E 283 -58.33 -9.14 2.66
CA LEU E 283 -59.56 -9.14 1.88
C LEU E 283 -60.75 -9.54 2.74
N SER E 284 -60.75 -9.17 4.01
CA SER E 284 -61.67 -9.80 4.94
C SER E 284 -62.97 -9.01 5.02
N ASN E 285 -64.06 -9.74 5.25
CA ASN E 285 -65.40 -9.16 5.39
C ASN E 285 -65.76 -8.28 4.22
N THR E 286 -65.50 -8.78 3.02
CA THR E 286 -65.75 -7.98 1.83
C THR E 286 -66.63 -8.69 0.81
N ASN E 287 -67.28 -9.78 1.20
CA ASN E 287 -68.23 -10.49 0.34
C ASN E 287 -67.51 -11.13 -0.86
N ILE E 288 -66.32 -11.65 -0.61
CA ILE E 288 -65.60 -12.41 -1.64
C ILE E 288 -66.33 -13.73 -1.87
N GLN E 289 -66.40 -14.15 -3.13
CA GLN E 289 -66.94 -15.45 -3.51
C GLN E 289 -65.91 -16.23 -4.32
N GLY E 290 -66.26 -17.47 -4.63
CA GLY E 290 -65.42 -18.37 -5.40
C GLY E 290 -64.59 -19.27 -4.52
N SER E 291 -63.54 -19.83 -5.14
CA SER E 291 -62.51 -20.59 -4.44
C SER E 291 -61.32 -19.71 -4.09
N ILE E 292 -60.65 -20.02 -2.99
CA ILE E 292 -59.36 -19.41 -2.70
C ILE E 292 -58.40 -19.85 -3.81
N PRO E 293 -57.84 -18.92 -4.57
CA PRO E 293 -56.95 -19.30 -5.66
C PRO E 293 -55.58 -19.71 -5.15
N LYS E 294 -54.80 -20.32 -6.04
CA LYS E 294 -53.56 -21.01 -5.69
C LYS E 294 -52.32 -20.16 -5.91
N SER E 295 -52.41 -19.15 -6.78
CA SER E 295 -51.33 -18.18 -6.90
C SER E 295 -50.99 -17.50 -5.57
N LEU E 296 -51.99 -17.31 -4.70
CA LEU E 296 -51.75 -16.81 -3.34
C LEU E 296 -50.79 -17.70 -2.54
N THR E 297 -50.56 -18.94 -2.98
CA THR E 297 -49.57 -19.79 -2.34
C THR E 297 -48.14 -19.37 -2.68
N ARG E 298 -47.93 -18.89 -3.90
CA ARG E 298 -46.60 -18.65 -4.43
C ARG E 298 -46.19 -17.18 -4.34
N LEU E 299 -46.71 -16.47 -3.35
CA LEU E 299 -46.30 -15.10 -3.08
C LEU E 299 -45.16 -15.13 -2.06
N ASN E 300 -43.96 -14.86 -2.55
CA ASN E 300 -42.75 -15.17 -1.79
C ASN E 300 -42.72 -14.43 -0.46
N SER E 301 -43.12 -13.17 -0.43
CA SER E 301 -42.96 -12.34 0.76
C SER E 301 -44.21 -12.31 1.62
N LEU E 302 -45.26 -13.03 1.27
CA LEU E 302 -46.52 -12.82 1.96
C LEU E 302 -46.43 -13.38 3.37
N ARG E 303 -46.74 -12.53 4.36
CA ARG E 303 -46.69 -12.93 5.75
C ARG E 303 -48.06 -12.99 6.38
N VAL E 304 -48.96 -12.12 5.95
CA VAL E 304 -50.27 -11.92 6.57
C VAL E 304 -51.31 -12.06 5.48
N LEU E 305 -52.18 -13.03 5.62
CA LEU E 305 -53.23 -13.24 4.63
C LEU E 305 -54.53 -13.38 5.40
N HIS E 306 -55.41 -12.39 5.23
CA HIS E 306 -56.72 -12.38 5.88
C HIS E 306 -57.81 -12.46 4.80
N LEU E 307 -58.63 -13.51 4.87
CA LEU E 307 -59.70 -13.74 3.92
C LEU E 307 -61.00 -14.12 4.63
N GLU E 308 -61.10 -13.84 5.92
CA GLU E 308 -62.22 -14.34 6.71
C GLU E 308 -63.45 -13.46 6.52
N GLY E 309 -64.62 -14.03 6.87
CA GLY E 309 -65.89 -13.32 6.73
C GLY E 309 -66.32 -13.07 5.29
N ASN E 310 -66.30 -14.11 4.46
CA ASN E 310 -66.65 -13.98 3.04
C ASN E 310 -67.61 -15.11 2.68
N ASN E 311 -67.78 -15.33 1.37
CA ASN E 311 -68.49 -16.51 0.85
C ASN E 311 -67.49 -17.38 0.07
N LEU E 312 -66.26 -17.44 0.51
CA LEU E 312 -65.29 -18.34 -0.12
C LEU E 312 -65.73 -19.79 0.05
N THR E 313 -65.72 -20.54 -1.05
CA THR E 313 -66.18 -21.91 -1.06
C THR E 313 -65.09 -22.79 -1.67
N GLY E 314 -65.39 -24.07 -1.76
CA GLY E 314 -64.46 -25.01 -2.28
C GLY E 314 -63.64 -25.62 -1.17
N GLU E 315 -62.57 -26.27 -1.57
CA GLU E 315 -61.60 -26.84 -0.65
C GLU E 315 -60.39 -25.94 -0.59
N ILE E 316 -59.69 -25.98 0.54
CA ILE E 316 -58.47 -25.22 0.72
C ILE E 316 -57.40 -25.83 -0.19
N PRO E 317 -56.89 -25.07 -1.18
CA PRO E 317 -55.82 -25.58 -2.05
C PRO E 317 -54.77 -26.40 -1.31
N LEU E 318 -54.27 -27.45 -1.96
CA LEU E 318 -53.32 -28.34 -1.31
C LEU E 318 -51.96 -27.69 -1.19
N GLU E 319 -51.67 -26.75 -2.10
CA GLU E 319 -50.51 -25.89 -1.99
C GLU E 319 -50.37 -25.21 -0.63
N PHE E 320 -51.47 -24.94 0.05
CA PHE E 320 -51.35 -24.28 1.35
C PHE E 320 -50.66 -25.19 2.36
N ARG E 321 -50.34 -26.40 1.92
CA ARG E 321 -49.56 -27.31 2.74
C ARG E 321 -48.11 -26.84 2.82
N ASP E 322 -47.60 -26.26 1.73
CA ASP E 322 -46.22 -25.81 1.60
C ASP E 322 -46.13 -24.30 1.56
N VAL E 323 -46.50 -23.62 2.65
CA VAL E 323 -46.28 -22.18 2.78
C VAL E 323 -45.60 -21.98 4.11
N LYS E 324 -44.32 -21.67 4.09
CA LYS E 324 -43.60 -21.67 5.34
C LYS E 324 -43.62 -20.29 6.00
N HIS E 325 -43.87 -19.23 5.25
CA HIS E 325 -43.54 -17.89 5.70
C HIS E 325 -44.69 -17.15 6.37
N LEU E 326 -45.94 -17.58 6.20
CA LEU E 326 -47.06 -16.83 6.76
C LEU E 326 -47.07 -16.88 8.29
N SER E 327 -47.23 -15.71 8.92
CA SER E 327 -47.46 -15.65 10.35
C SER E 327 -48.94 -15.50 10.72
N GLU E 328 -49.81 -15.10 9.78
CA GLU E 328 -51.25 -15.04 10.04
C GLU E 328 -52.01 -15.46 8.79
N LEU E 329 -53.00 -16.31 8.98
CA LEU E 329 -53.84 -16.83 7.90
C LEU E 329 -55.24 -16.95 8.47
N ARG E 330 -56.18 -16.24 7.90
CA ARG E 330 -57.55 -16.22 8.40
C ARG E 330 -58.44 -16.70 7.27
N LEU E 331 -58.93 -17.94 7.37
CA LEU E 331 -60.00 -18.42 6.51
C LEU E 331 -61.28 -18.68 7.30
N ASN E 332 -61.35 -18.26 8.56
CA ASN E 332 -62.52 -18.53 9.40
C ASN E 332 -63.74 -17.78 8.88
N ASP E 333 -64.93 -18.23 9.31
CA ASP E 333 -66.22 -17.65 8.91
C ASP E 333 -66.39 -17.60 7.39
N ASN E 334 -66.20 -18.75 6.75
CA ASN E 334 -66.55 -18.91 5.34
C ASN E 334 -67.43 -20.14 5.17
N SER E 335 -67.40 -20.78 3.98
CA SER E 335 -67.98 -22.12 3.77
C SER E 335 -67.00 -22.91 2.90
N LEU E 336 -65.84 -23.22 3.49
CA LEU E 336 -64.86 -24.09 2.88
C LEU E 336 -65.16 -25.53 3.31
N THR E 337 -64.83 -26.47 2.42
CA THR E 337 -65.52 -27.74 2.53
C THR E 337 -64.65 -28.97 2.81
N GLY E 338 -63.44 -29.09 2.26
CA GLY E 338 -62.77 -30.37 2.23
C GLY E 338 -62.01 -30.75 3.48
N PRO E 339 -60.94 -31.53 3.31
CA PRO E 339 -59.96 -31.72 4.38
C PRO E 339 -59.01 -30.52 4.48
N VAL E 340 -58.05 -30.63 5.39
CA VAL E 340 -57.18 -29.52 5.75
C VAL E 340 -55.73 -29.89 5.45
N PRO E 341 -55.08 -29.24 4.50
CA PRO E 341 -53.76 -29.68 4.05
C PRO E 341 -52.59 -29.25 4.91
N PHE E 342 -52.82 -28.51 5.99
CA PHE E 342 -51.71 -27.88 6.71
C PHE E 342 -50.84 -28.93 7.40
N GLU E 343 -49.54 -28.87 7.14
CA GLU E 343 -48.61 -29.81 7.72
C GLU E 343 -48.22 -29.42 9.14
N ARG E 344 -47.68 -30.40 9.88
CA ARG E 344 -47.53 -30.28 11.33
C ARG E 344 -46.67 -29.06 11.69
N ASP E 345 -45.55 -28.88 10.97
CA ASP E 345 -44.69 -27.73 11.23
C ASP E 345 -45.50 -26.44 11.27
N THR E 346 -46.36 -26.30 10.28
CA THR E 346 -47.21 -25.15 10.10
C THR E 346 -48.23 -24.91 11.19
N VAL E 347 -48.92 -25.95 11.61
CA VAL E 347 -49.89 -25.85 12.67
C VAL E 347 -49.27 -25.55 14.00
N TRP E 348 -48.12 -26.15 14.27
CA TRP E 348 -47.42 -25.92 15.53
C TRP E 348 -46.88 -24.53 15.66
N ARG E 349 -46.30 -24.03 14.59
CA ARG E 349 -45.75 -22.70 14.55
C ARG E 349 -46.75 -21.60 14.61
N MET E 350 -47.80 -21.72 13.81
CA MET E 350 -48.88 -20.76 13.71
C MET E 350 -49.78 -20.66 14.88
N ARG E 351 -50.09 -21.80 15.47
CA ARG E 351 -50.94 -21.86 16.62
C ARG E 351 -52.27 -21.22 16.35
N ARG E 352 -52.63 -20.23 17.15
CA ARG E 352 -53.91 -19.55 17.01
C ARG E 352 -53.96 -18.44 15.97
N LYS E 353 -52.86 -18.24 15.27
CA LYS E 353 -52.77 -17.30 14.20
C LYS E 353 -53.18 -17.94 12.88
N LEU E 354 -53.49 -19.21 12.88
CA LEU E 354 -54.04 -19.87 11.72
C LEU E 354 -55.43 -20.07 12.24
N ARG E 355 -56.42 -19.53 11.57
CA ARG E 355 -57.80 -19.59 12.03
C ARG E 355 -58.69 -20.21 10.96
N LEU E 356 -59.43 -21.27 11.34
CA LEU E 356 -60.26 -22.01 10.39
C LEU E 356 -61.68 -22.27 10.90
N TYR E 357 -62.07 -21.70 12.03
CA TYR E 357 -63.37 -21.98 12.61
C TYR E 357 -64.51 -21.36 11.79
N ASN E 358 -65.73 -21.71 12.17
CA ASN E 358 -66.94 -21.45 11.39
C ASN E 358 -66.74 -21.69 9.89
N ASN E 359 -66.37 -22.92 9.57
CA ASN E 359 -66.51 -23.48 8.22
C ASN E 359 -67.12 -24.85 8.41
N ALA E 360 -68.40 -24.98 8.05
CA ALA E 360 -69.14 -26.20 8.38
C ALA E 360 -68.61 -27.41 7.63
N GLY E 361 -68.32 -27.26 6.34
CA GLY E 361 -67.82 -28.37 5.55
C GLY E 361 -66.52 -28.96 6.06
N LEU E 362 -65.68 -28.14 6.70
CA LEU E 362 -64.26 -28.48 6.88
C LEU E 362 -64.04 -29.82 7.60
N CYS E 363 -63.27 -30.70 6.94
CA CYS E 363 -62.95 -32.01 7.49
C CYS E 363 -61.63 -31.87 8.24
N VAL E 364 -61.68 -31.96 9.56
CA VAL E 364 -60.52 -31.70 10.39
C VAL E 364 -59.93 -33.05 10.78
N ASN E 365 -58.62 -33.09 10.91
CA ASN E 365 -57.89 -34.32 11.18
C ASN E 365 -57.19 -34.30 12.51
N ARG E 366 -56.39 -33.24 12.77
CA ARG E 366 -55.49 -33.22 13.93
C ARG E 366 -55.36 -31.89 14.67
N ASP E 367 -55.69 -30.73 14.08
CA ASP E 367 -55.33 -29.42 14.69
C ASP E 367 -56.51 -28.75 15.42
N ASN F 1 -66.02 -9.02 35.57
CA ASN F 1 -65.82 -9.50 34.21
C ASN F 1 -64.40 -9.27 33.67
N GLU F 2 -63.89 -8.05 33.84
CA GLU F 2 -62.46 -7.83 33.56
C GLU F 2 -61.60 -8.75 34.42
N GLY F 3 -62.12 -9.17 35.58
CA GLY F 3 -61.39 -10.09 36.43
C GLY F 3 -61.24 -11.48 35.81
N LYS F 4 -62.22 -11.90 35.00
CA LYS F 4 -62.09 -13.16 34.26
C LYS F 4 -60.95 -13.07 33.26
N ALA F 5 -60.88 -11.96 32.53
CA ALA F 5 -59.75 -11.71 31.64
C ALA F 5 -58.43 -11.75 32.39
N LEU F 6 -58.36 -11.07 33.55
CA LEU F 6 -57.12 -11.07 34.32
C LEU F 6 -56.77 -12.47 34.82
N MET F 7 -57.78 -13.32 35.05
CA MET F 7 -57.49 -14.68 35.50
C MET F 7 -56.93 -15.53 34.36
N ALA F 8 -57.46 -15.36 33.14
CA ALA F 8 -56.82 -16.01 32.00
C ALA F 8 -55.40 -15.47 31.78
N ILE F 9 -55.19 -14.18 32.00
CA ILE F 9 -53.86 -13.61 31.85
C ILE F 9 -52.89 -14.26 32.81
N LYS F 10 -53.35 -14.52 34.04
CA LYS F 10 -52.51 -15.20 35.02
C LYS F 10 -52.33 -16.69 34.67
N GLY F 11 -53.35 -17.31 34.07
CA GLY F 11 -53.31 -18.70 33.71
C GLY F 11 -52.33 -19.04 32.61
N SER F 12 -51.64 -18.07 32.06
CA SER F 12 -50.63 -18.40 31.07
C SER F 12 -49.27 -17.85 31.47
N PHE F 13 -49.10 -17.48 32.73
CA PHE F 13 -47.78 -17.26 33.29
C PHE F 13 -47.25 -18.58 33.87
N SER F 14 -46.04 -18.97 33.48
CA SER F 14 -45.58 -20.32 33.80
C SER F 14 -45.13 -20.44 35.26
N ASN F 15 -43.96 -19.88 35.58
CA ASN F 15 -43.34 -20.06 36.88
C ASN F 15 -43.81 -18.94 37.80
N LEU F 16 -44.81 -19.26 38.62
CA LEU F 16 -45.43 -18.31 39.53
C LEU F 16 -45.95 -19.07 40.72
N VAL F 17 -45.58 -18.64 41.93
CA VAL F 17 -46.20 -19.18 43.13
C VAL F 17 -46.72 -18.04 44.00
N ASN F 18 -45.84 -17.42 44.79
CA ASN F 18 -46.19 -16.29 45.62
C ASN F 18 -46.12 -14.97 44.86
N MET F 19 -46.15 -15.03 43.54
CA MET F 19 -45.92 -13.83 42.73
C MET F 19 -47.14 -12.93 42.70
N LEU F 20 -48.25 -13.45 42.18
CA LEU F 20 -49.48 -12.69 42.18
C LEU F 20 -50.46 -13.37 43.14
N LEU F 21 -50.01 -13.63 44.37
CA LEU F 21 -50.93 -14.02 45.43
C LEU F 21 -52.02 -12.99 45.64
N ASP F 22 -51.78 -11.76 45.21
CA ASP F 22 -52.83 -10.74 45.24
C ASP F 22 -54.00 -11.19 44.37
N TRP F 23 -53.70 -11.76 43.20
CA TRP F 23 -54.73 -12.17 42.25
C TRP F 23 -55.40 -13.44 42.77
N ASP F 24 -56.21 -13.27 43.82
CA ASP F 24 -56.83 -14.36 44.55
C ASP F 24 -58.34 -14.15 44.47
N ASP F 25 -58.98 -14.87 43.55
CA ASP F 25 -60.42 -14.74 43.36
C ASP F 25 -61.24 -15.41 44.45
N VAL F 26 -60.62 -16.26 45.27
CA VAL F 26 -61.31 -16.79 46.44
C VAL F 26 -61.78 -15.63 47.32
N HIS F 27 -60.82 -14.87 47.86
CA HIS F 27 -61.21 -13.60 48.48
C HIS F 27 -60.00 -12.66 48.46
N ASN F 28 -59.85 -11.97 47.31
CA ASN F 28 -59.18 -10.69 47.17
C ASN F 28 -59.93 -9.99 46.03
N SER F 29 -61.20 -9.63 46.32
CA SER F 29 -62.18 -9.44 45.25
C SER F 29 -62.07 -8.09 44.56
N ASP F 30 -61.57 -7.04 45.23
CA ASP F 30 -61.31 -5.78 44.54
C ASP F 30 -60.01 -5.92 43.75
N LEU F 31 -60.14 -6.23 42.46
CA LEU F 31 -58.97 -6.44 41.61
C LEU F 31 -58.18 -5.15 41.39
N CYS F 32 -58.74 -4.00 41.74
CA CYS F 32 -57.99 -2.75 41.61
C CYS F 32 -56.92 -2.62 42.67
N SER F 33 -56.82 -3.59 43.59
CA SER F 33 -55.73 -3.65 44.56
C SER F 33 -54.65 -4.65 44.17
N TRP F 34 -54.91 -5.49 43.18
CA TRP F 34 -53.97 -6.56 42.85
C TRP F 34 -52.62 -5.98 42.42
N ARG F 35 -51.57 -6.78 42.61
CA ARG F 35 -50.23 -6.40 42.24
C ARG F 35 -50.17 -6.06 40.75
N GLY F 36 -49.79 -4.81 40.46
CA GLY F 36 -49.58 -4.35 39.10
C GLY F 36 -50.82 -3.94 38.32
N VAL F 37 -51.99 -4.00 38.94
CA VAL F 37 -53.24 -3.60 38.30
C VAL F 37 -53.60 -2.21 38.81
N PHE F 38 -53.81 -1.27 37.88
CA PHE F 38 -54.18 0.10 38.22
C PHE F 38 -55.48 0.47 37.52
N CYS F 39 -56.39 1.03 38.30
CA CYS F 39 -57.69 1.51 37.83
C CYS F 39 -57.75 3.03 37.92
N ASP F 40 -58.54 3.64 37.02
CA ASP F 40 -58.83 5.06 37.08
C ASP F 40 -59.99 5.29 38.04
N ASN F 41 -59.93 6.37 38.80
CA ASN F 41 -60.84 6.45 39.93
C ASN F 41 -62.28 6.74 39.52
N VAL F 42 -62.53 7.06 38.24
CA VAL F 42 -63.89 7.36 37.80
C VAL F 42 -64.59 6.08 37.35
N SER F 43 -64.11 5.48 36.26
CA SER F 43 -64.72 4.28 35.71
C SER F 43 -64.44 3.04 36.54
N TYR F 44 -63.36 3.06 37.33
CA TYR F 44 -62.90 1.90 38.09
C TYR F 44 -62.69 0.71 37.15
N SER F 45 -62.18 1.01 35.95
CA SER F 45 -61.85 0.03 34.94
C SER F 45 -60.33 -0.12 34.86
N VAL F 46 -59.86 -1.29 34.40
CA VAL F 46 -58.42 -1.53 34.30
C VAL F 46 -57.85 -0.65 33.19
N VAL F 47 -56.88 0.19 33.52
CA VAL F 47 -56.34 1.14 32.55
C VAL F 47 -54.84 0.91 32.32
N SER F 48 -54.16 0.38 33.33
CA SER F 48 -52.72 0.23 33.33
C SER F 48 -52.36 -1.10 33.98
N LEU F 49 -51.57 -1.92 33.26
CA LEU F 49 -51.06 -3.18 33.78
C LEU F 49 -49.54 -3.12 33.75
N ASN F 50 -48.90 -3.13 34.92
CA ASN F 50 -47.44 -3.14 35.07
C ASN F 50 -47.04 -4.38 35.84
N LEU F 51 -46.29 -5.28 35.20
CA LEU F 51 -45.70 -6.46 35.84
C LEU F 51 -44.22 -6.55 35.53
N SER F 52 -43.52 -5.43 35.58
CA SER F 52 -42.16 -5.41 35.08
C SER F 52 -41.20 -6.19 35.98
N SER F 53 -40.44 -7.10 35.37
CA SER F 53 -39.32 -7.81 35.97
C SER F 53 -39.73 -8.85 37.02
N LEU F 54 -40.99 -9.30 37.02
CA LEU F 54 -41.36 -10.36 37.95
C LEU F 54 -40.97 -11.74 37.44
N ASN F 55 -40.52 -11.85 36.18
CA ASN F 55 -40.10 -13.11 35.55
C ASN F 55 -41.16 -14.20 35.72
N LEU F 56 -42.26 -14.01 34.99
CA LEU F 56 -43.41 -14.92 35.12
C LEU F 56 -43.41 -16.06 34.11
N GLY F 57 -42.71 -15.92 32.97
CA GLY F 57 -42.25 -17.05 32.19
C GLY F 57 -43.22 -17.65 31.19
N GLY F 58 -44.52 -17.36 31.27
CA GLY F 58 -45.40 -18.06 30.35
C GLY F 58 -45.60 -17.41 28.99
N GLU F 59 -46.86 -17.17 28.67
CA GLU F 59 -47.27 -16.44 27.47
C GLU F 59 -48.11 -15.21 27.85
N ILE F 60 -48.30 -14.34 26.86
CA ILE F 60 -49.32 -13.31 26.96
C ILE F 60 -50.64 -13.94 26.53
N SER F 61 -51.60 -13.97 27.45
CA SER F 61 -52.91 -14.53 27.12
C SER F 61 -53.65 -13.65 26.11
N PRO F 62 -54.42 -14.24 25.21
CA PRO F 62 -55.26 -13.42 24.34
C PRO F 62 -56.26 -12.60 25.11
N ALA F 63 -56.57 -13.01 26.35
CA ALA F 63 -57.49 -12.24 27.18
C ALA F 63 -56.97 -10.84 27.51
N ILE F 64 -55.73 -10.52 27.15
CA ILE F 64 -55.25 -9.14 27.26
C ILE F 64 -56.14 -8.19 26.48
N GLY F 65 -56.74 -8.67 25.38
CA GLY F 65 -57.69 -7.87 24.63
C GLY F 65 -59.06 -7.74 25.24
N ASP F 66 -59.32 -8.38 26.38
CA ASP F 66 -60.61 -8.24 27.04
C ASP F 66 -60.63 -7.04 28.00
N LEU F 67 -59.51 -6.41 28.26
CA LEU F 67 -59.41 -5.14 28.98
C LEU F 67 -59.34 -4.03 27.94
N ARG F 68 -60.48 -3.44 27.56
CA ARG F 68 -60.48 -2.50 26.45
C ARG F 68 -59.96 -1.17 26.88
N ASN F 69 -60.15 -0.82 28.15
CA ASN F 69 -59.78 0.49 28.65
C ASN F 69 -58.29 0.61 28.90
N LEU F 70 -57.53 -0.47 28.74
CA LEU F 70 -56.11 -0.42 28.99
C LEU F 70 -55.50 0.71 28.18
N GLN F 71 -54.85 1.63 28.89
CA GLN F 71 -54.03 2.65 28.29
C GLN F 71 -52.55 2.31 28.31
N SER F 72 -52.11 1.43 29.23
CA SER F 72 -50.69 1.10 29.31
C SER F 72 -50.49 -0.36 29.66
N ILE F 73 -49.52 -1.00 28.99
CA ILE F 73 -49.13 -2.38 29.28
C ILE F 73 -47.61 -2.42 29.39
N ASP F 74 -47.11 -2.94 30.51
CA ASP F 74 -45.67 -3.11 30.74
C ASP F 74 -45.43 -4.52 31.31
N LEU F 75 -44.97 -5.41 30.44
CA LEU F 75 -44.69 -6.80 30.77
C LEU F 75 -43.21 -7.10 30.56
N GLN F 76 -42.38 -6.09 30.76
CA GLN F 76 -40.97 -6.20 30.44
C GLN F 76 -40.22 -6.92 31.56
N GLY F 77 -39.31 -7.81 31.18
CA GLY F 77 -38.50 -8.54 32.13
C GLY F 77 -39.15 -9.78 32.72
N ASN F 78 -39.91 -10.52 31.90
CA ASN F 78 -40.68 -11.66 32.38
C ASN F 78 -40.33 -12.94 31.63
N LYS F 79 -39.29 -12.92 30.80
CA LYS F 79 -38.90 -14.08 30.03
C LYS F 79 -40.12 -14.73 29.40
N LEU F 80 -40.98 -13.90 28.81
CA LEU F 80 -42.17 -14.40 28.14
C LEU F 80 -41.85 -14.89 26.73
N ALA F 81 -42.29 -16.11 26.41
CA ALA F 81 -42.12 -16.63 25.06
C ALA F 81 -43.48 -16.62 24.37
N GLY F 82 -43.61 -17.41 23.31
CA GLY F 82 -44.81 -17.37 22.49
C GLY F 82 -44.80 -16.18 21.54
N GLN F 83 -45.95 -15.98 20.89
CA GLN F 83 -46.15 -14.86 19.98
C GLN F 83 -46.93 -13.74 20.66
N ILE F 84 -46.78 -12.52 20.13
CA ILE F 84 -47.62 -11.39 20.52
C ILE F 84 -49.01 -11.65 19.99
N PRO F 85 -50.04 -11.75 20.85
CA PRO F 85 -51.37 -12.11 20.36
C PRO F 85 -52.01 -10.99 19.54
N ASP F 86 -52.85 -11.38 18.57
CA ASP F 86 -53.58 -10.41 17.75
C ASP F 86 -54.51 -9.57 18.61
N GLU F 87 -55.08 -10.18 19.65
CA GLU F 87 -56.07 -9.50 20.48
C GLU F 87 -55.48 -8.31 21.21
N ILE F 88 -54.15 -8.14 21.18
CA ILE F 88 -53.49 -6.95 21.70
C ILE F 88 -53.99 -5.69 21.00
N GLY F 89 -54.46 -5.83 19.75
CA GLY F 89 -55.00 -4.77 18.93
C GLY F 89 -56.42 -4.40 19.24
N ASN F 90 -56.99 -5.04 20.25
CA ASN F 90 -58.31 -4.69 20.71
C ASN F 90 -58.32 -3.65 21.85
N CYS F 91 -57.15 -3.27 22.36
CA CYS F 91 -57.06 -2.21 23.38
C CYS F 91 -56.98 -0.87 22.66
N ALA F 92 -58.13 -0.40 22.19
CA ALA F 92 -58.15 0.72 21.28
C ALA F 92 -57.62 2.00 21.90
N SER F 93 -57.68 2.13 23.23
CA SER F 93 -57.20 3.33 23.91
C SER F 93 -55.74 3.25 24.32
N LEU F 94 -55.03 2.20 23.92
CA LEU F 94 -53.68 1.97 24.40
C LEU F 94 -52.73 3.08 23.93
N VAL F 95 -51.98 3.64 24.87
CA VAL F 95 -51.00 4.67 24.57
C VAL F 95 -49.57 4.13 24.62
N TYR F 96 -49.32 3.13 25.45
CA TYR F 96 -47.97 2.72 25.81
C TYR F 96 -47.92 1.21 25.90
N LEU F 97 -47.05 0.59 25.11
CA LEU F 97 -46.91 -0.87 25.10
C LEU F 97 -45.43 -1.17 25.21
N ASP F 98 -45.01 -1.79 26.33
CA ASP F 98 -43.62 -2.17 26.59
C ASP F 98 -43.59 -3.67 26.86
N LEU F 99 -43.19 -4.43 25.84
CA LEU F 99 -42.98 -5.86 25.94
C LEU F 99 -41.50 -6.22 25.85
N SER F 100 -40.60 -5.29 26.19
CA SER F 100 -39.18 -5.52 26.01
C SER F 100 -38.63 -6.55 27.00
N GLU F 101 -37.37 -6.95 26.78
CA GLU F 101 -36.67 -7.91 27.65
C GLU F 101 -37.51 -9.16 27.92
N ASN F 102 -37.84 -9.88 26.85
CA ASN F 102 -38.58 -11.14 26.96
C ASN F 102 -38.03 -12.10 25.91
N LEU F 103 -38.76 -13.19 25.67
CA LEU F 103 -38.36 -14.18 24.68
C LEU F 103 -39.46 -14.40 23.64
N LEU F 104 -40.22 -13.33 23.34
CA LEU F 104 -41.30 -13.39 22.35
C LEU F 104 -40.73 -13.59 20.96
N TYR F 105 -41.52 -14.20 20.09
CA TYR F 105 -41.00 -14.51 18.76
C TYR F 105 -42.14 -14.41 17.74
N GLY F 106 -41.87 -14.86 16.53
CA GLY F 106 -42.81 -14.65 15.47
C GLY F 106 -42.75 -13.19 15.07
N ASP F 107 -43.72 -12.82 14.25
CA ASP F 107 -43.78 -11.49 13.67
C ASP F 107 -44.46 -10.50 14.60
N ILE F 108 -44.22 -9.23 14.33
CA ILE F 108 -45.02 -8.10 14.83
C ILE F 108 -46.43 -8.25 14.29
N PRO F 109 -47.46 -8.37 15.13
CA PRO F 109 -48.79 -8.68 14.59
C PRO F 109 -49.30 -7.53 13.75
N PHE F 110 -50.14 -7.88 12.77
CA PHE F 110 -50.81 -6.86 11.97
C PHE F 110 -51.75 -6.00 12.80
N SER F 111 -52.46 -6.60 13.77
CA SER F 111 -53.47 -5.86 14.52
C SER F 111 -52.88 -4.70 15.32
N ILE F 112 -51.54 -4.62 15.45
CA ILE F 112 -50.93 -3.51 16.15
C ILE F 112 -51.25 -2.20 15.44
N SER F 113 -51.41 -2.26 14.11
CA SER F 113 -51.84 -1.10 13.35
C SER F 113 -53.21 -0.56 13.79
N LYS F 114 -54.04 -1.34 14.51
CA LYS F 114 -55.35 -0.85 14.97
C LYS F 114 -55.26 0.10 16.15
N LEU F 115 -54.10 0.25 16.78
CA LEU F 115 -53.91 1.04 17.99
C LEU F 115 -53.54 2.46 17.57
N LYS F 116 -54.57 3.27 17.32
CA LYS F 116 -54.39 4.62 16.82
C LYS F 116 -53.97 5.61 17.88
N GLN F 117 -54.07 5.24 19.15
CA GLN F 117 -53.63 6.09 20.24
C GLN F 117 -52.20 5.81 20.68
N LEU F 118 -51.50 4.88 20.02
CA LEU F 118 -50.23 4.39 20.55
C LEU F 118 -49.12 5.41 20.32
N GLU F 119 -48.32 5.63 21.36
CA GLU F 119 -47.19 6.55 21.33
C GLU F 119 -45.85 5.84 21.44
N THR F 120 -45.74 4.89 22.37
CA THR F 120 -44.54 4.08 22.59
C THR F 120 -44.82 2.64 22.21
N LEU F 121 -44.02 2.11 21.28
CA LEU F 121 -43.99 0.68 20.96
C LEU F 121 -42.58 0.20 21.32
N ASN F 122 -42.46 -0.48 22.47
CA ASN F 122 -41.19 -0.96 22.98
C ASN F 122 -41.15 -2.49 22.96
N LEU F 123 -40.49 -3.04 21.94
CA LEU F 123 -40.30 -4.49 21.79
C LEU F 123 -38.83 -4.86 21.77
N LYS F 124 -37.97 -4.02 22.34
CA LYS F 124 -36.55 -4.29 22.27
C LYS F 124 -36.21 -5.59 23.01
N ASN F 125 -35.14 -6.24 22.56
CA ASN F 125 -34.54 -7.40 23.23
C ASN F 125 -35.55 -8.54 23.41
N ASN F 126 -35.96 -9.09 22.25
CA ASN F 126 -36.69 -10.35 22.19
C ASN F 126 -36.12 -11.17 21.04
N GLN F 127 -36.94 -12.03 20.45
CA GLN F 127 -36.53 -12.87 19.33
C GLN F 127 -37.50 -12.73 18.15
N LEU F 128 -38.07 -11.54 17.96
CA LEU F 128 -39.09 -11.35 16.91
C LEU F 128 -38.44 -11.47 15.54
N THR F 129 -39.12 -12.15 14.61
CA THR F 129 -38.65 -12.25 13.24
C THR F 129 -39.67 -11.64 12.27
N GLY F 130 -39.23 -11.31 11.07
CA GLY F 130 -40.12 -10.76 10.08
C GLY F 130 -39.79 -9.35 9.67
N PRO F 131 -40.64 -8.76 8.82
CA PRO F 131 -40.38 -7.39 8.36
C PRO F 131 -40.66 -6.40 9.48
N VAL F 132 -40.00 -5.24 9.38
CA VAL F 132 -40.54 -4.07 10.05
C VAL F 132 -41.70 -3.67 9.13
N PRO F 133 -42.94 -3.88 9.54
CA PRO F 133 -44.06 -3.81 8.59
C PRO F 133 -44.46 -2.37 8.26
N ALA F 134 -45.07 -2.22 7.08
CA ALA F 134 -45.56 -0.91 6.67
C ALA F 134 -46.78 -0.47 7.47
N THR F 135 -47.52 -1.39 8.09
CA THR F 135 -48.69 -1.04 8.89
C THR F 135 -48.36 -0.12 10.06
N LEU F 136 -47.11 -0.09 10.53
CA LEU F 136 -46.76 0.88 11.56
C LEU F 136 -46.62 2.28 11.03
N THR F 137 -46.87 2.52 9.75
CA THR F 137 -46.99 3.86 9.26
C THR F 137 -48.46 4.32 9.24
N GLN F 138 -49.35 3.55 9.85
CA GLN F 138 -50.75 3.89 10.08
C GLN F 138 -51.06 4.00 11.57
N ILE F 139 -50.05 4.32 12.36
CA ILE F 139 -50.22 4.67 13.76
C ILE F 139 -49.93 6.16 13.87
N PRO F 140 -50.95 7.01 13.71
CA PRO F 140 -50.70 8.43 13.42
C PRO F 140 -49.84 9.14 14.44
N ASN F 141 -49.93 8.79 15.71
CA ASN F 141 -49.24 9.55 16.74
C ASN F 141 -48.17 8.75 17.46
N LEU F 142 -47.57 7.78 16.76
CA LEU F 142 -46.49 6.96 17.32
C LEU F 142 -45.23 7.78 17.44
N LYS F 143 -44.58 7.69 18.58
CA LYS F 143 -43.45 8.58 18.83
C LYS F 143 -42.14 7.86 19.10
N ARG F 144 -42.17 6.71 19.74
CA ARG F 144 -40.96 5.96 20.09
C ARG F 144 -41.11 4.56 19.52
N LEU F 145 -40.19 4.19 18.64
CA LEU F 145 -40.24 2.87 18.03
C LEU F 145 -38.94 2.15 18.40
N ASP F 146 -38.95 1.34 19.44
CA ASP F 146 -37.78 0.58 19.79
C ASP F 146 -37.94 -0.88 19.39
N LEU F 147 -37.22 -1.31 18.40
CA LEU F 147 -37.30 -2.65 17.95
C LEU F 147 -35.96 -3.30 18.04
N ALA F 148 -35.01 -2.66 18.72
CA ALA F 148 -33.64 -3.16 18.73
C ALA F 148 -33.53 -4.50 19.46
N GLY F 149 -32.58 -5.31 19.01
CA GLY F 149 -32.32 -6.60 19.64
C GLY F 149 -33.41 -7.62 19.36
N ASN F 150 -33.69 -7.82 18.07
CA ASN F 150 -34.52 -8.92 17.59
C ASN F 150 -33.89 -9.41 16.29
N HIS F 151 -34.61 -10.24 15.53
CA HIS F 151 -34.05 -10.83 14.32
C HIS F 151 -34.88 -10.43 13.10
N LEU F 152 -35.24 -9.14 13.04
CA LEU F 152 -36.03 -8.59 11.95
C LEU F 152 -35.24 -8.63 10.63
N THR F 153 -35.89 -9.08 9.59
CA THR F 153 -35.27 -9.14 8.28
C THR F 153 -36.04 -8.23 7.32
N GLY F 154 -35.68 -8.29 6.05
CA GLY F 154 -36.21 -7.38 5.07
C GLY F 154 -35.46 -6.06 5.11
N GLU F 155 -35.81 -5.19 4.17
CA GLU F 155 -35.20 -3.87 4.09
C GLU F 155 -35.99 -2.87 4.94
N ILE F 156 -35.50 -1.63 4.98
CA ILE F 156 -36.19 -0.52 5.63
C ILE F 156 -36.97 0.24 4.55
N SER F 157 -38.28 0.10 4.54
CA SER F 157 -39.04 0.72 3.48
C SER F 157 -38.99 2.24 3.66
N ARG F 158 -38.77 2.94 2.55
CA ARG F 158 -38.70 4.39 2.62
C ARG F 158 -40.02 5.00 3.07
N LEU F 159 -41.11 4.23 3.03
CA LEU F 159 -42.36 4.71 3.59
C LEU F 159 -42.22 5.02 5.06
N LEU F 160 -41.43 4.22 5.77
CA LEU F 160 -41.17 4.50 7.18
C LEU F 160 -40.77 5.95 7.42
N TYR F 161 -39.99 6.51 6.51
CA TYR F 161 -39.41 7.82 6.77
C TYR F 161 -40.37 8.98 6.55
N TRP F 162 -41.59 8.72 6.07
CA TRP F 162 -42.55 9.79 5.81
C TRP F 162 -43.43 9.92 7.05
N ASN F 163 -42.88 10.62 8.04
CA ASN F 163 -43.49 10.67 9.37
C ASN F 163 -42.93 11.88 10.10
N GLU F 164 -43.80 12.85 10.39
CA GLU F 164 -43.42 14.09 11.04
C GLU F 164 -43.41 13.97 12.56
N VAL F 165 -44.00 12.91 13.11
CA VAL F 165 -44.24 12.78 14.54
C VAL F 165 -43.20 11.92 15.24
N LEU F 166 -42.61 10.97 14.51
CA LEU F 166 -41.69 10.00 15.11
C LEU F 166 -40.47 10.69 15.70
N GLN F 167 -40.16 10.34 16.96
CA GLN F 167 -39.08 10.92 17.76
C GLN F 167 -37.86 10.00 17.80
N TYR F 168 -38.08 8.76 18.22
CA TYR F 168 -37.04 7.79 18.45
C TYR F 168 -37.26 6.64 17.48
N LEU F 169 -36.22 6.32 16.70
CA LEU F 169 -36.23 5.21 15.76
C LEU F 169 -35.05 4.32 16.14
N GLY F 170 -35.33 3.24 16.86
CA GLY F 170 -34.32 2.29 17.28
C GLY F 170 -34.45 0.94 16.62
N LEU F 171 -33.60 0.65 15.63
CA LEU F 171 -33.58 -0.63 14.90
C LEU F 171 -32.29 -1.42 15.13
N ARG F 172 -31.55 -1.10 16.19
CA ARG F 172 -30.21 -1.65 16.41
C ARG F 172 -30.24 -3.16 16.53
N GLY F 173 -29.20 -3.82 15.98
CA GLY F 173 -28.98 -5.23 16.23
C GLY F 173 -30.01 -6.20 15.68
N ASN F 174 -30.75 -5.81 14.67
CA ASN F 174 -31.60 -6.74 13.92
C ASN F 174 -30.74 -7.31 12.79
N MET F 175 -31.33 -7.85 11.75
CA MET F 175 -30.57 -8.28 10.58
C MET F 175 -31.13 -7.67 9.31
N LEU F 176 -31.29 -6.35 9.33
CA LEU F 176 -31.94 -5.64 8.23
C LEU F 176 -30.95 -5.39 7.09
N THR F 177 -31.36 -5.71 5.86
CA THR F 177 -30.57 -5.46 4.67
C THR F 177 -31.18 -4.31 3.88
N GLY F 178 -30.60 -4.02 2.73
CA GLY F 178 -30.99 -2.86 1.95
C GLY F 178 -30.11 -1.68 2.30
N THR F 179 -30.44 -0.53 1.72
CA THR F 179 -29.64 0.67 1.90
C THR F 179 -30.32 1.64 2.88
N LEU F 180 -29.75 2.83 2.98
CA LEU F 180 -30.37 3.97 3.64
C LEU F 180 -30.93 4.85 2.54
N SER F 181 -32.21 5.21 2.66
CA SER F 181 -32.94 5.93 1.62
C SER F 181 -32.78 7.44 1.77
N SER F 182 -32.79 8.13 0.64
CA SER F 182 -32.78 9.59 0.70
C SER F 182 -33.97 10.09 1.53
N ASP F 183 -35.13 9.45 1.36
CA ASP F 183 -36.36 9.80 2.08
C ASP F 183 -36.14 9.84 3.59
N MET F 184 -35.00 9.34 4.08
CA MET F 184 -34.64 9.44 5.49
C MET F 184 -34.78 10.86 6.03
N CYS F 185 -34.59 11.87 5.17
CA CYS F 185 -34.73 13.28 5.55
C CYS F 185 -36.18 13.74 5.79
N GLN F 186 -37.18 12.88 5.61
CA GLN F 186 -38.55 13.26 5.91
C GLN F 186 -38.92 13.04 7.36
N LEU F 187 -38.09 12.32 8.13
CA LEU F 187 -38.27 12.21 9.57
C LEU F 187 -37.84 13.53 10.23
N THR F 188 -38.76 14.49 10.20
CA THR F 188 -38.42 15.86 10.55
C THR F 188 -38.61 16.19 12.04
N GLY F 189 -39.11 15.26 12.85
CA GLY F 189 -39.23 15.56 14.27
C GLY F 189 -38.46 14.58 15.14
N LEU F 190 -37.59 13.82 14.48
CA LEU F 190 -36.85 12.72 15.07
C LEU F 190 -35.50 13.20 15.57
N TRP F 191 -35.15 12.83 16.80
CA TRP F 191 -33.84 13.16 17.32
C TRP F 191 -32.92 11.95 17.42
N TYR F 192 -33.43 10.73 17.28
CA TYR F 192 -32.64 9.52 17.52
C TYR F 192 -32.85 8.60 16.33
N PHE F 193 -31.79 8.41 15.53
CA PHE F 193 -31.82 7.45 14.42
C PHE F 193 -30.73 6.41 14.65
N ASP F 194 -31.15 5.16 14.86
CA ASP F 194 -30.24 4.09 15.28
C ASP F 194 -30.54 2.84 14.47
N VAL F 195 -29.63 2.50 13.54
CA VAL F 195 -29.65 1.21 12.83
C VAL F 195 -28.35 0.44 13.07
N ARG F 196 -27.65 0.72 14.17
CA ARG F 196 -26.36 0.09 14.36
C ARG F 196 -26.51 -1.42 14.29
N GLY F 197 -25.47 -2.08 13.79
CA GLY F 197 -25.40 -3.53 13.85
C GLY F 197 -26.46 -4.28 13.06
N ASN F 198 -26.73 -3.84 11.82
CA ASN F 198 -27.53 -4.68 10.94
C ASN F 198 -26.66 -5.15 9.79
N ASN F 199 -27.24 -5.25 8.61
CA ASN F 199 -26.51 -5.69 7.43
C ASN F 199 -26.84 -4.77 6.29
N LEU F 200 -26.88 -3.47 6.61
CA LEU F 200 -27.18 -2.45 5.63
C LEU F 200 -26.00 -2.21 4.71
N THR F 201 -26.29 -2.03 3.42
CA THR F 201 -25.26 -1.74 2.43
C THR F 201 -25.58 -0.43 1.76
N GLY F 202 -24.94 -0.16 0.63
CA GLY F 202 -25.12 1.10 -0.06
C GLY F 202 -24.25 2.15 0.57
N THR F 203 -24.51 3.40 0.15
CA THR F 203 -23.71 4.54 0.54
C THR F 203 -24.47 5.38 1.55
N ILE F 204 -23.79 6.37 2.11
CA ILE F 204 -24.51 7.41 2.87
C ILE F 204 -25.20 8.33 1.88
N PRO F 205 -26.51 8.58 2.01
CA PRO F 205 -27.16 9.51 1.08
C PRO F 205 -26.54 10.89 1.15
N GLU F 206 -26.34 11.50 -0.03
CA GLU F 206 -25.76 12.84 -0.03
C GLU F 206 -26.74 13.89 0.44
N SER F 207 -28.02 13.54 0.52
CA SER F 207 -29.03 14.43 1.06
C SER F 207 -29.13 14.35 2.58
N ILE F 208 -28.21 13.63 3.23
CA ILE F 208 -28.32 13.44 4.67
C ILE F 208 -28.26 14.79 5.38
N GLY F 209 -27.69 15.80 4.74
CA GLY F 209 -27.62 17.12 5.34
C GLY F 209 -28.97 17.72 5.67
N ASN F 210 -30.06 17.15 5.12
CA ASN F 210 -31.41 17.64 5.35
C ASN F 210 -32.01 17.18 6.68
N CYS F 211 -31.35 16.27 7.41
CA CYS F 211 -31.85 15.69 8.66
C CYS F 211 -31.46 16.51 9.88
N THR F 212 -31.56 17.83 9.80
CA THR F 212 -31.02 18.74 10.81
C THR F 212 -31.68 18.60 12.19
N SER F 213 -32.73 17.79 12.36
CA SER F 213 -33.30 17.58 13.70
C SER F 213 -32.64 16.43 14.45
N PHE F 214 -31.79 15.65 13.80
CA PHE F 214 -31.18 14.53 14.47
C PHE F 214 -30.23 15.03 15.57
N GLN F 215 -30.41 14.54 16.79
CA GLN F 215 -29.36 14.71 17.79
C GLN F 215 -28.38 13.54 17.80
N ILE F 216 -28.83 12.32 17.49
CA ILE F 216 -28.01 11.12 17.46
C ILE F 216 -28.19 10.43 16.13
N LEU F 217 -27.08 10.14 15.45
CA LEU F 217 -27.12 9.39 14.20
C LEU F 217 -26.15 8.24 14.32
N ASP F 218 -26.68 7.02 14.33
CA ASP F 218 -25.87 5.81 14.50
C ASP F 218 -26.13 4.89 13.33
N ILE F 219 -25.10 4.67 12.52
CA ILE F 219 -25.24 3.71 11.43
C ILE F 219 -24.07 2.76 11.52
N SER F 220 -23.61 2.52 12.75
CA SER F 220 -22.38 1.81 12.99
C SER F 220 -22.55 0.30 12.83
N TYR F 221 -21.45 -0.36 12.45
CA TYR F 221 -21.37 -1.83 12.38
C TYR F 221 -22.35 -2.39 11.37
N ASN F 222 -22.31 -1.81 10.17
CA ASN F 222 -22.99 -2.35 9.00
C ASN F 222 -21.91 -2.63 7.96
N GLN F 223 -22.24 -2.56 6.68
CA GLN F 223 -21.27 -2.69 5.59
C GLN F 223 -21.46 -1.56 4.56
N ILE F 224 -21.57 -0.34 5.05
CA ILE F 224 -21.82 0.83 4.22
C ILE F 224 -20.49 1.25 3.61
N THR F 225 -20.44 1.32 2.30
CA THR F 225 -19.27 1.73 1.53
C THR F 225 -19.47 3.15 0.98
N GLY F 226 -18.54 3.59 0.15
CA GLY F 226 -18.56 4.94 -0.34
C GLY F 226 -17.80 5.86 0.58
N GLU F 227 -17.88 7.15 0.28
CA GLU F 227 -17.22 8.17 1.09
C GLU F 227 -18.24 8.84 2.01
N ILE F 228 -17.73 9.64 2.93
CA ILE F 228 -18.56 10.42 3.85
C ILE F 228 -18.94 11.71 3.14
N PRO F 229 -20.20 11.89 2.73
CA PRO F 229 -20.55 13.00 1.84
C PRO F 229 -20.31 14.36 2.49
N TYR F 230 -20.06 15.35 1.63
CA TYR F 230 -19.89 16.72 2.11
C TYR F 230 -21.08 17.16 2.95
N ASN F 231 -22.30 16.72 2.58
CA ASN F 231 -23.47 17.22 3.30
C ASN F 231 -23.64 16.60 4.68
N ILE F 232 -22.77 15.66 5.09
CA ILE F 232 -22.63 15.33 6.50
C ILE F 232 -22.37 16.60 7.32
N GLY F 233 -21.80 17.62 6.69
CA GLY F 233 -21.48 18.85 7.39
C GLY F 233 -22.69 19.64 7.82
N PHE F 234 -23.89 19.29 7.32
CA PHE F 234 -25.03 20.10 7.68
C PHE F 234 -25.77 19.59 8.90
N LEU F 235 -25.49 18.36 9.32
CA LEU F 235 -26.19 17.83 10.47
C LEU F 235 -25.88 18.64 11.71
N GLN F 236 -26.86 18.69 12.62
CA GLN F 236 -26.73 19.32 13.93
C GLN F 236 -26.67 18.28 15.04
N VAL F 237 -26.23 17.06 14.68
CA VAL F 237 -26.12 15.97 15.64
C VAL F 237 -25.05 16.28 16.69
N ALA F 238 -25.28 15.79 17.90
CA ALA F 238 -24.22 15.74 18.90
C ALA F 238 -23.34 14.51 18.74
N THR F 239 -23.95 13.36 18.44
CA THR F 239 -23.26 12.09 18.31
C THR F 239 -23.36 11.59 16.87
N LEU F 240 -22.20 11.44 16.22
CA LEU F 240 -22.15 10.93 14.87
C LEU F 240 -21.35 9.63 14.96
N SER F 241 -22.06 8.50 14.94
CA SER F 241 -21.41 7.20 14.95
C SER F 241 -21.45 6.60 13.55
N LEU F 242 -20.30 6.59 12.88
CA LEU F 242 -20.16 5.88 11.64
C LEU F 242 -19.21 4.69 11.74
N GLN F 243 -18.70 4.39 12.93
CA GLN F 243 -17.63 3.41 13.06
C GLN F 243 -18.08 2.03 12.59
N GLY F 244 -17.12 1.25 12.10
CA GLY F 244 -17.36 -0.13 11.78
C GLY F 244 -18.02 -0.41 10.44
N ASN F 245 -17.76 0.40 9.42
CA ASN F 245 -18.25 0.06 8.08
C ASN F 245 -17.08 -0.09 7.10
N ARG F 246 -17.35 0.18 5.84
CA ARG F 246 -16.34 0.10 4.79
C ARG F 246 -16.16 1.45 4.13
N LEU F 247 -16.43 2.52 4.89
CA LEU F 247 -16.27 3.88 4.38
C LEU F 247 -14.84 4.12 3.89
N THR F 248 -14.71 4.69 2.70
CA THR F 248 -13.39 4.95 2.13
C THR F 248 -13.23 6.43 1.83
N GLY F 249 -12.05 6.79 1.32
CA GLY F 249 -11.68 8.17 1.08
C GLY F 249 -11.12 8.84 2.31
N ARG F 250 -11.03 10.17 2.25
CA ARG F 250 -10.53 10.96 3.36
C ARG F 250 -11.68 11.45 4.25
N ILE F 251 -11.33 11.79 5.48
CA ILE F 251 -12.28 12.48 6.37
C ILE F 251 -12.62 13.83 5.76
N PRO F 252 -13.89 14.20 5.64
CA PRO F 252 -14.25 15.43 4.93
C PRO F 252 -14.00 16.63 5.83
N GLU F 253 -13.30 17.63 5.29
CA GLU F 253 -12.90 18.75 6.12
C GLU F 253 -14.08 19.53 6.65
N VAL F 254 -15.26 19.37 6.05
CA VAL F 254 -16.47 20.01 6.55
C VAL F 254 -16.81 19.52 7.95
N ILE F 255 -16.29 18.36 8.35
CA ILE F 255 -16.52 17.89 9.71
C ILE F 255 -15.87 18.86 10.70
N GLY F 256 -14.87 19.62 10.25
CA GLY F 256 -14.29 20.66 11.09
C GLY F 256 -15.24 21.77 11.46
N LEU F 257 -16.36 21.90 10.73
CA LEU F 257 -17.32 22.95 10.98
C LEU F 257 -18.47 22.51 11.87
N MET F 258 -18.45 21.25 12.34
CA MET F 258 -19.56 20.68 13.10
C MET F 258 -19.28 20.83 14.59
N GLN F 259 -19.26 22.09 15.04
CA GLN F 259 -18.90 22.39 16.42
C GLN F 259 -19.90 21.85 17.43
N ALA F 260 -21.10 21.48 17.01
CA ALA F 260 -22.04 20.89 17.94
C ALA F 260 -21.69 19.46 18.31
N LEU F 261 -20.71 18.86 17.65
CA LEU F 261 -20.36 17.46 17.91
C LEU F 261 -19.94 17.24 19.36
N ALA F 262 -20.58 16.30 20.03
CA ALA F 262 -20.08 15.85 21.33
C ALA F 262 -19.24 14.60 21.21
N VAL F 263 -19.56 13.73 20.25
CA VAL F 263 -18.94 12.44 20.08
C VAL F 263 -18.83 12.20 18.58
N LEU F 264 -17.61 12.09 18.07
CA LEU F 264 -17.40 11.75 16.66
C LEU F 264 -16.64 10.43 16.55
N ASP F 265 -17.29 9.42 15.96
CA ASP F 265 -16.71 8.09 15.83
C ASP F 265 -16.64 7.70 14.37
N LEU F 266 -15.42 7.72 13.82
CA LEU F 266 -15.13 7.28 12.46
C LEU F 266 -14.32 6.01 12.44
N SER F 267 -14.21 5.33 13.59
CA SER F 267 -13.22 4.28 13.75
C SER F 267 -13.60 3.05 12.94
N ASP F 268 -12.59 2.18 12.76
CA ASP F 268 -12.69 0.94 12.02
C ASP F 268 -13.44 1.10 10.68
N ASN F 269 -12.87 1.89 9.79
CA ASN F 269 -13.33 1.96 8.41
C ASN F 269 -12.09 1.73 7.54
N GLU F 270 -12.14 2.24 6.31
CA GLU F 270 -11.02 2.20 5.37
C GLU F 270 -10.71 3.62 4.96
N LEU F 271 -10.82 4.53 5.92
CA LEU F 271 -10.48 5.92 5.69
C LEU F 271 -8.99 6.05 5.46
N VAL F 272 -8.61 6.86 4.48
CA VAL F 272 -7.21 7.08 4.16
C VAL F 272 -6.97 8.59 4.21
N GLY F 273 -5.69 8.94 4.10
CA GLY F 273 -5.32 10.34 4.07
C GLY F 273 -5.10 10.84 5.47
N PRO F 274 -4.84 12.13 5.57
CA PRO F 274 -4.45 12.70 6.86
C PRO F 274 -5.65 13.05 7.71
N ILE F 275 -5.38 13.17 9.00
CA ILE F 275 -6.33 13.74 9.96
C ILE F 275 -6.39 15.22 9.62
N PRO F 276 -7.51 15.73 9.11
CA PRO F 276 -7.59 17.17 8.79
C PRO F 276 -7.30 18.01 10.01
N PRO F 277 -6.41 19.02 9.90
CA PRO F 277 -6.08 19.81 11.08
C PRO F 277 -7.24 20.66 11.55
N ILE F 278 -8.14 21.01 10.64
CA ILE F 278 -9.35 21.78 10.93
C ILE F 278 -10.16 21.11 12.05
N LEU F 279 -9.84 19.84 12.36
CA LEU F 279 -10.57 19.16 13.42
C LEU F 279 -10.31 19.80 14.78
N GLY F 280 -9.23 20.55 14.92
CA GLY F 280 -9.01 21.28 16.15
C GLY F 280 -10.01 22.37 16.41
N ASN F 281 -10.80 22.73 15.39
CA ASN F 281 -11.88 23.68 15.57
C ASN F 281 -13.05 23.07 16.35
N LEU F 282 -12.93 21.80 16.73
CA LEU F 282 -13.95 21.13 17.55
C LEU F 282 -13.67 21.37 19.04
N SER F 283 -13.59 22.66 19.35
CA SER F 283 -13.32 23.19 20.70
C SER F 283 -14.26 22.64 21.77
N PHE F 284 -15.35 21.97 21.36
CA PHE F 284 -16.36 21.49 22.28
C PHE F 284 -16.54 19.97 22.23
N THR F 285 -15.85 19.28 21.33
CA THR F 285 -16.03 17.84 21.18
C THR F 285 -15.32 17.08 22.30
N GLY F 286 -16.04 16.16 22.93
CA GLY F 286 -15.54 15.42 24.06
C GLY F 286 -15.00 14.05 23.69
N LYS F 287 -15.26 13.60 22.46
CA LYS F 287 -14.83 12.29 22.05
C LYS F 287 -14.40 12.31 20.58
N LEU F 288 -13.24 11.74 20.30
CA LEU F 288 -12.77 11.60 18.92
C LEU F 288 -12.13 10.22 18.76
N TYR F 289 -12.76 9.41 17.90
CA TYR F 289 -12.40 8.02 17.66
C TYR F 289 -12.10 7.85 16.18
N LEU F 290 -10.82 7.87 15.83
CA LEU F 290 -10.38 7.62 14.45
C LEU F 290 -9.58 6.32 14.33
N HIS F 291 -9.56 5.49 15.38
CA HIS F 291 -8.67 4.32 15.37
C HIS F 291 -9.15 3.28 14.37
N GLY F 292 -8.22 2.42 13.97
CA GLY F 292 -8.52 1.33 13.04
C GLY F 292 -8.85 1.69 11.61
N ASN F 293 -8.19 2.72 11.05
CA ASN F 293 -8.30 2.98 9.62
C ASN F 293 -6.94 2.79 8.96
N MET F 294 -6.65 3.61 7.94
CA MET F 294 -5.34 3.72 7.30
C MET F 294 -4.97 5.19 7.13
N LEU F 295 -5.29 6.00 8.15
CA LEU F 295 -4.92 7.41 8.13
C LEU F 295 -3.40 7.55 8.17
N THR F 296 -2.87 8.45 7.36
CA THR F 296 -1.44 8.72 7.30
C THR F 296 -1.12 10.11 7.84
N GLY F 297 0.12 10.54 7.62
CA GLY F 297 0.54 11.86 8.03
C GLY F 297 0.76 11.96 9.52
N PRO F 298 1.02 13.16 10.00
CA PRO F 298 1.30 13.34 11.44
C PRO F 298 0.03 13.55 12.25
N ILE F 299 0.19 13.45 13.56
CA ILE F 299 -0.84 13.92 14.48
C ILE F 299 -0.86 15.43 14.37
N PRO F 300 -1.97 16.06 13.94
CA PRO F 300 -2.00 17.53 13.91
C PRO F 300 -1.84 18.11 15.29
N SER F 301 -0.88 19.03 15.43
CA SER F 301 -0.76 19.75 16.69
C SER F 301 -2.03 20.52 17.02
N GLU F 302 -2.84 20.85 16.01
CA GLU F 302 -4.13 21.48 16.22
C GLU F 302 -5.07 20.66 17.11
N LEU F 303 -4.83 19.35 17.29
CA LEU F 303 -5.63 18.58 18.24
C LEU F 303 -5.49 19.13 19.66
N GLY F 304 -4.40 19.84 19.95
CA GLY F 304 -4.31 20.53 21.22
C GLY F 304 -5.34 21.63 21.41
N ASN F 305 -5.95 22.12 20.33
CA ASN F 305 -6.93 23.21 20.42
C ASN F 305 -8.36 22.71 20.63
N MET F 306 -8.56 21.44 20.95
CA MET F 306 -9.89 20.90 21.29
C MET F 306 -10.01 20.89 22.81
N SER F 307 -10.23 22.05 23.37
CA SER F 307 -10.28 22.24 24.79
C SER F 307 -11.03 21.28 25.65
N ARG F 308 -11.99 20.57 25.08
CA ARG F 308 -12.80 19.70 25.90
C ARG F 308 -12.76 18.23 25.62
N LEU F 309 -11.77 17.81 24.86
CA LEU F 309 -11.61 16.43 24.48
C LEU F 309 -11.22 15.57 25.71
N SER F 310 -11.96 14.47 25.91
CA SER F 310 -11.70 13.55 27.01
C SER F 310 -11.27 12.17 26.55
N TYR F 311 -11.59 11.77 25.33
CA TYR F 311 -11.23 10.45 24.86
C TYR F 311 -10.68 10.65 23.47
N LEU F 312 -9.37 10.42 23.32
CA LEU F 312 -8.70 10.52 22.03
C LEU F 312 -8.14 9.15 21.69
N GLN F 313 -8.66 8.56 20.61
CA GLN F 313 -8.12 7.28 20.16
C GLN F 313 -7.73 7.43 18.71
N LEU F 314 -6.42 7.45 18.45
CA LEU F 314 -5.85 7.48 17.10
C LEU F 314 -5.03 6.22 16.82
N ASN F 315 -5.19 5.17 17.63
CA ASN F 315 -4.37 3.98 17.53
C ASN F 315 -4.70 3.17 16.27
N ASP F 316 -3.76 2.30 15.90
CA ASP F 316 -3.88 1.39 14.75
C ASP F 316 -4.20 2.15 13.45
N ASN F 317 -3.33 3.10 13.13
CA ASN F 317 -3.39 3.78 11.83
C ASN F 317 -1.99 3.73 11.21
N LYS F 318 -1.70 4.65 10.30
CA LYS F 318 -0.39 4.73 9.67
C LYS F 318 0.28 6.07 9.96
N LEU F 319 0.08 6.60 11.17
CA LEU F 319 0.48 7.95 11.52
C LEU F 319 1.98 8.02 11.75
N VAL F 320 2.59 9.14 11.35
CA VAL F 320 4.04 9.34 11.45
C VAL F 320 4.36 10.55 12.32
N GLY F 321 5.66 10.84 12.45
CA GLY F 321 6.06 12.05 13.10
C GLY F 321 5.96 11.98 14.62
N THR F 322 5.87 13.17 15.19
CA THR F 322 6.04 13.40 16.62
C THR F 322 4.68 13.41 17.34
N ILE F 323 4.71 13.06 18.61
CA ILE F 323 3.59 13.28 19.50
C ILE F 323 3.56 14.76 19.89
N PRO F 324 2.52 15.49 19.51
CA PRO F 324 2.53 16.95 19.73
C PRO F 324 2.57 17.29 21.21
N PRO F 325 3.51 18.14 21.63
CA PRO F 325 3.43 18.72 22.97
C PRO F 325 2.13 19.45 23.21
N GLU F 326 1.44 19.83 22.13
CA GLU F 326 0.19 20.57 22.23
C GLU F 326 -0.86 19.80 23.02
N LEU F 327 -0.77 18.46 23.07
CA LEU F 327 -1.74 17.72 23.86
C LEU F 327 -1.63 18.01 25.34
N GLY F 328 -0.56 18.69 25.76
CA GLY F 328 -0.49 19.24 27.10
C GLY F 328 -1.64 20.18 27.42
N LYS F 329 -2.27 20.75 26.39
CA LYS F 329 -3.39 21.68 26.58
C LYS F 329 -4.67 20.96 26.97
N LEU F 330 -4.90 19.76 26.43
CA LEU F 330 -6.15 19.06 26.68
C LEU F 330 -6.27 18.73 28.16
N GLU F 331 -6.87 19.65 28.91
CA GLU F 331 -7.00 19.57 30.36
C GLU F 331 -7.99 18.51 30.81
N GLN F 332 -8.80 17.97 29.90
CA GLN F 332 -9.80 16.98 30.28
C GLN F 332 -9.52 15.61 29.71
N LEU F 333 -8.39 15.43 29.01
CA LEU F 333 -8.07 14.15 28.40
C LEU F 333 -8.02 13.01 29.43
N PHE F 334 -8.95 12.08 29.34
CA PHE F 334 -8.96 10.96 30.26
C PHE F 334 -8.21 9.77 29.68
N GLU F 335 -8.21 9.64 28.37
CA GLU F 335 -7.69 8.44 27.73
C GLU F 335 -7.06 8.85 26.43
N LEU F 336 -5.77 8.55 26.28
CA LEU F 336 -4.99 8.81 25.07
C LEU F 336 -4.47 7.48 24.55
N ASN F 337 -4.80 7.14 23.32
CA ASN F 337 -4.34 5.87 22.78
C ASN F 337 -3.77 6.10 21.39
N LEU F 338 -2.44 6.00 21.27
CA LEU F 338 -1.74 6.19 20.01
C LEU F 338 -1.07 4.90 19.54
N ALA F 339 -1.50 3.75 20.04
CA ALA F 339 -0.78 2.52 19.77
C ALA F 339 -0.75 2.22 18.29
N ASN F 340 0.23 1.40 17.90
CA ASN F 340 0.34 0.80 16.56
C ASN F 340 0.23 1.84 15.44
N ASN F 341 1.09 2.85 15.51
CA ASN F 341 1.36 3.70 14.35
C ASN F 341 2.84 3.63 13.97
N ARG F 342 3.36 4.70 13.34
CA ARG F 342 4.79 4.86 13.09
C ARG F 342 5.34 6.15 13.70
N LEU F 343 4.82 6.50 14.88
CA LEU F 343 5.30 7.66 15.60
C LEU F 343 6.77 7.49 15.98
N VAL F 344 7.54 8.56 15.85
CA VAL F 344 8.94 8.55 16.29
C VAL F 344 9.10 9.67 17.30
N GLY F 345 10.33 9.90 17.76
CA GLY F 345 10.65 10.96 18.69
C GLY F 345 10.25 10.60 20.10
N PRO F 346 10.63 11.44 21.06
CA PRO F 346 10.33 11.17 22.46
C PRO F 346 8.98 11.73 22.91
N ILE F 347 8.40 11.04 23.88
CA ILE F 347 7.28 11.58 24.65
C ILE F 347 7.60 13.01 25.08
N PRO F 348 6.74 13.99 24.78
CA PRO F 348 7.01 15.37 25.20
C PRO F 348 6.77 15.50 26.68
N SER F 349 7.56 16.33 27.33
CA SER F 349 7.38 16.47 28.78
C SER F 349 6.06 17.13 29.11
N ASN F 350 5.61 18.07 28.27
CA ASN F 350 4.39 18.82 28.52
C ASN F 350 3.19 17.90 28.67
N ILE F 351 3.32 16.62 28.31
CA ILE F 351 2.20 15.71 28.46
C ILE F 351 1.84 15.51 29.91
N SER F 352 2.77 15.77 30.82
CA SER F 352 2.49 15.79 32.26
C SER F 352 1.51 16.88 32.67
N SER F 353 1.19 17.80 31.77
CA SER F 353 0.13 18.77 32.01
C SER F 353 -1.25 18.12 32.04
N CYS F 354 -1.42 16.97 31.39
CA CYS F 354 -2.71 16.27 31.41
C CYS F 354 -2.92 15.64 32.79
N ALA F 355 -3.26 16.50 33.75
CA ALA F 355 -3.35 16.13 35.15
C ALA F 355 -4.38 15.07 35.44
N ALA F 356 -5.36 14.88 34.54
CA ALA F 356 -6.47 13.96 34.76
C ALA F 356 -6.36 12.69 33.92
N LEU F 357 -5.32 12.57 33.12
CA LEU F 357 -5.13 11.40 32.27
C LEU F 357 -5.21 10.09 33.08
N ASN F 358 -6.02 9.14 32.59
CA ASN F 358 -6.18 7.84 33.22
C ASN F 358 -5.45 6.74 32.48
N GLN F 359 -5.42 6.80 31.14
CA GLN F 359 -4.86 5.77 30.31
C GLN F 359 -3.96 6.40 29.27
N PHE F 360 -2.71 5.94 29.21
CA PHE F 360 -1.78 6.39 28.20
C PHE F 360 -1.25 5.16 27.49
N ASN F 361 -1.61 4.97 26.22
CA ASN F 361 -1.18 3.81 25.47
C ASN F 361 -0.49 4.27 24.20
N VAL F 362 0.80 3.94 24.07
CA VAL F 362 1.60 4.23 22.88
C VAL F 362 2.33 2.96 22.40
N HIS F 363 1.85 1.78 22.83
CA HIS F 363 2.38 0.51 22.38
C HIS F 363 2.64 0.50 20.89
N GLY F 364 3.71 -0.17 20.46
CA GLY F 364 3.88 -0.46 19.04
C GLY F 364 4.18 0.74 18.17
N ASN F 365 5.03 1.62 18.63
CA ASN F 365 5.47 2.70 17.78
C ASN F 365 7.00 2.63 17.64
N LEU F 366 7.58 3.70 17.13
CA LEU F 366 9.03 3.87 17.08
C LEU F 366 9.52 4.95 18.04
N LEU F 367 8.73 5.23 19.06
CA LEU F 367 9.03 6.26 20.00
C LEU F 367 10.38 6.04 20.57
N SER F 368 10.96 7.07 21.15
CA SER F 368 12.31 6.97 21.61
C SER F 368 12.55 7.80 22.85
N GLY F 369 13.82 8.03 23.18
CA GLY F 369 14.17 8.87 24.31
C GLY F 369 13.94 8.23 25.64
N SER F 370 13.89 8.98 26.71
CA SER F 370 13.57 8.40 28.00
C SER F 370 12.18 8.83 28.45
N ILE F 371 11.63 8.09 29.41
CA ILE F 371 10.42 8.49 30.12
C ILE F 371 10.64 9.86 30.76
N PRO F 372 10.01 10.92 30.28
CA PRO F 372 10.24 12.25 30.87
C PRO F 372 9.81 12.25 32.34
N LEU F 373 10.67 12.79 33.20
CA LEU F 373 10.42 12.60 34.62
C LEU F 373 9.23 13.40 35.10
N ALA F 374 8.88 14.45 34.38
CA ALA F 374 7.73 15.22 34.72
C ALA F 374 6.52 14.33 34.82
N PHE F 375 6.67 13.05 34.54
CA PHE F 375 5.55 12.13 34.58
C PHE F 375 4.97 11.93 35.97
N ARG F 376 5.77 12.12 37.00
CA ARG F 376 5.35 12.09 38.36
C ARG F 376 4.11 12.92 38.54
N ASN F 377 3.87 13.86 37.64
CA ASN F 377 2.72 14.74 37.84
C ASN F 377 1.40 14.12 37.38
N LEU F 378 1.43 12.86 36.94
CA LEU F 378 0.24 12.19 36.41
C LEU F 378 -0.33 11.23 37.46
N GLY F 379 -0.75 11.81 38.59
CA GLY F 379 -1.33 11.05 39.66
C GLY F 379 -2.67 10.41 39.37
N SER F 380 -3.24 10.61 38.19
CA SER F 380 -4.49 9.94 37.88
C SER F 380 -4.28 8.63 37.12
N LEU F 381 -3.07 8.37 36.63
CA LEU F 381 -2.83 7.27 35.70
C LEU F 381 -3.18 5.92 36.31
N THR F 382 -4.11 5.23 35.65
CA THR F 382 -4.49 3.85 35.93
C THR F 382 -3.73 2.86 35.06
N TYR F 383 -3.36 3.27 33.86
CA TYR F 383 -2.94 2.33 32.84
C TYR F 383 -1.86 3.00 32.01
N LEU F 384 -0.68 2.39 31.96
CA LEU F 384 0.45 2.93 31.22
C LEU F 384 1.03 1.84 30.34
N ASN F 385 0.96 2.03 29.02
CA ASN F 385 1.52 1.08 28.07
C ASN F 385 2.50 1.84 27.17
N LEU F 386 3.79 1.59 27.37
CA LEU F 386 4.83 2.06 26.46
C LEU F 386 5.48 0.90 25.72
N SER F 387 4.95 -0.31 25.88
CA SER F 387 5.54 -1.52 25.35
C SER F 387 5.79 -1.42 23.85
N SER F 388 6.76 -2.20 23.40
CA SER F 388 7.09 -2.37 21.97
C SER F 388 7.48 -1.03 21.34
N ASN F 389 8.38 -0.30 21.98
CA ASN F 389 9.01 0.88 21.41
C ASN F 389 10.53 0.77 21.55
N ASN F 390 11.23 1.89 21.48
CA ASN F 390 12.68 1.93 21.61
C ASN F 390 13.06 2.92 22.71
N PHE F 391 12.39 2.84 23.86
CA PHE F 391 12.66 3.75 24.96
C PHE F 391 13.96 3.34 25.66
N LYS F 392 14.69 4.34 26.17
CA LYS F 392 15.98 4.15 26.82
C LYS F 392 15.96 4.66 28.26
N GLY F 393 17.04 4.36 28.96
CA GLY F 393 17.33 4.96 30.25
C GLY F 393 16.87 4.13 31.43
N LYS F 394 16.86 4.77 32.58
CA LYS F 394 16.41 4.14 33.81
C LYS F 394 14.91 4.32 33.97
N ILE F 395 14.27 3.30 34.55
CA ILE F 395 12.89 3.48 34.94
C ILE F 395 12.84 4.55 36.01
N PRO F 396 12.14 5.66 35.78
CA PRO F 396 12.08 6.71 36.79
C PRO F 396 11.61 6.17 38.12
N VAL F 397 12.35 6.49 39.18
CA VAL F 397 11.93 6.15 40.54
C VAL F 397 10.53 6.70 40.82
N GLU F 398 10.27 7.93 40.39
CA GLU F 398 8.99 8.61 40.60
C GLU F 398 7.79 7.83 40.06
N LEU F 399 8.01 6.95 39.08
CA LEU F 399 6.95 6.06 38.63
C LEU F 399 6.29 5.32 39.77
N GLY F 400 6.98 5.18 40.90
CA GLY F 400 6.42 4.45 42.02
C GLY F 400 5.38 5.21 42.79
N HIS F 401 5.31 6.53 42.64
CA HIS F 401 4.38 7.33 43.41
C HIS F 401 3.10 7.64 42.66
N ILE F 402 2.91 7.04 41.48
CA ILE F 402 1.67 7.15 40.73
C ILE F 402 0.66 6.17 41.33
N ILE F 403 -0.10 6.67 42.30
CA ILE F 403 -0.69 5.82 43.35
C ILE F 403 -1.57 4.74 42.75
N ASN F 404 -2.49 5.12 41.84
CA ASN F 404 -3.53 4.19 41.39
C ASN F 404 -3.23 3.58 40.03
N LEU F 405 -1.96 3.32 39.71
CA LEU F 405 -1.60 2.45 38.58
C LEU F 405 -1.98 1.01 38.88
N ASP F 406 -2.70 0.39 37.96
CA ASP F 406 -2.95 -1.03 38.08
C ASP F 406 -2.46 -1.84 36.88
N LYS F 407 -2.10 -1.21 35.77
CA LYS F 407 -1.49 -1.89 34.65
C LYS F 407 -0.27 -1.09 34.21
N LEU F 408 0.91 -1.68 34.35
CA LEU F 408 2.16 -1.01 33.99
C LEU F 408 2.91 -1.91 33.03
N ASP F 409 3.02 -1.48 31.78
CA ASP F 409 3.64 -2.28 30.74
C ASP F 409 4.70 -1.44 30.03
N LEU F 410 5.96 -1.76 30.29
CA LEU F 410 7.13 -1.14 29.67
C LEU F 410 7.88 -2.14 28.81
N SER F 411 7.29 -3.30 28.54
CA SER F 411 8.00 -4.42 27.93
C SER F 411 8.43 -4.09 26.51
N GLY F 412 9.58 -4.66 26.11
CA GLY F 412 10.01 -4.56 24.73
C GLY F 412 10.69 -3.27 24.38
N ASN F 413 11.45 -2.69 25.30
CA ASN F 413 12.16 -1.43 25.09
C ASN F 413 13.64 -1.67 25.40
N ASN F 414 14.38 -0.60 25.65
CA ASN F 414 15.77 -0.72 26.06
C ASN F 414 15.99 -0.08 27.41
N PHE F 415 15.06 -0.31 28.33
CA PHE F 415 15.22 0.19 29.69
C PHE F 415 16.39 -0.50 30.37
N SER F 416 17.27 0.31 30.94
CA SER F 416 18.49 -0.17 31.57
C SER F 416 18.52 0.32 33.02
N GLY F 417 19.57 -0.06 33.73
CA GLY F 417 19.70 0.32 35.12
C GLY F 417 19.11 -0.76 35.99
N SER F 418 18.37 -0.40 37.03
CA SER F 418 17.81 -1.38 37.93
C SER F 418 16.36 -1.03 38.23
N ILE F 419 15.57 -2.05 38.50
CA ILE F 419 14.19 -1.89 38.94
C ILE F 419 14.17 -0.90 40.10
N PRO F 420 13.43 0.20 40.01
CA PRO F 420 13.30 1.09 41.17
C PRO F 420 12.44 0.42 42.22
N LEU F 421 12.93 0.49 43.47
CA LEU F 421 12.23 -0.11 44.60
C LEU F 421 10.85 0.51 44.78
N THR F 422 10.66 1.74 44.28
CA THR F 422 9.39 2.41 44.50
C THR F 422 8.25 1.72 43.78
N LEU F 423 8.54 0.83 42.81
CA LEU F 423 7.47 0.07 42.17
C LEU F 423 6.75 -0.78 43.19
N GLY F 424 7.47 -1.24 44.23
CA GLY F 424 6.85 -2.06 45.26
C GLY F 424 5.77 -1.34 46.06
N ASP F 425 5.66 -0.03 45.87
CA ASP F 425 4.70 0.80 46.57
C ASP F 425 3.35 0.84 45.88
N LEU F 426 3.27 0.39 44.64
CA LEU F 426 2.02 0.35 43.86
C LEU F 426 1.09 -0.75 44.38
N GLU F 427 0.32 -0.41 45.43
CA GLU F 427 -0.52 -1.39 46.10
C GLU F 427 -1.76 -1.75 45.29
N HIS F 428 -2.01 -1.05 44.20
CA HIS F 428 -3.14 -1.35 43.34
C HIS F 428 -2.74 -2.00 42.03
N LEU F 429 -1.47 -1.98 41.69
CA LEU F 429 -0.96 -2.61 40.49
C LEU F 429 -1.47 -4.05 40.36
N LEU F 430 -2.03 -4.38 39.20
CA LEU F 430 -2.45 -5.75 38.92
C LEU F 430 -1.46 -6.47 38.01
N ILE F 431 -0.97 -5.79 36.98
CA ILE F 431 -0.01 -6.35 36.03
C ILE F 431 1.21 -5.45 35.97
N LEU F 432 2.39 -6.06 36.14
CA LEU F 432 3.66 -5.38 35.96
C LEU F 432 4.45 -6.18 34.94
N ASN F 433 4.62 -5.65 33.75
CA ASN F 433 5.41 -6.33 32.72
C ASN F 433 6.55 -5.41 32.30
N LEU F 434 7.79 -5.84 32.60
CA LEU F 434 9.01 -5.13 32.24
C LEU F 434 9.90 -5.97 31.32
N SER F 435 9.30 -6.99 30.69
CA SER F 435 10.05 -8.00 29.95
C SER F 435 10.75 -7.39 28.75
N ARG F 436 11.72 -8.14 28.23
CA ARG F 436 12.47 -7.80 27.03
C ARG F 436 13.07 -6.40 27.09
N ASN F 437 13.76 -6.12 28.21
CA ASN F 437 14.56 -4.90 28.38
C ASN F 437 16.03 -5.22 28.72
N HIS F 438 16.80 -4.26 29.21
CA HIS F 438 18.18 -4.53 29.67
C HIS F 438 18.32 -4.22 31.15
N LEU F 439 17.27 -4.49 31.90
CA LEU F 439 17.28 -4.21 33.33
C LEU F 439 18.26 -5.12 34.03
N SER F 440 19.02 -4.54 34.97
CA SER F 440 20.03 -5.29 35.71
C SER F 440 19.84 -5.06 37.19
N GLY F 441 20.78 -5.52 37.99
CA GLY F 441 20.61 -5.38 39.42
C GLY F 441 19.68 -6.47 39.89
N GLN F 442 19.20 -6.36 41.12
CA GLN F 442 18.46 -7.47 41.66
C GLN F 442 16.95 -7.21 41.69
N LEU F 443 16.21 -8.31 41.57
CA LEU F 443 14.79 -8.49 41.80
C LEU F 443 14.39 -7.94 43.17
N PRO F 444 13.71 -6.79 43.23
CA PRO F 444 13.50 -6.13 44.53
C PRO F 444 12.58 -6.96 45.43
N ALA F 445 13.02 -7.16 46.67
CA ALA F 445 12.16 -7.82 47.65
C ALA F 445 10.93 -7.00 47.98
N GLU F 446 10.92 -5.70 47.64
CA GLU F 446 9.78 -4.83 47.90
C GLU F 446 8.61 -5.10 46.95
N PHE F 447 8.83 -5.91 45.91
CA PHE F 447 7.69 -6.52 45.22
C PHE F 447 6.84 -7.34 46.17
N GLY F 448 7.37 -7.68 47.34
CA GLY F 448 6.59 -8.34 48.36
C GLY F 448 5.43 -7.51 48.85
N ASN F 449 5.46 -6.19 48.61
CA ASN F 449 4.34 -5.34 49.02
C ASN F 449 3.37 -5.04 47.87
N LEU F 450 3.43 -5.81 46.77
CA LEU F 450 2.47 -5.65 45.66
C LEU F 450 1.24 -6.50 45.95
N ARG F 451 0.37 -5.99 46.82
CA ARG F 451 -0.67 -6.84 47.41
C ARG F 451 -1.72 -7.26 46.39
N SER F 452 -2.06 -6.38 45.46
CA SER F 452 -3.06 -6.77 44.48
C SER F 452 -2.48 -7.61 43.34
N ILE F 453 -1.17 -7.57 43.17
CA ILE F 453 -0.55 -8.00 41.91
C ILE F 453 -1.04 -9.38 41.51
N GLN F 454 -1.26 -9.53 40.23
CA GLN F 454 -1.71 -10.79 39.70
C GLN F 454 -0.66 -11.33 38.75
N MET F 455 0.07 -10.47 38.08
CA MET F 455 1.05 -10.92 37.12
C MET F 455 2.35 -10.15 37.07
N ILE F 456 3.46 -10.79 37.35
CA ILE F 456 4.74 -10.12 37.27
C ILE F 456 5.56 -10.77 36.22
N ASP F 457 5.94 -10.03 35.22
CA ASP F 457 6.79 -10.56 34.16
C ASP F 457 7.98 -9.64 33.98
N VAL F 458 9.15 -10.14 34.33
CA VAL F 458 10.43 -9.46 34.12
C VAL F 458 11.39 -10.32 33.31
N SER F 459 10.85 -11.26 32.55
CA SER F 459 11.67 -12.13 31.73
C SER F 459 12.50 -11.32 30.74
N PHE F 460 13.62 -11.91 30.33
CA PHE F 460 14.50 -11.38 29.30
C PHE F 460 15.10 -10.04 29.70
N ASN F 461 15.70 -10.00 30.88
CA ASN F 461 16.58 -8.91 31.30
C ASN F 461 17.91 -9.49 31.78
N LEU F 462 18.69 -8.68 32.50
CA LEU F 462 19.95 -9.12 33.08
C LEU F 462 19.86 -9.18 34.61
N LEU F 463 18.70 -9.55 35.14
CA LEU F 463 18.51 -9.52 36.58
C LEU F 463 19.38 -10.56 37.27
N SER F 464 20.19 -10.11 38.21
CA SER F 464 21.08 -11.00 38.96
C SER F 464 20.52 -11.19 40.36
N GLY F 465 21.18 -12.05 41.13
CA GLY F 465 20.82 -12.27 42.53
C GLY F 465 19.89 -13.44 42.78
N VAL F 466 19.26 -13.41 43.94
CA VAL F 466 18.38 -14.48 44.37
C VAL F 466 16.94 -14.06 44.14
N ILE F 467 16.04 -15.03 44.19
CA ILE F 467 14.62 -14.73 44.17
C ILE F 467 14.21 -14.43 45.61
N PRO F 468 13.71 -13.23 45.87
CA PRO F 468 13.44 -12.82 47.25
C PRO F 468 12.37 -13.68 47.90
N THR F 469 12.53 -13.90 49.19
CA THR F 469 11.53 -14.62 49.96
C THR F 469 10.18 -13.91 49.92
N GLU F 470 10.21 -12.58 49.79
CA GLU F 470 9.03 -11.76 50.03
C GLU F 470 7.90 -12.01 49.03
N LEU F 471 8.20 -12.52 47.84
CA LEU F 471 7.10 -12.76 46.91
C LEU F 471 6.19 -13.87 47.40
N GLY F 472 6.66 -14.66 48.38
CA GLY F 472 5.81 -15.66 49.00
C GLY F 472 4.61 -15.07 49.71
N GLN F 473 4.67 -13.77 50.02
CA GLN F 473 3.54 -13.06 50.59
C GLN F 473 2.45 -12.75 49.59
N LEU F 474 2.76 -12.62 48.30
CA LEU F 474 1.81 -12.16 47.30
C LEU F 474 0.70 -13.19 47.12
N GLN F 475 -0.50 -12.86 47.59
CA GLN F 475 -1.61 -13.79 47.67
C GLN F 475 -2.47 -13.83 46.41
N ASN F 476 -2.37 -12.84 45.54
CA ASN F 476 -3.16 -12.85 44.31
C ASN F 476 -2.31 -13.10 43.07
N LEU F 477 -1.03 -13.38 43.25
CA LEU F 477 -0.13 -13.57 42.12
C LEU F 477 -0.35 -14.92 41.47
N ASN F 478 -0.65 -14.93 40.18
CA ASN F 478 -0.89 -16.16 39.43
C ASN F 478 0.11 -16.42 38.30
N SER F 479 0.99 -15.48 38.00
CA SER F 479 2.04 -15.67 37.00
C SER F 479 3.28 -14.93 37.46
N LEU F 480 4.33 -15.68 37.73
CA LEU F 480 5.63 -15.11 38.05
C LEU F 480 6.53 -15.57 36.91
N ILE F 481 6.81 -14.67 35.98
CA ILE F 481 7.54 -15.02 34.78
C ILE F 481 8.91 -14.38 34.92
N LEU F 482 9.92 -15.19 35.24
CA LEU F 482 11.26 -14.70 35.56
C LEU F 482 12.32 -15.29 34.65
N ASN F 483 11.92 -15.95 33.56
CA ASN F 483 12.89 -16.66 32.74
C ASN F 483 13.86 -15.69 32.08
N ASN F 484 15.00 -16.26 31.69
CA ASN F 484 16.00 -15.60 30.85
C ASN F 484 16.63 -14.36 31.52
N ASN F 485 16.96 -14.50 32.79
CA ASN F 485 17.85 -13.54 33.43
C ASN F 485 19.10 -14.28 33.87
N LYS F 486 19.76 -13.81 34.91
CA LYS F 486 20.85 -14.55 35.53
C LYS F 486 20.61 -14.66 37.02
N LEU F 487 19.40 -15.04 37.37
CA LEU F 487 19.09 -15.35 38.76
C LEU F 487 19.87 -16.58 39.19
N HIS F 488 20.19 -16.62 40.47
CA HIS F 488 20.93 -17.74 41.05
C HIS F 488 20.37 -17.99 42.44
N GLY F 489 20.79 -19.08 43.05
CA GLY F 489 20.25 -19.47 44.32
C GLY F 489 19.15 -20.51 44.18
N LYS F 490 18.70 -21.00 45.32
CA LYS F 490 17.58 -21.92 45.34
C LYS F 490 16.28 -21.14 45.23
N ILE F 491 15.30 -21.76 44.56
CA ILE F 491 13.95 -21.25 44.55
C ILE F 491 13.47 -21.28 46.00
N PRO F 492 13.15 -20.13 46.59
CA PRO F 492 12.71 -20.11 47.99
C PRO F 492 11.48 -20.98 48.17
N ASP F 493 11.39 -21.61 49.35
CA ASP F 493 10.23 -22.44 49.59
C ASP F 493 8.96 -21.65 49.91
N GLN F 494 9.06 -20.35 50.23
CA GLN F 494 7.88 -19.57 50.56
C GLN F 494 6.96 -19.37 49.35
N LEU F 495 7.45 -19.67 48.15
CA LEU F 495 6.55 -19.74 47.01
C LEU F 495 5.55 -20.89 47.13
N THR F 496 5.59 -21.68 48.22
CA THR F 496 4.47 -22.56 48.53
C THR F 496 3.24 -21.74 48.93
N ASN F 497 3.46 -20.65 49.66
CA ASN F 497 2.40 -19.81 50.20
C ASN F 497 1.69 -19.00 49.13
N CYS F 498 2.06 -19.19 47.86
CA CYS F 498 1.37 -18.57 46.72
C CYS F 498 0.31 -19.53 46.23
N PHE F 499 -0.86 -19.42 46.86
CA PHE F 499 -2.03 -20.23 46.50
C PHE F 499 -2.37 -20.13 45.04
N THR F 500 -2.76 -18.94 44.61
CA THR F 500 -3.27 -18.72 43.28
C THR F 500 -2.18 -18.81 42.21
N LEU F 501 -0.91 -18.83 42.60
CA LEU F 501 0.15 -18.99 41.62
C LEU F 501 -0.14 -20.22 40.77
N VAL F 502 -0.20 -20.03 39.46
CA VAL F 502 -0.61 -21.13 38.62
C VAL F 502 0.33 -21.22 37.43
N ASN F 503 1.14 -20.20 37.22
CA ASN F 503 2.06 -20.16 36.10
C ASN F 503 3.38 -19.54 36.52
N LEU F 504 4.43 -20.35 36.58
CA LEU F 504 5.77 -19.92 36.96
C LEU F 504 6.73 -20.22 35.82
N ASN F 505 7.71 -19.34 35.64
CA ASN F 505 8.71 -19.60 34.60
C ASN F 505 10.00 -18.99 35.08
N VAL F 506 10.97 -19.86 35.40
CA VAL F 506 12.31 -19.52 35.85
C VAL F 506 13.38 -20.15 34.98
N SER F 507 13.01 -20.68 33.82
CA SER F 507 14.00 -21.35 33.02
C SER F 507 15.11 -20.38 32.62
N PHE F 508 16.26 -20.94 32.28
CA PHE F 508 17.38 -20.16 31.75
C PHE F 508 17.82 -19.05 32.72
N ASN F 509 18.08 -19.44 33.95
CA ASN F 509 18.83 -18.60 34.86
C ASN F 509 20.02 -19.45 35.33
N ASN F 510 20.56 -19.24 36.53
CA ASN F 510 21.52 -20.16 37.13
C ASN F 510 21.04 -20.56 38.52
N LEU F 511 19.81 -21.05 38.60
CA LEU F 511 19.25 -21.50 39.86
C LEU F 511 19.80 -22.88 40.20
N SER F 512 19.65 -23.26 41.46
CA SER F 512 20.22 -24.51 41.93
C SER F 512 19.39 -25.07 43.07
N GLY F 513 19.64 -26.33 43.38
CA GLY F 513 18.88 -27.07 44.37
C GLY F 513 17.80 -27.91 43.73
N ILE F 514 16.95 -28.46 44.58
CA ILE F 514 15.74 -29.11 44.10
C ILE F 514 14.62 -28.09 44.20
N VAL F 515 13.69 -28.16 43.25
CA VAL F 515 12.50 -27.31 43.25
C VAL F 515 11.75 -27.55 44.56
N PRO F 516 11.53 -26.52 45.38
CA PRO F 516 10.91 -26.77 46.67
C PRO F 516 9.60 -27.48 46.51
N PRO F 517 9.25 -28.27 47.50
CA PRO F 517 8.03 -29.04 47.46
C PRO F 517 6.78 -28.18 47.68
N MET F 518 6.87 -26.90 47.31
CA MET F 518 5.75 -25.98 47.33
C MET F 518 5.38 -26.02 45.88
N ALA F 519 4.80 -27.14 45.49
CA ALA F 519 4.42 -27.35 44.13
C ALA F 519 2.92 -27.37 43.88
N ASN F 520 2.38 -26.21 43.55
CA ASN F 520 0.98 -26.03 43.21
C ASN F 520 0.73 -26.07 41.70
N PHE F 521 1.02 -27.22 41.09
CA PHE F 521 0.83 -27.42 39.66
C PHE F 521 -0.62 -27.78 39.38
N SER F 522 -1.49 -26.76 39.49
CA SER F 522 -2.88 -26.89 39.03
C SER F 522 -3.04 -26.64 37.54
N ARG F 523 -2.05 -26.05 36.90
CA ARG F 523 -2.01 -25.83 35.45
C ARG F 523 -0.54 -25.87 34.99
#